data_9DMG
#
_entry.id   9DMG
#
_cell.length_a   1.00
_cell.length_b   1.00
_cell.length_c   1.00
_cell.angle_alpha   90.00
_cell.angle_beta   90.00
_cell.angle_gamma   90.00
#
_symmetry.space_group_name_H-M   'P 1'
#
loop_
_entity.id
_entity.type
_entity.pdbx_description
1 polymer 'Acetylcholine receptor subunit alpha'
2 polymer 'Acetylcholine receptor subunit beta'
3 polymer 'Acetylcholine receptor subunit delta'
4 polymer 'Acetylcholine receptor subunit epsilon'
5 branched alpha-D-mannopyranose-(1-3)-alpha-D-mannopyranose-(1-6)-[alpha-D-mannopyranose-(1-3)]beta-D-mannopyranose-(1-4)-2-acetamido-2-deoxy-beta-D-glucopyranose-(1-4)-2-acetamido-2-deoxy-beta-D-glucopyranose
6 branched alpha-D-mannopyranose-(1-3)-[alpha-D-mannopyranose-(1-6)]beta-D-mannopyranose-(1-4)-2-acetamido-2-deoxy-beta-D-glucopyranose-(1-4)-2-acetamido-2-deoxy-beta-D-glucopyranose
7 branched 2-acetamido-2-deoxy-beta-D-glucopyranose-(1-4)-2-acetamido-2-deoxy-beta-D-glucopyranose
8 branched alpha-D-mannopyranose-(1-6)-beta-D-mannopyranose-(1-6)-[alpha-D-mannopyranose-(1-3)]beta-D-mannopyranose-(1-4)-2-acetamido-2-deoxy-beta-D-glucopyranose-(1-4)-2-acetamido-2-deoxy-beta-D-glucopyranose
9 non-polymer '(2S)-3-(hexadecanoyloxy)-2-[(9Z)-octadec-9-enoyloxy]propyl 2-(trimethylammonio)ethyl phosphate'
10 non-polymer alpha-D-mannopyranose
11 non-polymer CHOLESTEROL
#
loop_
_entity_poly.entity_id
_entity_poly.type
_entity_poly.pdbx_seq_one_letter_code
_entity_poly.pdbx_strand_id
1 'polypeptide(L)'
;MEPWPLLLLFSLCSAGLVLGSEHETRLVAKLFKDYSSVVRPVEDHRQVVEVTVGLQLIQLINVDEVNQIVTTNVRLKQQW
VDYNLKWNPDDYGGVKKIHIPSEKIWRPDLVLYNNADGDFAIVKFTKVLLQYTGHITWTPPAIFKSYCEIIVTHFPFDEQ
NCSMKLGTWTYDGSVVAINPESDQPDLSNFMESGEWVIKESRGWKHSVTYSCCPDTPYLDITYHFVMQRLPLYFIVNVII
PCLLFSFLTGLVFYLPTDSGEKMTLSISVLLSLTVFLLVIVELIPSTSSAVPLIGKYMLFTMVFVIASIIITVIVINTHH
RSPSTHVMPNWVRKVFIDTIPNIMFFSTMKRPSREKQDKKIFTEDIDISDISGKPGPPPMGFHSPLIKHPEVKSAIEGIK
YIAETMKSDQESNNAAAEWKYVAMVMDHILLGVFMLVCIIGTLAVFAGRLIELNQQG
;
A,C
2 'polypeptide(L)'
;MTPGALLMLLGALGAPLAPGVRGSEAEGRLREKLFSGYDSSVRPAREVGDRVRVSVGLILAQLISLNEKDEEMSTKVYLD
LEWTDYRLSWDPAEHDGIDSLRITAESVWLPDVVLLNNNDGNFDVALDISVVVSSDGSVRWQPPGIYRSSCSIQVTYFPF
DWQNCTMVFSSYSYDSSEVSLQTGLGPDGQGHQEIHIHEGTFIENGQWEIIHKPSRLIQPPGDPRGGREGQRQEVIFYLI
IRRKPLFYLVNVIAPCILITLLAIFVFYLPPDAGEKMGLSIFALLTLTVFLLLLADKVPETSLSVPIIIKYLMFTMVLVT
FSVILSVVVLNLHHRSPHTHQMPLWVRQIFIHKLPLYLRLKRPKPERDLMPEPPHCSSPGSGWGRGTDEYFIRKPPSDFL
FPKPNRFQPELSAPDLRRFIDGPNRAVALLPELREVVSSISYIARQLQEQEDHDALKEDWQFVAMVVDRLFLWTFIIFTS
VGTLVIFLDATYHLPPPDPFPSR
;
E
3 'polypeptide(L)'
;MEGPVLTLGLLAALAVCGSWGLNEEERLIRHLFQEKGYNKELRPVAHKEESVDVALALTLSNLISLKEVEETLTTNVWIE
HGWTDNRLKWNAEEFGNISVLRLPPDMVWLPEIVLENNNDGSFQISYSCNVLVYHYGFVYWLPPAIFRSSCPISVTYFPF
DWQNCSLKFSSLKYTAKEITLSLKQDAKENRTYPVEWIIIDPEGFTENGEWEIVHRPARVNVDPRAPLDSPSRQDITFYL
IIRRKPLFYIINILVPCVLISFMVNLVFYLPADSGEKTSVAISVLLAQSVFLLLISKRLPATSMAIPLIGKFLLFGMVLV
TMVVVICVIVLNIHFRTPSTHVLSEGVKKLFLETLPELLHMSRPAEDGPSPGALVRRSSSLGYISKAEEYFLLKSRSDLM
FEKQSERHGLARRLTTARRPPASSEQAQQELFNELKPAVDGANFIVNHMRDQNNYNEEKDSWNRVARTVDRLCLFVVTPV
MVVGTAWIFLQGVYNQPPPQPFPGDPYSYNVQDKRFI
;
D
4 'polypeptide(L)'
;MARAPLGVLLLLGLLGRGVGKNEELRLYHHLFNNYDPGSRPVREPEDTVTISLKVTLTNLISLNEKEETLTTSVWIGIDW
QDYRLNYSKDDFGGIETLRVPSELVWLPEIVLENNIDGQFGVAYDANVLVYEGGSVTWLPPAIYRSVCAVEVTYFPFDWQ
NCSLIFRSQTYNAEEVEFTFAVDNDGKTINKIDIDTEAYTENGEWAIDFCPGVIRRHHGGATDGPGETDVIYSLIIRRKP
LFYVINIIVPCVLISGLVLLAYFLPAQAGGQKCTVSINVLLAQTVFLFLIAQKIPETSLSVPLLGRFLIFVMVVATLIVM
NCVIVLNVSQRTPTTHAMSPRLRHVLLELLPRLLGSPPPPEAPRAASPPRRASSVGLLLRAEELILKKPRSELVFEGQRH
RQGTWTAAFCQSLGAAAPEVRCCVDAVNFVAESTRDQEATGEEVSDWVRMGNALDNICFWAALVLFSVGSSLIFLGAYFN
RVPDLPYAPCIQP
;
B
#
# COMPACT_ATOMS: atom_id res chain seq x y z
N SER A 21 42.73 -37.88 -4.49
CA SER A 21 41.76 -37.48 -5.54
C SER A 21 41.95 -38.26 -6.83
N GLU A 22 43.13 -38.85 -7.03
CA GLU A 22 43.30 -39.73 -8.18
C GLU A 22 42.45 -40.98 -8.03
N HIS A 23 42.40 -41.54 -6.81
CA HIS A 23 41.59 -42.72 -6.57
C HIS A 23 40.11 -42.44 -6.81
N GLU A 24 39.59 -41.36 -6.23
CA GLU A 24 38.19 -41.02 -6.41
C GLU A 24 37.90 -40.59 -7.84
N THR A 25 38.86 -39.94 -8.50
CA THR A 25 38.69 -39.60 -9.91
C THR A 25 38.49 -40.85 -10.77
N ARG A 26 39.37 -41.83 -10.59
CA ARG A 26 39.24 -43.09 -11.31
C ARG A 26 37.93 -43.79 -10.95
N LEU A 27 37.55 -43.76 -9.68
CA LEU A 27 36.33 -44.42 -9.25
C LEU A 27 35.10 -43.80 -9.91
N VAL A 28 35.02 -42.47 -9.94
CA VAL A 28 33.88 -41.79 -10.54
C VAL A 28 33.82 -42.11 -12.04
N ALA A 29 34.99 -42.06 -12.71
CA ALA A 29 35.03 -42.36 -14.13
C ALA A 29 34.55 -43.77 -14.41
N LYS A 30 34.89 -44.72 -13.52
CA LYS A 30 34.41 -46.08 -13.68
C LYS A 30 32.90 -46.16 -13.43
N LEU A 31 32.41 -45.49 -12.38
CA LEU A 31 31.03 -45.65 -11.98
C LEU A 31 30.08 -45.12 -13.04
N PHE A 32 30.41 -43.99 -13.67
CA PHE A 32 29.53 -43.38 -14.66
C PHE A 32 29.95 -43.67 -16.09
N LYS A 33 30.70 -44.76 -16.32
CA LYS A 33 31.07 -45.13 -17.69
C LYS A 33 29.87 -45.67 -18.45
N ASP A 34 29.12 -46.58 -17.84
CA ASP A 34 28.01 -47.29 -18.49
C ASP A 34 26.73 -47.12 -17.68
N TYR A 35 26.58 -45.96 -17.05
CA TYR A 35 25.47 -45.71 -16.15
C TYR A 35 24.27 -45.16 -16.90
N SER A 36 23.08 -45.51 -16.42
CA SER A 36 21.82 -44.97 -16.91
C SER A 36 21.02 -44.42 -15.75
N SER A 37 20.64 -43.15 -15.86
CA SER A 37 19.76 -42.51 -14.88
C SER A 37 18.29 -42.63 -15.25
N VAL A 38 17.97 -43.24 -16.38
CA VAL A 38 16.57 -43.37 -16.83
C VAL A 38 15.87 -44.52 -16.13
N VAL A 39 16.51 -45.68 -16.09
CA VAL A 39 15.89 -46.88 -15.53
C VAL A 39 15.99 -46.86 -14.01
N ARG A 40 15.12 -47.63 -13.36
CA ARG A 40 15.16 -47.72 -11.91
C ARG A 40 16.43 -48.44 -11.47
N PRO A 41 16.97 -48.13 -10.27
CA PRO A 41 18.27 -48.68 -9.88
C PRO A 41 18.15 -50.03 -9.17
N VAL A 42 17.67 -51.03 -9.91
CA VAL A 42 17.46 -52.37 -9.37
C VAL A 42 18.11 -53.40 -10.30
N GLU A 43 18.58 -54.49 -9.70
CA GLU A 43 19.12 -55.59 -10.49
C GLU A 43 18.04 -56.25 -11.33
N ASP A 44 16.83 -56.37 -10.78
CA ASP A 44 15.70 -57.02 -11.42
C ASP A 44 14.53 -56.06 -11.46
N HIS A 45 13.88 -55.94 -12.63
CA HIS A 45 12.79 -54.99 -12.77
C HIS A 45 11.58 -55.34 -11.90
N ARG A 46 11.48 -56.59 -11.46
CA ARG A 46 10.39 -56.99 -10.57
C ARG A 46 10.64 -56.59 -9.12
N GLN A 47 11.83 -56.10 -8.78
CA GLN A 47 12.09 -55.57 -7.45
C GLN A 47 11.55 -54.15 -7.33
N VAL A 48 11.32 -53.73 -6.08
CA VAL A 48 10.82 -52.40 -5.76
C VAL A 48 11.95 -51.58 -5.17
N VAL A 49 12.03 -50.31 -5.54
CA VAL A 49 12.99 -49.39 -4.95
C VAL A 49 12.43 -48.90 -3.62
N GLU A 50 13.16 -49.18 -2.54
CA GLU A 50 12.75 -48.78 -1.20
C GLU A 50 13.39 -47.44 -0.89
N VAL A 51 12.58 -46.40 -0.75
CA VAL A 51 13.03 -45.04 -0.51
C VAL A 51 12.57 -44.65 0.89
N THR A 52 13.52 -44.26 1.74
CA THR A 52 13.21 -43.72 3.05
C THR A 52 13.15 -42.20 2.94
N VAL A 53 12.07 -41.62 3.43
CA VAL A 53 11.80 -40.19 3.31
C VAL A 53 11.66 -39.60 4.70
N GLY A 54 12.40 -38.53 4.97
CA GLY A 54 12.30 -37.81 6.21
C GLY A 54 12.27 -36.31 5.97
N LEU A 55 11.24 -35.64 6.46
CA LEU A 55 11.10 -34.20 6.31
C LEU A 55 11.67 -33.52 7.55
N GLN A 56 12.55 -32.55 7.35
CA GLN A 56 13.07 -31.70 8.41
C GLN A 56 12.56 -30.29 8.16
N LEU A 57 11.91 -29.71 9.16
CA LEU A 57 11.36 -28.37 9.08
C LEU A 57 12.36 -27.40 9.70
N ILE A 58 12.96 -26.56 8.87
CA ILE A 58 13.92 -25.58 9.36
C ILE A 58 13.23 -24.32 9.84
N GLN A 59 12.19 -23.88 9.14
CA GLN A 59 11.55 -22.61 9.43
C GLN A 59 10.12 -22.63 8.92
N LEU A 60 9.26 -21.93 9.63
CA LEU A 60 7.88 -21.67 9.20
C LEU A 60 7.85 -20.23 8.72
N ILE A 61 7.94 -20.05 7.39
CA ILE A 61 8.11 -18.71 6.85
C ILE A 61 6.82 -17.91 6.98
N ASN A 62 5.69 -18.47 6.58
CA ASN A 62 4.48 -17.65 6.50
C ASN A 62 3.24 -18.52 6.48
N VAL A 63 2.14 -17.96 7.00
CA VAL A 63 0.80 -18.54 6.90
C VAL A 63 -0.10 -17.48 6.29
N ASP A 64 -0.44 -17.65 5.01
CA ASP A 64 -1.33 -16.75 4.28
C ASP A 64 -2.74 -17.29 4.41
N GLU A 65 -3.55 -16.62 5.23
CA GLU A 65 -4.92 -17.07 5.47
C GLU A 65 -5.82 -16.77 4.28
N VAL A 66 -5.59 -15.65 3.60
CA VAL A 66 -6.46 -15.25 2.50
C VAL A 66 -6.37 -16.24 1.35
N ASN A 67 -5.15 -16.55 0.92
CA ASN A 67 -4.93 -17.50 -0.17
C ASN A 67 -4.73 -18.93 0.32
N GLN A 68 -4.74 -19.14 1.64
CA GLN A 68 -4.70 -20.50 2.22
C GLN A 68 -3.40 -21.21 1.83
N ILE A 69 -2.26 -20.56 2.06
CA ILE A 69 -0.96 -21.10 1.67
C ILE A 69 -0.03 -21.05 2.88
N VAL A 70 0.68 -22.15 3.12
CA VAL A 70 1.69 -22.23 4.17
C VAL A 70 3.06 -22.32 3.50
N THR A 71 3.92 -21.37 3.80
CA THR A 71 5.28 -21.30 3.28
C THR A 71 6.26 -21.76 4.36
N THR A 72 7.04 -22.79 4.03
CA THR A 72 8.01 -23.38 4.95
C THR A 72 9.33 -23.62 4.26
N ASN A 73 10.40 -23.57 5.04
CA ASN A 73 11.74 -23.97 4.61
C ASN A 73 12.01 -25.37 5.12
N VAL A 74 12.37 -26.30 4.22
CA VAL A 74 12.47 -27.71 4.58
C VAL A 74 13.70 -28.35 3.94
N ARG A 75 14.14 -29.43 4.56
CA ARG A 75 15.11 -30.36 3.99
C ARG A 75 14.41 -31.70 3.81
N LEU A 76 14.51 -32.27 2.60
CA LEU A 76 13.78 -33.51 2.29
C LEU A 76 14.79 -34.64 2.16
N LYS A 77 15.16 -35.25 3.30
CA LYS A 77 16.13 -36.32 3.31
C LYS A 77 15.55 -37.55 2.63
N GLN A 78 16.22 -38.02 1.58
CA GLN A 78 15.80 -39.18 0.82
C GLN A 78 16.95 -40.17 0.79
N GLN A 79 16.68 -41.41 1.16
CA GLN A 79 17.69 -42.46 1.23
C GLN A 79 17.24 -43.64 0.40
N TRP A 80 18.14 -44.18 -0.42
CA TRP A 80 17.84 -45.41 -1.13
C TRP A 80 19.15 -46.10 -1.47
N VAL A 81 19.06 -47.16 -2.26
CA VAL A 81 20.23 -47.94 -2.66
C VAL A 81 20.24 -48.04 -4.17
N ASP A 82 21.35 -47.65 -4.78
CA ASP A 82 21.57 -47.80 -6.22
C ASP A 82 22.40 -49.04 -6.44
N TYR A 83 21.83 -50.01 -7.16
CA TYR A 83 22.49 -51.30 -7.31
C TYR A 83 23.82 -51.17 -8.06
N ASN A 84 23.86 -50.31 -9.08
CA ASN A 84 25.00 -50.22 -9.96
C ASN A 84 26.08 -49.24 -9.48
N LEU A 85 25.83 -48.47 -8.42
CA LEU A 85 26.83 -47.58 -7.84
C LEU A 85 27.50 -48.19 -6.62
N LYS A 86 28.19 -49.32 -6.80
CA LYS A 86 28.93 -49.99 -5.74
C LYS A 86 30.36 -50.25 -6.19
N TRP A 87 31.25 -50.36 -5.21
CA TRP A 87 32.66 -50.66 -5.49
C TRP A 87 33.27 -51.27 -4.24
N ASN A 88 34.46 -51.85 -4.43
CA ASN A 88 35.25 -52.34 -3.32
C ASN A 88 36.24 -51.26 -2.92
N PRO A 89 36.27 -50.78 -1.67
CA PRO A 89 37.25 -49.74 -1.32
C PRO A 89 38.70 -50.16 -1.52
N ASP A 90 39.02 -51.44 -1.34
CA ASP A 90 40.40 -51.88 -1.47
C ASP A 90 40.92 -51.67 -2.89
N ASP A 91 40.04 -51.74 -3.89
CA ASP A 91 40.43 -51.51 -5.27
C ASP A 91 40.60 -50.03 -5.59
N TYR A 92 40.27 -49.12 -4.66
CA TYR A 92 40.33 -47.69 -4.92
C TYR A 92 40.97 -46.94 -3.75
N GLY A 93 41.97 -47.54 -3.11
CA GLY A 93 42.72 -46.85 -2.09
C GLY A 93 41.99 -46.58 -0.79
N GLY A 94 40.96 -47.36 -0.48
CA GLY A 94 40.24 -47.21 0.77
C GLY A 94 39.11 -46.19 0.77
N VAL A 95 38.76 -45.63 -0.39
CA VAL A 95 37.64 -44.69 -0.44
C VAL A 95 36.35 -45.44 -0.14
N LYS A 96 35.68 -45.03 0.94
CA LYS A 96 34.45 -45.67 1.40
C LYS A 96 33.19 -44.84 1.17
N LYS A 97 33.33 -43.52 1.00
CA LYS A 97 32.21 -42.65 0.73
C LYS A 97 32.68 -41.52 -0.17
N ILE A 98 31.76 -41.03 -1.02
CA ILE A 98 32.05 -39.93 -1.92
C ILE A 98 30.83 -39.03 -2.02
N HIS A 99 31.03 -37.85 -2.59
CA HIS A 99 29.96 -36.89 -2.87
C HIS A 99 29.94 -36.66 -4.37
N ILE A 100 28.78 -36.85 -4.98
CA ILE A 100 28.65 -36.72 -6.44
C ILE A 100 27.46 -35.83 -6.77
N PRO A 101 27.44 -35.17 -7.94
CA PRO A 101 26.27 -34.35 -8.30
C PRO A 101 25.02 -35.21 -8.43
N SER A 102 23.89 -34.67 -7.96
CA SER A 102 22.64 -35.42 -7.97
C SER A 102 22.04 -35.54 -9.36
N GLU A 103 22.37 -34.63 -10.27
CA GLU A 103 21.78 -34.65 -11.61
C GLU A 103 22.24 -35.84 -12.45
N LYS A 104 23.36 -36.47 -12.09
CA LYS A 104 23.89 -37.57 -12.88
C LYS A 104 23.18 -38.90 -12.63
N ILE A 105 22.43 -39.03 -11.55
CA ILE A 105 21.91 -40.32 -11.11
C ILE A 105 20.39 -40.33 -11.18
N TRP A 106 19.83 -41.54 -11.21
CA TRP A 106 18.41 -41.72 -11.00
C TRP A 106 18.05 -41.23 -9.60
N ARG A 107 16.92 -40.56 -9.50
CA ARG A 107 16.40 -40.08 -8.22
C ARG A 107 14.91 -40.38 -8.16
N PRO A 108 14.34 -40.49 -6.96
CA PRO A 108 12.88 -40.47 -6.85
C PRO A 108 12.33 -39.07 -7.11
N ASP A 109 11.20 -39.01 -7.81
CA ASP A 109 10.62 -37.73 -8.21
C ASP A 109 9.52 -37.32 -7.23
N LEU A 110 9.95 -37.02 -6.01
CA LEU A 110 9.00 -36.60 -4.99
C LEU A 110 8.39 -35.25 -5.34
N VAL A 111 7.07 -35.18 -5.24
CA VAL A 111 6.29 -33.99 -5.57
C VAL A 111 5.38 -33.71 -4.38
N LEU A 112 5.23 -32.42 -4.09
CA LEU A 112 4.26 -31.93 -3.12
C LEU A 112 2.91 -31.84 -3.82
N TYR A 113 2.04 -32.80 -3.53
CA TYR A 113 0.78 -32.93 -4.27
C TYR A 113 -0.10 -31.70 -4.06
N ASN A 114 -0.12 -31.15 -2.85
CA ASN A 114 -0.92 -29.97 -2.52
C ASN A 114 -0.11 -28.68 -2.64
N ASN A 115 0.84 -28.62 -3.57
CA ASN A 115 1.54 -27.37 -3.86
C ASN A 115 0.54 -26.31 -4.33
N ALA A 116 0.68 -25.10 -3.80
CA ALA A 116 -0.27 -24.03 -4.10
C ALA A 116 0.21 -23.16 -5.27
N ASP A 117 1.32 -22.44 -5.08
CA ASP A 117 1.87 -21.61 -6.14
C ASP A 117 3.39 -21.57 -6.10
N GLY A 118 4.02 -22.63 -5.63
CA GLY A 118 5.47 -22.73 -5.60
C GLY A 118 6.00 -23.76 -6.57
N ASP A 119 7.02 -24.50 -6.16
CA ASP A 119 7.59 -25.57 -6.97
C ASP A 119 6.97 -26.90 -6.58
N PHE A 120 6.64 -27.71 -7.58
CA PHE A 120 6.05 -29.02 -7.32
C PHE A 120 7.09 -30.01 -6.81
N ALA A 121 8.28 -30.01 -7.39
CA ALA A 121 9.35 -30.95 -7.07
C ALA A 121 10.57 -30.19 -6.59
N ILE A 122 11.58 -30.96 -6.18
CA ILE A 122 12.87 -30.38 -5.81
C ILE A 122 13.47 -29.69 -7.02
N VAL A 123 13.95 -28.46 -6.81
CA VAL A 123 14.66 -27.71 -7.85
C VAL A 123 16.12 -27.44 -7.49
N LYS A 124 16.51 -27.51 -6.21
CA LYS A 124 17.88 -27.28 -5.79
C LYS A 124 18.58 -28.65 -5.75
N PHE A 125 19.48 -28.88 -6.71
CA PHE A 125 20.08 -30.20 -6.90
C PHE A 125 21.45 -30.23 -6.21
N THR A 126 21.40 -30.42 -4.89
CA THR A 126 22.61 -30.55 -4.09
C THR A 126 23.19 -31.96 -4.22
N LYS A 127 24.42 -32.11 -3.74
CA LYS A 127 25.17 -33.34 -3.95
C LYS A 127 24.60 -34.49 -3.14
N VAL A 128 24.71 -35.71 -3.68
CA VAL A 128 24.35 -36.92 -2.94
C VAL A 128 25.61 -37.51 -2.33
N LEU A 129 25.47 -38.01 -1.11
CA LEU A 129 26.49 -38.80 -0.44
C LEU A 129 26.28 -40.27 -0.81
N LEU A 130 27.26 -40.87 -1.46
CA LEU A 130 27.20 -42.25 -1.91
C LEU A 130 28.20 -43.08 -1.11
N GLN A 131 27.72 -44.14 -0.48
CA GLN A 131 28.57 -45.11 0.19
C GLN A 131 28.99 -46.19 -0.79
N TYR A 132 30.04 -46.93 -0.41
CA TYR A 132 30.54 -48.02 -1.26
C TYR A 132 29.53 -49.16 -1.36
N THR A 133 28.62 -49.28 -0.41
CA THR A 133 27.57 -50.30 -0.43
C THR A 133 26.43 -49.96 -1.38
N GLY A 134 26.50 -48.83 -2.08
CA GLY A 134 25.42 -48.37 -2.93
C GLY A 134 24.42 -47.47 -2.25
N HIS A 135 24.53 -47.29 -0.94
CA HIS A 135 23.57 -46.46 -0.22
C HIS A 135 23.77 -44.99 -0.59
N ILE A 136 22.67 -44.34 -0.95
CA ILE A 136 22.62 -42.93 -1.30
C ILE A 136 21.80 -42.21 -0.25
N THR A 137 22.34 -41.11 0.25
CA THR A 137 21.60 -40.11 1.01
C THR A 137 21.62 -38.82 0.20
N TRP A 138 20.45 -38.19 0.06
CA TRP A 138 20.30 -36.93 -0.67
C TRP A 138 19.37 -36.05 0.15
N THR A 139 19.89 -34.91 0.61
CA THR A 139 19.18 -34.03 1.53
C THR A 139 19.00 -32.64 0.90
N PRO A 140 18.20 -32.54 -0.15
CA PRO A 140 18.05 -31.25 -0.81
C PRO A 140 17.22 -30.29 0.03
N PRO A 141 17.39 -28.98 -0.15
CA PRO A 141 16.49 -28.02 0.48
C PRO A 141 15.33 -27.67 -0.44
N ALA A 142 14.29 -27.10 0.16
CA ALA A 142 13.15 -26.65 -0.63
C ALA A 142 12.39 -25.60 0.16
N ILE A 143 11.66 -24.77 -0.59
CA ILE A 143 10.65 -23.87 -0.05
C ILE A 143 9.30 -24.47 -0.46
N PHE A 144 8.58 -25.03 0.49
CA PHE A 144 7.27 -25.62 0.23
C PHE A 144 6.19 -24.58 0.44
N LYS A 145 5.38 -24.37 -0.58
CA LYS A 145 4.18 -23.53 -0.51
C LYS A 145 2.98 -24.45 -0.66
N SER A 146 2.39 -24.84 0.46
CA SER A 146 1.38 -25.88 0.50
C SER A 146 -0.01 -25.27 0.70
N TYR A 147 -0.96 -25.73 -0.11
CA TYR A 147 -2.35 -25.35 0.06
C TYR A 147 -2.92 -26.08 1.26
N CYS A 148 -3.63 -25.36 2.13
CA CYS A 148 -4.15 -25.91 3.36
C CYS A 148 -5.43 -25.19 3.75
N GLU A 149 -6.45 -25.95 4.15
CA GLU A 149 -7.70 -25.35 4.60
C GLU A 149 -7.46 -24.57 5.88
N ILE A 150 -7.76 -23.27 5.85
CA ILE A 150 -7.53 -22.35 6.97
C ILE A 150 -8.89 -22.01 7.57
N ILE A 151 -9.07 -22.34 8.84
CA ILE A 151 -10.29 -22.04 9.58
C ILE A 151 -10.04 -20.79 10.41
N VAL A 152 -10.79 -19.74 10.14
CA VAL A 152 -10.58 -18.43 10.77
C VAL A 152 -11.64 -18.15 11.82
N THR A 153 -12.39 -19.16 12.26
CA THR A 153 -13.51 -18.93 13.18
C THR A 153 -13.03 -18.33 14.50
N HIS A 154 -11.94 -18.85 15.06
CA HIS A 154 -11.42 -18.44 16.36
C HIS A 154 -10.24 -17.48 16.25
N PHE A 155 -9.96 -16.96 15.05
CA PHE A 155 -8.94 -15.93 14.87
C PHE A 155 -9.28 -14.73 15.74
N PRO A 156 -8.34 -14.20 16.55
CA PRO A 156 -6.88 -14.43 16.64
C PRO A 156 -6.41 -15.63 17.46
N PHE A 157 -7.30 -16.45 18.04
CA PHE A 157 -6.90 -17.56 18.89
C PHE A 157 -7.16 -18.88 18.17
N ASP A 158 -6.83 -18.91 16.88
CA ASP A 158 -7.14 -20.04 16.02
C ASP A 158 -6.01 -21.06 16.02
N GLU A 159 -6.39 -22.32 15.90
CA GLU A 159 -5.47 -23.43 15.67
C GLU A 159 -5.63 -23.88 14.22
N GLN A 160 -4.51 -24.19 13.57
CA GLN A 160 -4.50 -24.56 12.14
C GLN A 160 -3.80 -25.91 11.97
N ASN A 161 -4.52 -26.92 11.48
CA ASN A 161 -3.94 -28.26 11.23
C ASN A 161 -3.61 -28.32 9.74
N CYS A 162 -2.37 -28.02 9.38
CA CYS A 162 -1.97 -27.97 7.96
C CYS A 162 -1.22 -29.24 7.56
N SER A 163 -1.07 -29.51 6.27
CA SER A 163 -0.55 -30.77 5.78
C SER A 163 0.34 -30.54 4.55
N MET A 164 1.23 -31.50 4.33
CA MET A 164 2.12 -31.54 3.17
C MET A 164 2.09 -32.99 2.69
N LYS A 165 1.42 -33.22 1.55
CA LYS A 165 1.35 -34.54 0.96
C LYS A 165 2.48 -34.70 -0.05
N LEU A 166 3.29 -35.74 0.12
CA LEU A 166 4.45 -36.01 -0.72
C LEU A 166 4.32 -37.37 -1.37
N GLY A 167 4.69 -37.44 -2.64
CA GLY A 167 4.65 -38.75 -3.30
C GLY A 167 5.45 -38.73 -4.59
N THR A 168 5.73 -39.93 -5.08
CA THR A 168 6.38 -40.09 -6.37
C THR A 168 5.34 -39.90 -7.46
N TRP A 169 5.48 -38.82 -8.24
CA TRP A 169 4.46 -38.42 -9.20
C TRP A 169 4.18 -39.48 -10.26
N THR A 170 5.24 -40.06 -10.83
CA THR A 170 5.12 -40.95 -11.98
C THR A 170 5.39 -42.41 -11.64
N TYR A 171 5.74 -42.73 -10.40
CA TYR A 171 5.97 -44.10 -9.96
C TYR A 171 4.91 -44.51 -8.95
N ASP A 172 4.38 -45.71 -9.11
CA ASP A 172 3.42 -46.29 -8.18
C ASP A 172 4.13 -47.25 -7.23
N GLY A 173 3.40 -47.69 -6.21
CA GLY A 173 3.98 -48.50 -5.16
C GLY A 173 4.52 -49.83 -5.62
N SER A 174 4.12 -50.30 -6.79
CA SER A 174 4.60 -51.58 -7.29
C SER A 174 6.02 -51.50 -7.84
N VAL A 175 6.54 -50.30 -8.12
CA VAL A 175 7.88 -50.14 -8.69
C VAL A 175 8.78 -49.28 -7.79
N VAL A 176 8.18 -48.38 -7.02
CA VAL A 176 8.92 -47.54 -6.07
C VAL A 176 8.09 -47.39 -4.82
N ALA A 177 8.65 -47.82 -3.68
CA ALA A 177 7.99 -47.71 -2.38
C ALA A 177 8.66 -46.63 -1.54
N ILE A 178 7.86 -45.79 -0.91
CA ILE A 178 8.33 -44.75 0.00
C ILE A 178 7.92 -45.13 1.41
N ASN A 179 8.85 -44.95 2.36
CA ASN A 179 8.62 -45.24 3.77
C ASN A 179 9.09 -44.05 4.61
N PRO A 180 8.37 -43.67 5.68
CA PRO A 180 8.88 -42.59 6.53
C PRO A 180 10.12 -43.01 7.30
N GLU A 181 11.07 -42.08 7.40
CA GLU A 181 12.23 -42.29 8.26
C GLU A 181 11.82 -42.36 9.72
N SER A 182 10.88 -41.51 10.13
CA SER A 182 10.45 -41.40 11.51
C SER A 182 8.94 -41.15 11.54
N ASP A 183 8.35 -41.35 12.70
CA ASP A 183 6.93 -41.07 12.89
C ASP A 183 6.60 -39.59 12.90
N GLN A 184 7.58 -38.74 13.21
CA GLN A 184 7.38 -37.31 13.36
C GLN A 184 8.34 -36.53 12.45
N PRO A 185 7.98 -35.33 12.00
CA PRO A 185 8.96 -34.50 11.31
C PRO A 185 10.12 -34.12 12.24
N ASP A 186 11.31 -34.03 11.66
CA ASP A 186 12.50 -33.66 12.42
C ASP A 186 12.50 -32.16 12.68
N LEU A 187 12.27 -31.76 13.93
CA LEU A 187 12.26 -30.36 14.34
C LEU A 187 13.50 -29.98 15.14
N SER A 188 14.58 -30.74 15.01
CA SER A 188 15.77 -30.48 15.81
C SER A 188 16.45 -29.18 15.44
N ASN A 189 16.40 -28.79 14.17
CA ASN A 189 17.00 -27.55 13.67
C ASN A 189 15.92 -26.53 13.29
N PHE A 190 14.82 -26.52 14.02
CA PHE A 190 13.71 -25.62 13.74
C PHE A 190 13.96 -24.26 14.39
N MET A 191 13.90 -23.20 13.59
CA MET A 191 14.00 -21.86 14.12
C MET A 191 12.67 -21.46 14.75
N GLU A 192 12.75 -20.80 15.90
CA GLU A 192 11.53 -20.38 16.60
C GLU A 192 10.77 -19.36 15.77
N SER A 193 9.45 -19.48 15.77
CA SER A 193 8.56 -18.55 15.09
C SER A 193 8.03 -17.52 16.07
N GLY A 194 7.96 -16.28 15.61
CA GLY A 194 7.38 -15.20 16.39
C GLY A 194 5.88 -15.05 16.25
N GLU A 195 5.21 -15.97 15.54
CA GLU A 195 3.77 -15.91 15.32
C GLU A 195 3.04 -17.22 15.55
N TRP A 196 3.73 -18.36 15.55
CA TRP A 196 3.09 -19.66 15.66
C TRP A 196 3.88 -20.55 16.59
N VAL A 197 3.18 -21.49 17.22
CA VAL A 197 3.78 -22.52 18.05
C VAL A 197 3.28 -23.87 17.55
N ILE A 198 4.21 -24.75 17.20
CA ILE A 198 3.87 -26.08 16.68
C ILE A 198 3.54 -26.96 17.87
N LYS A 199 2.25 -27.19 18.11
CA LYS A 199 1.85 -28.07 19.19
C LYS A 199 2.15 -29.51 18.87
N GLU A 200 1.80 -29.96 17.66
CA GLU A 200 1.91 -31.37 17.31
C GLU A 200 2.40 -31.46 15.87
N SER A 201 3.09 -32.56 15.57
CA SER A 201 3.52 -32.83 14.20
C SER A 201 3.65 -34.33 14.03
N ARG A 202 3.30 -34.82 12.84
CA ARG A 202 3.34 -36.26 12.61
C ARG A 202 3.22 -36.54 11.12
N GLY A 203 3.91 -37.60 10.69
CA GLY A 203 3.84 -38.09 9.33
C GLY A 203 3.15 -39.44 9.28
N TRP A 204 2.27 -39.59 8.28
CA TRP A 204 1.50 -40.81 8.07
C TRP A 204 1.66 -41.27 6.64
N LYS A 205 1.95 -42.56 6.45
CA LYS A 205 1.97 -43.16 5.12
C LYS A 205 0.58 -43.68 4.78
N HIS A 206 0.21 -43.51 3.51
CA HIS A 206 -1.08 -43.95 2.99
C HIS A 206 -0.87 -44.69 1.69
N SER A 207 -1.68 -45.72 1.47
CA SER A 207 -1.69 -46.50 0.24
C SER A 207 -3.12 -46.59 -0.26
N VAL A 208 -3.32 -46.29 -1.55
CA VAL A 208 -4.65 -46.22 -2.16
C VAL A 208 -4.62 -47.01 -3.44
N THR A 209 -5.63 -47.87 -3.62
CA THR A 209 -5.80 -48.66 -4.84
C THR A 209 -7.11 -48.25 -5.50
N TYR A 210 -7.04 -47.84 -6.76
CA TYR A 210 -8.21 -47.44 -7.52
C TYR A 210 -8.80 -48.64 -8.26
N SER A 211 -10.10 -48.55 -8.55
CA SER A 211 -10.80 -49.67 -9.17
C SER A 211 -10.23 -49.97 -10.56
N CYS A 212 -9.96 -48.93 -11.35
CA CYS A 212 -9.41 -49.14 -12.68
C CYS A 212 -8.00 -49.70 -12.65
N CYS A 213 -7.31 -49.59 -11.52
CA CYS A 213 -5.91 -50.02 -11.36
C CYS A 213 -5.79 -50.91 -10.12
N PRO A 214 -6.23 -52.17 -10.20
CA PRO A 214 -6.12 -53.05 -9.02
C PRO A 214 -4.70 -53.51 -8.71
N ASP A 215 -3.72 -53.23 -9.57
CA ASP A 215 -2.38 -53.80 -9.47
C ASP A 215 -1.30 -52.75 -9.24
N THR A 216 -1.66 -51.46 -9.16
CA THR A 216 -0.70 -50.37 -8.97
C THR A 216 -1.14 -49.55 -7.76
N PRO A 217 -0.79 -49.96 -6.54
CA PRO A 217 -1.09 -49.11 -5.39
C PRO A 217 -0.31 -47.80 -5.47
N TYR A 218 -0.98 -46.71 -5.08
CA TYR A 218 -0.40 -45.38 -5.07
C TYR A 218 -0.12 -44.99 -3.62
N LEU A 219 1.13 -44.67 -3.34
CA LEU A 219 1.59 -44.36 -1.99
C LEU A 219 1.81 -42.87 -1.82
N ASP A 220 1.69 -42.42 -0.57
CA ASP A 220 2.03 -41.05 -0.24
C ASP A 220 2.41 -41.00 1.23
N ILE A 221 3.14 -39.95 1.60
CA ILE A 221 3.45 -39.64 3.00
C ILE A 221 2.97 -38.22 3.24
N THR A 222 2.07 -38.07 4.20
CA THR A 222 1.49 -36.77 4.54
C THR A 222 2.01 -36.37 5.90
N TYR A 223 2.71 -35.24 5.96
CA TYR A 223 3.18 -34.66 7.20
C TYR A 223 2.26 -33.51 7.58
N HIS A 224 1.64 -33.61 8.76
CA HIS A 224 0.78 -32.55 9.26
C HIS A 224 1.37 -31.93 10.51
N PHE A 225 1.08 -30.64 10.67
CA PHE A 225 1.52 -29.83 11.80
C PHE A 225 0.29 -29.14 12.37
N VAL A 226 0.03 -29.36 13.65
CA VAL A 226 -0.99 -28.63 14.39
C VAL A 226 -0.29 -27.47 15.11
N MET A 227 -0.72 -26.25 14.78
CA MET A 227 -0.10 -24.99 15.18
C MET A 227 -1.13 -24.09 15.84
N GLN A 228 -0.70 -23.35 16.86
CA GLN A 228 -1.50 -22.32 17.51
C GLN A 228 -0.88 -20.95 17.25
N ARG A 229 -1.72 -19.99 16.88
CA ARG A 229 -1.26 -18.63 16.68
C ARG A 229 -0.94 -17.98 18.02
N LEU A 230 0.12 -17.16 18.03
CA LEU A 230 0.42 -16.31 19.18
C LEU A 230 -0.38 -15.03 19.03
N PRO A 231 -1.37 -14.75 19.88
CA PRO A 231 -2.29 -13.64 19.61
C PRO A 231 -1.93 -12.29 20.21
N LEU A 232 -0.75 -12.13 20.81
CA LEU A 232 -0.45 -10.89 21.52
C LEU A 232 -0.46 -9.68 20.59
N TYR A 233 0.08 -9.83 19.38
CA TYR A 233 0.10 -8.73 18.43
C TYR A 233 -1.30 -8.23 18.10
N PHE A 234 -2.21 -9.15 17.80
CA PHE A 234 -3.58 -8.76 17.49
C PHE A 234 -4.35 -8.30 18.72
N ILE A 235 -4.05 -8.87 19.90
CA ILE A 235 -4.67 -8.38 21.12
C ILE A 235 -4.31 -6.92 21.37
N VAL A 236 -3.02 -6.60 21.27
CA VAL A 236 -2.58 -5.23 21.57
C VAL A 236 -3.05 -4.27 20.50
N ASN A 237 -2.85 -4.61 19.23
CA ASN A 237 -3.01 -3.62 18.17
C ASN A 237 -4.48 -3.43 17.77
N VAL A 238 -5.28 -4.50 17.86
CA VAL A 238 -6.66 -4.48 17.37
C VAL A 238 -7.67 -4.43 18.53
N ILE A 239 -7.57 -5.38 19.46
CA ILE A 239 -8.65 -5.58 20.43
C ILE A 239 -8.72 -4.43 21.42
N ILE A 240 -7.58 -3.92 21.87
CA ILE A 240 -7.55 -2.90 22.92
C ILE A 240 -8.16 -1.58 22.43
N PRO A 241 -7.80 -1.06 21.25
CA PRO A 241 -8.51 0.14 20.76
C PRO A 241 -10.01 -0.06 20.61
N CYS A 242 -10.44 -1.23 20.14
CA CYS A 242 -11.88 -1.49 20.02
C CYS A 242 -12.55 -1.50 21.39
N LEU A 243 -11.86 -2.06 22.39
CA LEU A 243 -12.39 -2.06 23.74
C LEU A 243 -12.51 -0.64 24.27
N LEU A 244 -11.52 0.21 24.00
CA LEU A 244 -11.61 1.60 24.45
C LEU A 244 -12.75 2.34 23.76
N PHE A 245 -12.95 2.11 22.47
CA PHE A 245 -14.07 2.75 21.77
C PHE A 245 -15.42 2.25 22.32
N SER A 246 -15.52 0.95 22.60
CA SER A 246 -16.76 0.42 23.18
C SER A 246 -17.02 1.02 24.55
N PHE A 247 -15.98 1.21 25.36
CA PHE A 247 -16.16 1.87 26.64
C PHE A 247 -16.59 3.33 26.46
N LEU A 248 -16.00 4.04 25.51
CA LEU A 248 -16.37 5.43 25.28
C LEU A 248 -17.80 5.56 24.78
N THR A 249 -18.32 4.51 24.12
CA THR A 249 -19.68 4.55 23.60
C THR A 249 -20.69 4.82 24.70
N GLY A 250 -20.55 4.16 25.85
CA GLY A 250 -21.54 4.28 26.91
C GLY A 250 -21.45 5.58 27.68
N LEU A 251 -20.33 6.30 27.57
CA LEU A 251 -20.15 7.53 28.36
C LEU A 251 -21.11 8.63 27.94
N VAL A 252 -21.66 8.57 26.72
CA VAL A 252 -22.54 9.61 26.22
C VAL A 252 -23.79 9.72 27.07
N PHE A 253 -24.22 8.61 27.68
CA PHE A 253 -25.41 8.60 28.51
C PHE A 253 -25.17 9.18 29.90
N TYR A 254 -23.93 9.47 30.26
CA TYR A 254 -23.61 10.28 31.43
C TYR A 254 -23.33 11.73 31.07
N LEU A 255 -23.32 12.09 29.78
CA LEU A 255 -23.06 13.45 29.36
C LEU A 255 -24.37 14.22 29.30
N PRO A 256 -24.53 15.33 30.02
CA PRO A 256 -25.82 16.03 29.99
C PRO A 256 -26.15 16.59 28.61
N THR A 257 -27.45 16.68 28.35
CA THR A 257 -27.92 17.25 27.09
C THR A 257 -27.55 18.74 26.97
N ASP A 258 -27.62 19.48 28.07
CA ASP A 258 -27.36 20.92 28.02
C ASP A 258 -25.91 21.24 27.70
N SER A 259 -25.00 20.28 27.76
CA SER A 259 -23.64 20.51 27.30
C SER A 259 -23.58 20.80 25.81
N GLY A 260 -24.52 20.28 25.03
CA GLY A 260 -24.51 20.47 23.59
C GLY A 260 -23.38 19.72 22.91
N GLU A 261 -22.89 18.66 23.55
CA GLU A 261 -21.74 17.90 23.07
C GLU A 261 -22.04 16.41 22.90
N LYS A 262 -23.28 15.97 23.09
CA LYS A 262 -23.58 14.55 23.03
C LYS A 262 -23.30 13.99 21.63
N MET A 263 -23.81 14.65 20.61
CA MET A 263 -23.57 14.17 19.25
C MET A 263 -22.11 14.32 18.86
N THR A 264 -21.43 15.35 19.38
CA THR A 264 -19.99 15.47 19.15
C THR A 264 -19.26 14.22 19.63
N LEU A 265 -19.50 13.82 20.88
CA LEU A 265 -18.84 12.63 21.43
C LEU A 265 -19.19 11.38 20.64
N SER A 266 -20.49 11.14 20.42
CA SER A 266 -20.91 9.90 19.78
C SER A 266 -20.41 9.81 18.35
N ILE A 267 -20.63 10.86 17.56
CA ILE A 267 -20.23 10.84 16.16
C ILE A 267 -18.71 10.79 16.04
N SER A 268 -17.99 11.42 16.96
CA SER A 268 -16.53 11.38 16.87
C SER A 268 -15.99 10.02 17.25
N VAL A 269 -16.63 9.33 18.20
CA VAL A 269 -16.28 7.95 18.47
C VAL A 269 -16.52 7.09 17.23
N LEU A 270 -17.64 7.33 16.54
CA LEU A 270 -17.92 6.61 15.31
C LEU A 270 -16.85 6.89 14.26
N LEU A 271 -16.42 8.15 14.14
CA LEU A 271 -15.38 8.52 13.19
C LEU A 271 -14.06 7.84 13.53
N SER A 272 -13.71 7.81 14.82
CA SER A 272 -12.48 7.15 15.24
C SER A 272 -12.54 5.66 14.92
N LEU A 273 -13.68 5.02 15.15
CA LEU A 273 -13.82 3.61 14.82
C LEU A 273 -13.75 3.38 13.31
N THR A 274 -14.34 4.30 12.52
CA THR A 274 -14.27 4.16 11.06
C THR A 274 -12.83 4.30 10.57
N VAL A 275 -12.08 5.25 11.12
CA VAL A 275 -10.67 5.38 10.76
C VAL A 275 -9.90 4.13 11.20
N PHE A 276 -10.25 3.59 12.37
CA PHE A 276 -9.59 2.37 12.83
C PHE A 276 -9.92 1.18 11.95
N LEU A 277 -11.09 1.18 11.30
CA LEU A 277 -11.42 0.10 10.38
C LEU A 277 -10.40 -0.03 9.26
N LEU A 278 -9.78 1.08 8.86
CA LEU A 278 -8.66 1.00 7.94
C LEU A 278 -7.53 0.17 8.53
N VAL A 279 -7.22 0.40 9.82
CA VAL A 279 -6.18 -0.37 10.48
C VAL A 279 -6.55 -1.85 10.50
N ILE A 280 -7.79 -2.17 10.86
CA ILE A 280 -8.21 -3.56 10.97
C ILE A 280 -8.11 -4.25 9.61
N VAL A 281 -8.58 -3.58 8.55
CA VAL A 281 -8.52 -4.17 7.22
C VAL A 281 -7.07 -4.38 6.79
N GLU A 282 -6.19 -3.46 7.19
CA GLU A 282 -4.76 -3.66 6.90
C GLU A 282 -4.19 -4.85 7.67
N LEU A 283 -4.57 -5.04 8.93
CA LEU A 283 -3.93 -6.04 9.78
C LEU A 283 -4.53 -7.44 9.62
N ILE A 284 -5.84 -7.56 9.76
CA ILE A 284 -6.47 -8.89 9.75
C ILE A 284 -6.52 -9.41 8.32
N PRO A 285 -6.61 -10.71 8.09
CA PRO A 285 -6.79 -11.21 6.73
C PRO A 285 -8.22 -11.02 6.26
N SER A 286 -8.37 -10.97 4.93
CA SER A 286 -9.66 -10.73 4.26
C SER A 286 -10.08 -12.01 3.54
N THR A 287 -10.96 -12.79 4.18
CA THR A 287 -11.53 -14.00 3.60
C THR A 287 -13.00 -14.07 3.94
N SER A 288 -13.73 -14.89 3.17
CA SER A 288 -15.17 -15.06 3.33
C SER A 288 -15.56 -16.50 3.64
N SER A 289 -14.60 -17.32 4.08
CA SER A 289 -14.95 -18.67 4.50
C SER A 289 -15.80 -18.64 5.77
N ALA A 290 -15.54 -17.69 6.66
CA ALA A 290 -16.32 -17.54 7.89
C ALA A 290 -15.99 -16.16 8.46
N VAL A 291 -16.69 -15.80 9.54
CA VAL A 291 -16.51 -14.52 10.21
C VAL A 291 -15.48 -14.71 11.31
N PRO A 292 -14.33 -14.02 11.28
CA PRO A 292 -13.39 -14.15 12.40
C PRO A 292 -13.94 -13.56 13.69
N LEU A 293 -13.33 -13.98 14.80
CA LEU A 293 -13.75 -13.45 16.10
C LEU A 293 -13.48 -11.96 16.19
N ILE A 294 -12.34 -11.50 15.66
CA ILE A 294 -12.10 -10.06 15.56
C ILE A 294 -13.21 -9.42 14.75
N GLY A 295 -13.63 -10.07 13.67
CA GLY A 295 -14.69 -9.50 12.84
C GLY A 295 -16.00 -9.38 13.59
N LYS A 296 -16.36 -10.43 14.34
CA LYS A 296 -17.57 -10.37 15.14
C LYS A 296 -17.50 -9.26 16.18
N TYR A 297 -16.35 -9.12 16.84
CA TYR A 297 -16.21 -8.08 17.85
C TYR A 297 -16.27 -6.69 17.22
N MET A 298 -15.66 -6.55 16.03
CA MET A 298 -15.64 -5.27 15.29
C MET A 298 -17.08 -4.89 14.90
N LEU A 299 -17.87 -5.85 14.41
CA LEU A 299 -19.25 -5.58 14.01
C LEU A 299 -20.11 -5.30 15.23
N PHE A 300 -19.86 -6.01 16.34
CA PHE A 300 -20.59 -5.74 17.57
C PHE A 300 -20.32 -4.31 18.05
N THR A 301 -19.06 -3.89 18.02
CA THR A 301 -18.72 -2.54 18.44
C THR A 301 -19.39 -1.49 17.55
N MET A 302 -19.39 -1.74 16.23
CA MET A 302 -19.99 -0.80 15.30
C MET A 302 -21.49 -0.67 15.56
N VAL A 303 -22.19 -1.81 15.70
CA VAL A 303 -23.62 -1.77 15.97
C VAL A 303 -23.89 -1.13 17.33
N PHE A 304 -23.00 -1.37 18.29
CA PHE A 304 -23.13 -0.77 19.61
C PHE A 304 -23.09 0.76 19.51
N VAL A 305 -22.15 1.28 18.73
CA VAL A 305 -22.01 2.73 18.56
C VAL A 305 -23.21 3.30 17.81
N ILE A 306 -23.67 2.62 16.76
CA ILE A 306 -24.82 3.11 16.00
C ILE A 306 -26.07 3.15 16.88
N ALA A 307 -26.28 2.10 17.67
CA ALA A 307 -27.41 2.08 18.59
C ALA A 307 -27.30 3.21 19.60
N SER A 308 -26.09 3.46 20.11
CA SER A 308 -25.89 4.58 21.02
C SER A 308 -26.28 5.89 20.37
N ILE A 309 -25.91 6.07 19.09
CA ILE A 309 -26.25 7.31 18.39
C ILE A 309 -27.76 7.46 18.26
N ILE A 310 -28.45 6.38 17.86
CA ILE A 310 -29.89 6.45 17.67
C ILE A 310 -30.59 6.78 18.98
N ILE A 311 -30.22 6.08 20.05
CA ILE A 311 -30.87 6.29 21.33
C ILE A 311 -30.52 7.67 21.88
N THR A 312 -29.31 8.15 21.61
CA THR A 312 -28.95 9.50 22.04
C THR A 312 -29.81 10.54 21.32
N VAL A 313 -30.08 10.34 20.04
CA VAL A 313 -30.96 11.26 19.33
C VAL A 313 -32.35 11.24 19.96
N ILE A 314 -32.83 10.05 20.32
CA ILE A 314 -34.13 9.96 20.99
C ILE A 314 -34.10 10.72 22.32
N VAL A 315 -33.03 10.57 23.10
CA VAL A 315 -32.93 11.25 24.40
C VAL A 315 -32.89 12.76 24.22
N ILE A 316 -32.14 13.24 23.23
CA ILE A 316 -32.06 14.67 22.96
C ILE A 316 -33.43 15.21 22.56
N ASN A 317 -34.12 14.49 21.68
CA ASN A 317 -35.46 14.91 21.26
C ASN A 317 -36.41 14.95 22.44
N THR A 318 -36.33 13.97 23.34
CA THR A 318 -37.17 13.98 24.53
C THR A 318 -36.84 15.17 25.42
N HIS A 319 -35.55 15.47 25.59
CA HIS A 319 -35.13 16.58 26.44
C HIS A 319 -35.64 17.92 25.90
N HIS A 320 -35.63 18.09 24.58
CA HIS A 320 -35.99 19.36 23.96
C HIS A 320 -37.47 19.47 23.58
N ARG A 321 -38.28 18.48 23.94
CA ARG A 321 -39.73 18.48 23.60
C ARG A 321 -40.34 19.77 24.14
N SER A 322 -40.89 20.62 23.26
CA SER A 322 -41.43 21.90 23.67
C SER A 322 -42.70 21.71 24.49
N PRO A 323 -42.92 22.47 25.57
CA PRO A 323 -44.19 22.31 26.30
C PRO A 323 -45.39 22.78 25.51
N SER A 324 -45.20 23.75 24.62
CA SER A 324 -46.30 24.30 23.83
C SER A 324 -46.80 23.28 22.82
N THR A 325 -45.93 22.82 21.93
CA THR A 325 -46.34 21.91 20.88
C THR A 325 -46.74 20.55 21.47
N HIS A 326 -45.87 19.99 22.31
CA HIS A 326 -46.08 18.66 22.86
C HIS A 326 -46.81 18.72 24.20
N VAL A 327 -47.51 17.63 24.50
CA VAL A 327 -48.17 17.43 25.78
C VAL A 327 -47.79 16.06 26.30
N MET A 328 -47.51 15.97 27.58
CA MET A 328 -46.94 14.75 28.14
C MET A 328 -48.01 13.65 28.17
N PRO A 329 -47.78 12.50 27.53
CA PRO A 329 -48.71 11.38 27.72
C PRO A 329 -48.70 10.88 29.16
N ASN A 330 -49.84 10.37 29.60
CA ASN A 330 -49.93 9.85 30.95
C ASN A 330 -49.06 8.62 31.16
N TRP A 331 -48.81 7.85 30.09
CA TRP A 331 -47.96 6.67 30.22
C TRP A 331 -46.52 7.06 30.49
N VAL A 332 -46.05 8.15 29.86
CA VAL A 332 -44.69 8.62 30.12
C VAL A 332 -44.58 9.12 31.55
N ARG A 333 -45.58 9.89 32.00
CA ARG A 333 -45.55 10.43 33.36
C ARG A 333 -45.59 9.31 34.40
N LYS A 334 -46.43 8.31 34.19
CA LYS A 334 -46.51 7.22 35.17
C LYS A 334 -45.24 6.38 35.14
N VAL A 335 -44.68 6.13 33.96
CA VAL A 335 -43.50 5.28 33.87
C VAL A 335 -42.27 5.99 34.42
N PHE A 336 -42.03 7.22 33.98
CA PHE A 336 -40.75 7.89 34.23
C PHE A 336 -40.73 8.80 35.45
N ILE A 337 -41.78 9.59 35.67
CA ILE A 337 -41.77 10.51 36.80
C ILE A 337 -42.27 9.84 38.08
N ASP A 338 -43.17 8.88 37.95
CA ASP A 338 -43.85 8.30 39.12
C ASP A 338 -43.26 7.00 39.61
N THR A 339 -42.87 6.09 38.70
CA THR A 339 -42.56 4.72 39.07
C THR A 339 -41.06 4.42 39.11
N ILE A 340 -40.38 4.69 37.99
CA ILE A 340 -38.99 4.26 37.83
C ILE A 340 -38.04 4.85 38.89
N PRO A 341 -38.11 6.16 39.22
CA PRO A 341 -37.13 6.70 40.16
C PRO A 341 -37.12 6.04 41.54
N ASN A 342 -38.19 5.34 41.91
CA ASN A 342 -38.21 4.62 43.18
C ASN A 342 -37.20 3.48 43.19
N ILE A 343 -36.87 2.93 42.02
CA ILE A 343 -35.84 1.89 41.91
C ILE A 343 -34.47 2.55 41.75
N MET A 344 -34.40 3.88 41.82
CA MET A 344 -33.16 4.63 41.67
C MET A 344 -33.04 5.56 42.87
N PHE A 345 -32.02 6.44 42.87
CA PHE A 345 -31.86 7.41 43.95
C PHE A 345 -31.58 8.80 43.40
N PHE A 346 -32.66 9.52 43.07
CA PHE A 346 -32.61 10.91 42.65
C PHE A 346 -33.94 11.56 43.02
N SER A 347 -33.91 12.89 43.18
CA SER A 347 -35.09 13.61 43.62
C SER A 347 -36.09 13.74 42.48
N THR A 348 -37.36 13.50 42.78
CA THR A 348 -38.41 13.62 41.78
C THR A 348 -38.59 15.09 41.38
N MET A 349 -39.48 15.31 40.41
CA MET A 349 -39.77 16.66 39.93
C MET A 349 -40.31 17.53 41.05
N LYS A 388 -57.88 58.67 39.20
CA LYS A 388 -57.53 57.61 38.27
C LYS A 388 -57.22 58.16 36.88
N HIS A 389 -56.00 58.64 36.68
CA HIS A 389 -55.59 59.07 35.36
C HIS A 389 -55.54 57.86 34.43
N PRO A 390 -55.73 58.04 33.10
CA PRO A 390 -55.59 56.88 32.20
C PRO A 390 -54.22 56.24 32.28
N GLU A 391 -53.20 57.07 32.46
CA GLU A 391 -51.84 56.55 32.54
C GLU A 391 -51.59 55.76 33.82
N VAL A 392 -52.21 56.16 34.94
CA VAL A 392 -52.08 55.39 36.17
C VAL A 392 -52.72 54.01 36.01
N LYS A 393 -53.90 53.96 35.40
CA LYS A 393 -54.54 52.67 35.15
C LYS A 393 -53.71 51.83 34.20
N SER A 394 -53.10 52.46 33.19
CA SER A 394 -52.20 51.76 32.29
C SER A 394 -51.00 51.19 33.05
N ALA A 395 -50.46 51.95 34.01
CA ALA A 395 -49.34 51.47 34.81
C ALA A 395 -49.75 50.26 35.65
N ILE A 396 -50.93 50.33 36.28
CA ILE A 396 -51.40 49.23 37.11
C ILE A 396 -51.59 47.97 36.26
N GLU A 397 -52.21 48.12 35.09
CA GLU A 397 -52.35 46.99 34.18
C GLU A 397 -50.99 46.51 33.71
N GLY A 398 -50.00 47.40 33.62
CA GLY A 398 -48.66 46.98 33.26
C GLY A 398 -48.01 46.08 34.31
N ILE A 399 -48.13 46.47 35.58
CA ILE A 399 -47.60 45.61 36.65
C ILE A 399 -48.31 44.26 36.64
N LYS A 400 -49.63 44.29 36.49
CA LYS A 400 -50.37 43.03 36.45
C LYS A 400 -49.94 42.17 35.27
N TYR A 401 -49.75 42.78 34.11
CA TYR A 401 -49.32 42.04 32.93
C TYR A 401 -47.94 41.44 33.13
N ILE A 402 -47.03 42.19 33.75
CA ILE A 402 -45.69 41.66 34.03
C ILE A 402 -45.79 40.45 34.94
N ALA A 403 -46.62 40.55 35.98
CA ALA A 403 -46.77 39.41 36.90
C ALA A 403 -47.34 38.19 36.20
N GLU A 404 -48.38 38.39 35.37
CA GLU A 404 -48.96 37.26 34.65
C GLU A 404 -47.97 36.67 33.66
N THR A 405 -47.14 37.50 33.04
CA THR A 405 -46.15 36.98 32.09
C THR A 405 -45.09 36.14 32.80
N MET A 406 -44.59 36.61 33.94
CA MET A 406 -43.67 35.79 34.72
C MET A 406 -44.34 34.49 35.17
N LYS A 407 -45.62 34.55 35.54
CA LYS A 407 -46.31 33.33 35.97
C LYS A 407 -46.40 32.32 34.83
N SER A 408 -46.79 32.79 33.64
CA SER A 408 -46.89 31.89 32.48
C SER A 408 -45.53 31.31 32.13
N ASP A 409 -44.48 32.13 32.19
CA ASP A 409 -43.14 31.62 31.92
C ASP A 409 -42.74 30.57 32.95
N GLN A 410 -43.16 30.75 34.20
CA GLN A 410 -42.88 29.74 35.22
C GLN A 410 -43.56 28.43 34.90
N GLU A 411 -44.84 28.46 34.49
CA GLU A 411 -45.50 27.21 34.13
C GLU A 411 -44.82 26.54 32.94
N SER A 412 -44.46 27.33 31.92
CA SER A 412 -43.82 26.76 30.75
C SER A 412 -42.47 26.14 31.10
N ASN A 413 -41.69 26.80 31.96
CA ASN A 413 -40.40 26.27 32.35
C ASN A 413 -40.56 24.99 33.15
N ASN A 414 -41.55 24.92 34.03
CA ASN A 414 -41.78 23.68 34.77
C ASN A 414 -42.20 22.54 33.85
N ALA A 415 -43.06 22.84 32.87
CA ALA A 415 -43.47 21.83 31.92
C ALA A 415 -42.30 21.31 31.11
N ALA A 416 -41.37 22.21 30.72
CA ALA A 416 -40.16 21.76 30.06
C ALA A 416 -39.28 20.92 30.99
N ALA A 417 -39.18 21.32 32.25
CA ALA A 417 -38.33 20.59 33.20
C ALA A 417 -38.81 19.17 33.40
N GLU A 418 -40.12 18.94 33.29
CA GLU A 418 -40.61 17.56 33.35
C GLU A 418 -40.03 16.71 32.24
N TRP A 419 -40.03 17.23 31.00
CA TRP A 419 -39.43 16.51 29.88
C TRP A 419 -37.94 16.30 30.08
N LYS A 420 -37.25 17.31 30.61
CA LYS A 420 -35.83 17.17 30.88
C LYS A 420 -35.57 16.07 31.93
N TYR A 421 -36.43 15.99 32.94
CA TYR A 421 -36.34 14.91 33.93
C TYR A 421 -36.52 13.55 33.28
N VAL A 422 -37.48 13.44 32.37
CA VAL A 422 -37.71 12.16 31.69
C VAL A 422 -36.46 11.74 30.91
N ALA A 423 -35.89 12.68 30.16
CA ALA A 423 -34.68 12.38 29.40
C ALA A 423 -33.53 11.99 30.33
N MET A 424 -33.46 12.65 31.50
CA MET A 424 -32.39 12.37 32.49
C MET A 424 -32.55 10.95 33.01
N VAL A 425 -33.77 10.49 33.32
CA VAL A 425 -33.98 9.13 33.80
C VAL A 425 -33.61 8.13 32.71
N MET A 426 -34.04 8.40 31.47
CA MET A 426 -33.68 7.53 30.37
C MET A 426 -32.17 7.41 30.23
N ASP A 427 -31.47 8.53 30.43
CA ASP A 427 -29.99 8.58 30.31
C ASP A 427 -29.32 7.70 31.37
N HIS A 428 -29.83 7.70 32.60
CA HIS A 428 -29.26 6.82 33.63
C HIS A 428 -29.51 5.34 33.30
N ILE A 429 -30.74 4.99 32.91
CA ILE A 429 -31.02 3.59 32.56
C ILE A 429 -30.11 3.15 31.42
N LEU A 430 -29.96 4.00 30.41
CA LEU A 430 -29.19 3.63 29.23
C LEU A 430 -27.71 3.54 29.54
N LEU A 431 -27.21 4.35 30.47
CA LEU A 431 -25.82 4.24 30.90
C LEU A 431 -25.56 2.87 31.48
N GLY A 432 -26.40 2.46 32.44
CA GLY A 432 -26.23 1.14 33.03
C GLY A 432 -26.33 0.03 31.99
N VAL A 433 -27.34 0.11 31.14
CA VAL A 433 -27.57 -0.94 30.14
C VAL A 433 -26.40 -1.03 29.18
N PHE A 434 -25.88 0.11 28.72
CA PHE A 434 -24.83 0.09 27.71
C PHE A 434 -23.52 -0.40 28.29
N MET A 435 -23.20 -0.02 29.53
CA MET A 435 -21.98 -0.57 30.13
C MET A 435 -22.10 -2.08 30.33
N LEU A 436 -23.27 -2.55 30.77
CA LEU A 436 -23.46 -3.99 30.91
C LEU A 436 -23.36 -4.70 29.57
N VAL A 437 -23.93 -4.10 28.51
CA VAL A 437 -23.87 -4.71 27.19
C VAL A 437 -22.44 -4.74 26.69
N CYS A 438 -21.65 -3.69 26.96
CA CYS A 438 -20.25 -3.72 26.59
C CYS A 438 -19.53 -4.90 27.23
N ILE A 439 -19.67 -5.04 28.55
CA ILE A 439 -18.99 -6.12 29.27
C ILE A 439 -19.45 -7.48 28.75
N ILE A 440 -20.77 -7.68 28.68
CA ILE A 440 -21.31 -8.99 28.35
C ILE A 440 -21.04 -9.34 26.89
N GLY A 441 -21.07 -8.37 25.98
CA GLY A 441 -20.75 -8.65 24.60
C GLY A 441 -19.30 -9.02 24.40
N THR A 442 -18.38 -8.31 25.06
CA THR A 442 -16.97 -8.68 25.00
C THR A 442 -16.78 -10.10 25.50
N LEU A 443 -17.38 -10.43 26.65
CA LEU A 443 -17.24 -11.78 27.19
C LEU A 443 -17.90 -12.81 26.28
N ALA A 444 -19.08 -12.52 25.73
CA ALA A 444 -19.76 -13.48 24.88
C ALA A 444 -18.94 -13.76 23.62
N VAL A 445 -18.22 -12.76 23.12
CA VAL A 445 -17.41 -12.99 21.92
C VAL A 445 -16.16 -13.80 22.27
N PHE A 446 -15.47 -13.48 23.36
CA PHE A 446 -14.12 -14.03 23.59
C PHE A 446 -14.06 -15.20 24.56
N ALA A 447 -14.93 -15.23 25.57
CA ALA A 447 -14.77 -16.12 26.72
C ALA A 447 -14.85 -17.58 26.32
N GLY A 448 -15.67 -17.91 25.31
CA GLY A 448 -15.78 -19.28 24.87
C GLY A 448 -14.45 -19.88 24.45
N ARG A 449 -13.80 -19.22 23.48
CA ARG A 449 -12.52 -19.71 23.02
C ARG A 449 -11.45 -19.59 24.10
N LEU A 450 -11.48 -18.51 24.90
CA LEU A 450 -10.46 -18.35 25.92
C LEU A 450 -10.56 -19.46 26.98
N ILE A 451 -11.78 -19.79 27.40
CA ILE A 451 -11.99 -20.87 28.35
C ILE A 451 -11.57 -22.20 27.73
N GLU A 452 -11.92 -22.42 26.47
CA GLU A 452 -11.56 -23.67 25.80
C GLU A 452 -10.04 -23.83 25.76
N LEU A 453 -9.31 -22.76 25.47
CA LEU A 453 -7.86 -22.85 25.43
C LEU A 453 -7.26 -22.98 26.83
N ASN A 454 -7.86 -22.37 27.84
CA ASN A 454 -7.37 -22.56 29.20
C ASN A 454 -7.59 -23.98 29.69
N GLN A 455 -8.65 -24.65 29.22
CA GLN A 455 -8.84 -26.06 29.53
C GLN A 455 -7.80 -26.97 28.89
N GLN A 456 -7.02 -26.46 27.93
CA GLN A 456 -5.92 -27.22 27.32
C GLN A 456 -4.57 -26.86 27.92
N GLY A 457 -4.56 -26.30 29.13
CA GLY A 457 -3.33 -25.90 29.80
C GLY A 457 -3.20 -26.49 31.19
N SER B 21 7.47 -41.13 -40.67
CA SER B 21 8.19 -39.84 -40.44
C SER B 21 9.72 -40.02 -40.48
N GLU B 22 10.18 -41.18 -40.94
CA GLU B 22 11.62 -41.37 -41.15
C GLU B 22 12.11 -40.43 -42.24
N HIS B 23 11.25 -40.06 -43.18
CA HIS B 23 11.60 -39.08 -44.19
C HIS B 23 11.99 -37.75 -43.55
N GLU B 24 11.21 -37.30 -42.56
CA GLU B 24 11.52 -36.04 -41.90
C GLU B 24 12.83 -36.14 -41.13
N THR B 25 13.09 -37.28 -40.49
CA THR B 25 14.35 -37.46 -39.78
C THR B 25 15.54 -37.37 -40.72
N ARG B 26 15.44 -38.06 -41.85
CA ARG B 26 16.52 -38.01 -42.83
C ARG B 26 16.70 -36.60 -43.40
N LEU B 27 15.58 -35.91 -43.66
CA LEU B 27 15.65 -34.55 -44.19
C LEU B 27 16.32 -33.61 -43.21
N VAL B 28 15.94 -33.68 -41.93
CA VAL B 28 16.50 -32.78 -40.93
C VAL B 28 17.98 -33.08 -40.73
N ALA B 29 18.36 -34.36 -40.76
CA ALA B 29 19.77 -34.70 -40.71
C ALA B 29 20.52 -34.12 -41.91
N LYS B 30 19.88 -34.10 -43.08
CA LYS B 30 20.53 -33.55 -44.26
C LYS B 30 20.70 -32.03 -44.15
N LEU B 31 19.66 -31.33 -43.71
CA LEU B 31 19.67 -29.88 -43.77
C LEU B 31 20.68 -29.25 -42.82
N PHE B 32 21.04 -29.93 -41.74
CA PHE B 32 21.86 -29.35 -40.68
C PHE B 32 23.20 -30.05 -40.52
N LYS B 33 23.64 -30.83 -41.52
CA LYS B 33 24.94 -31.48 -41.43
C LYS B 33 26.06 -30.46 -41.45
N ASP B 34 26.02 -29.52 -42.40
CA ASP B 34 27.05 -28.49 -42.55
C ASP B 34 26.40 -27.11 -42.58
N TYR B 35 25.48 -26.88 -41.64
CA TYR B 35 24.73 -25.63 -41.56
C TYR B 35 25.35 -24.76 -40.47
N SER B 36 25.31 -23.45 -40.70
CA SER B 36 25.81 -22.47 -39.74
C SER B 36 24.72 -21.45 -39.46
N SER B 37 24.37 -21.29 -38.19
CA SER B 37 23.39 -20.28 -37.77
C SER B 37 24.03 -18.92 -37.52
N VAL B 38 25.35 -18.84 -37.49
CA VAL B 38 26.04 -17.55 -37.37
C VAL B 38 25.92 -16.76 -38.67
N VAL B 39 25.96 -17.45 -39.79
CA VAL B 39 26.09 -16.83 -41.10
C VAL B 39 24.73 -16.41 -41.63
N ARG B 40 24.67 -15.28 -42.32
CA ARG B 40 23.41 -14.80 -42.86
C ARG B 40 22.96 -15.75 -43.98
N PRO B 41 21.65 -16.03 -44.11
CA PRO B 41 21.26 -17.11 -45.02
C PRO B 41 20.90 -16.64 -46.43
N VAL B 42 21.91 -16.25 -47.21
CA VAL B 42 21.75 -16.01 -48.64
C VAL B 42 23.02 -16.47 -49.34
N GLU B 43 22.89 -16.67 -50.65
CA GLU B 43 23.93 -17.35 -51.43
C GLU B 43 25.21 -16.53 -51.54
N ASP B 44 25.09 -15.20 -51.60
CA ASP B 44 26.22 -14.30 -51.75
C ASP B 44 26.18 -13.26 -50.64
N HIS B 45 27.35 -12.97 -50.07
CA HIS B 45 27.40 -12.06 -48.92
C HIS B 45 27.02 -10.64 -49.30
N ARG B 46 27.16 -10.28 -50.58
CA ARG B 46 26.78 -8.95 -51.03
C ARG B 46 25.27 -8.75 -51.11
N GLN B 47 24.48 -9.83 -50.99
CA GLN B 47 23.03 -9.73 -50.98
C GLN B 47 22.51 -9.35 -49.61
N VAL B 48 21.28 -8.88 -49.59
CA VAL B 48 20.58 -8.45 -48.37
C VAL B 48 19.56 -9.51 -48.01
N VAL B 49 19.43 -9.80 -46.72
CA VAL B 49 18.38 -10.69 -46.23
C VAL B 49 17.11 -9.88 -46.08
N GLU B 50 16.08 -10.25 -46.83
CA GLU B 50 14.79 -9.58 -46.80
C GLU B 50 13.91 -10.24 -45.74
N VAL B 51 13.57 -9.48 -44.70
CA VAL B 51 12.75 -9.95 -43.59
C VAL B 51 11.45 -9.16 -43.58
N THR B 52 10.33 -9.87 -43.56
CA THR B 52 9.02 -9.25 -43.40
C THR B 52 8.61 -9.34 -41.93
N VAL B 53 8.29 -8.20 -41.34
CA VAL B 53 7.99 -8.09 -39.91
C VAL B 53 6.55 -7.63 -39.77
N GLY B 54 5.80 -8.34 -38.96
CA GLY B 54 4.44 -7.94 -38.62
C GLY B 54 4.21 -8.12 -37.15
N LEU B 55 3.41 -7.21 -36.58
CA LEU B 55 3.12 -7.22 -35.16
C LEU B 55 1.64 -7.53 -34.97
N GLN B 56 1.34 -8.51 -34.11
CA GLN B 56 -0.02 -8.84 -33.71
C GLN B 56 -0.17 -8.50 -32.24
N LEU B 57 -1.12 -7.64 -31.92
CA LEU B 57 -1.34 -7.20 -30.55
C LEU B 57 -2.44 -8.07 -29.94
N ILE B 58 -2.07 -8.88 -28.96
CA ILE B 58 -3.04 -9.76 -28.29
C ILE B 58 -3.74 -9.03 -27.15
N GLN B 59 -3.03 -8.25 -26.36
CA GLN B 59 -3.62 -7.61 -25.20
C GLN B 59 -2.80 -6.38 -24.80
N LEU B 60 -3.50 -5.30 -24.46
CA LEU B 60 -2.89 -4.14 -23.82
C LEU B 60 -2.97 -4.39 -22.32
N ILE B 61 -1.87 -4.90 -21.75
CA ILE B 61 -1.90 -5.32 -20.35
C ILE B 61 -2.05 -4.13 -19.42
N ASN B 62 -1.24 -3.09 -19.61
CA ASN B 62 -1.32 -1.97 -18.67
C ASN B 62 -0.57 -0.76 -19.20
N VAL B 63 -1.04 0.42 -18.80
CA VAL B 63 -0.38 1.69 -19.07
C VAL B 63 0.01 2.27 -17.72
N ASP B 64 1.32 2.43 -17.49
CA ASP B 64 1.88 3.01 -16.27
C ASP B 64 2.25 4.45 -16.58
N GLU B 65 1.42 5.37 -16.08
CA GLU B 65 1.60 6.78 -16.40
C GLU B 65 2.76 7.41 -15.62
N VAL B 66 3.08 6.87 -14.44
CA VAL B 66 4.14 7.46 -13.63
C VAL B 66 5.50 7.18 -14.26
N ASN B 67 5.84 5.92 -14.44
CA ASN B 67 7.08 5.53 -15.07
C ASN B 67 7.02 5.58 -16.59
N GLN B 68 5.84 5.86 -17.17
CA GLN B 68 5.70 6.04 -18.61
C GLN B 68 6.04 4.75 -19.37
N ILE B 69 5.37 3.65 -18.99
CA ILE B 69 5.65 2.34 -19.55
C ILE B 69 4.34 1.68 -19.96
N VAL B 70 4.28 1.20 -21.20
CA VAL B 70 3.12 0.47 -21.72
C VAL B 70 3.54 -0.98 -21.86
N THR B 71 2.85 -1.88 -21.15
CA THR B 71 3.10 -3.32 -21.23
C THR B 71 1.99 -3.98 -22.02
N THR B 72 2.38 -4.77 -23.03
CA THR B 72 1.47 -5.43 -23.94
C THR B 72 1.93 -6.85 -24.20
N ASN B 73 0.99 -7.70 -24.59
CA ASN B 73 1.25 -9.05 -25.07
C ASN B 73 1.16 -9.02 -26.60
N VAL B 74 2.22 -9.49 -27.27
CA VAL B 74 2.30 -9.42 -28.73
C VAL B 74 2.85 -10.72 -29.29
N ARG B 75 2.60 -10.90 -30.58
CA ARG B 75 3.22 -11.94 -31.40
C ARG B 75 3.98 -11.24 -32.51
N LEU B 76 5.26 -11.57 -32.67
CA LEU B 76 6.13 -10.86 -33.61
C LEU B 76 6.42 -11.74 -34.82
N LYS B 77 5.51 -11.72 -35.79
CA LYS B 77 5.61 -12.60 -36.95
C LYS B 77 6.75 -12.12 -37.85
N GLN B 78 7.75 -12.98 -38.05
CA GLN B 78 8.90 -12.70 -38.89
C GLN B 78 8.98 -13.75 -39.99
N GLN B 79 9.11 -13.29 -41.23
CA GLN B 79 9.17 -14.16 -42.40
C GLN B 79 10.43 -13.87 -43.19
N TRP B 80 11.17 -14.91 -43.55
CA TRP B 80 12.32 -14.72 -44.42
C TRP B 80 12.70 -16.04 -45.05
N VAL B 81 13.41 -15.95 -46.18
CA VAL B 81 13.87 -17.12 -46.92
C VAL B 81 15.27 -17.46 -46.47
N ASP B 82 15.51 -18.74 -46.18
CA ASP B 82 16.84 -19.26 -45.88
C ASP B 82 17.32 -20.04 -47.10
N TYR B 83 18.45 -19.59 -47.67
CA TYR B 83 18.91 -20.15 -48.93
C TYR B 83 19.28 -21.62 -48.82
N ASN B 84 19.88 -22.03 -47.70
CA ASN B 84 20.41 -23.37 -47.55
C ASN B 84 19.40 -24.36 -46.97
N LEU B 85 18.25 -23.90 -46.50
CA LEU B 85 17.22 -24.79 -45.95
C LEU B 85 16.12 -25.10 -46.97
N LYS B 86 16.50 -25.65 -48.11
CA LYS B 86 15.57 -26.04 -49.16
C LYS B 86 15.72 -27.52 -49.49
N TRP B 87 14.65 -28.12 -49.99
CA TRP B 87 14.68 -29.52 -50.39
C TRP B 87 13.58 -29.77 -51.40
N ASN B 88 13.72 -30.88 -52.12
CA ASN B 88 12.68 -31.34 -53.04
C ASN B 88 11.75 -32.28 -52.27
N PRO B 89 10.43 -31.98 -52.17
CA PRO B 89 9.56 -32.90 -51.43
C PRO B 89 9.53 -34.32 -51.97
N ASP B 90 9.61 -34.48 -53.30
CA ASP B 90 9.54 -35.81 -53.89
C ASP B 90 10.69 -36.70 -53.42
N ASP B 91 11.85 -36.12 -53.13
CA ASP B 91 12.99 -36.87 -52.64
C ASP B 91 12.86 -37.25 -51.17
N TYR B 92 11.84 -36.78 -50.46
CA TYR B 92 11.69 -37.04 -49.04
C TYR B 92 10.26 -37.41 -48.71
N GLY B 93 9.67 -38.27 -49.53
CA GLY B 93 8.35 -38.83 -49.24
C GLY B 93 7.23 -37.82 -49.18
N GLY B 94 7.31 -36.77 -49.99
CA GLY B 94 6.23 -35.80 -50.07
C GLY B 94 6.21 -34.75 -48.98
N VAL B 95 7.20 -34.73 -48.08
CA VAL B 95 7.22 -33.73 -47.02
C VAL B 95 7.46 -32.36 -47.62
N LYS B 96 6.55 -31.42 -47.35
CA LYS B 96 6.60 -30.07 -47.90
C LYS B 96 6.83 -29.00 -46.84
N LYS B 97 6.56 -29.28 -45.58
CA LYS B 97 6.82 -28.34 -44.49
C LYS B 97 7.26 -29.15 -43.27
N ILE B 98 8.06 -28.50 -42.42
CA ILE B 98 8.50 -29.09 -41.16
C ILE B 98 8.55 -28.01 -40.09
N HIS B 99 8.75 -28.44 -38.85
CA HIS B 99 8.87 -27.57 -37.69
C HIS B 99 10.25 -27.77 -37.09
N ILE B 100 10.97 -26.67 -36.88
CA ILE B 100 12.38 -26.72 -36.48
C ILE B 100 12.55 -25.87 -35.23
N PRO B 101 13.38 -26.25 -34.25
CA PRO B 101 13.67 -25.31 -33.15
C PRO B 101 14.32 -24.04 -33.66
N SER B 102 13.87 -22.90 -33.13
CA SER B 102 14.37 -21.62 -33.61
C SER B 102 15.82 -21.40 -33.20
N GLU B 103 16.26 -22.02 -32.10
CA GLU B 103 17.65 -21.87 -31.67
C GLU B 103 18.63 -22.43 -32.70
N LYS B 104 18.19 -23.39 -33.51
CA LYS B 104 19.12 -24.10 -34.39
C LYS B 104 19.50 -23.28 -35.62
N ILE B 105 18.63 -22.36 -36.06
CA ILE B 105 18.83 -21.64 -37.31
C ILE B 105 19.25 -20.19 -37.05
N TRP B 106 19.75 -19.54 -38.09
CA TRP B 106 19.94 -18.11 -38.07
C TRP B 106 18.59 -17.41 -37.99
N ARG B 107 18.57 -16.30 -37.25
CA ARG B 107 17.37 -15.49 -37.12
C ARG B 107 17.76 -14.02 -37.18
N PRO B 108 16.84 -13.14 -37.59
CA PRO B 108 17.07 -11.71 -37.34
C PRO B 108 16.92 -11.40 -35.86
N ASP B 109 17.78 -10.51 -35.37
CA ASP B 109 17.79 -10.14 -33.95
C ASP B 109 17.02 -8.84 -33.76
N LEU B 110 15.70 -8.95 -33.86
CA LEU B 110 14.85 -7.79 -33.61
C LEU B 110 14.90 -7.41 -32.14
N VAL B 111 15.01 -6.11 -31.90
CA VAL B 111 15.07 -5.53 -30.57
C VAL B 111 14.08 -4.37 -30.54
N LEU B 112 13.42 -4.24 -29.39
CA LEU B 112 12.56 -3.11 -29.08
C LEU B 112 13.46 -1.97 -28.63
N TYR B 113 13.72 -1.03 -29.55
CA TYR B 113 14.69 0.01 -29.30
C TYR B 113 14.28 0.92 -28.14
N ASN B 114 12.98 1.07 -27.90
CA ASN B 114 12.47 1.89 -26.82
C ASN B 114 11.91 1.05 -25.67
N ASN B 115 12.54 -0.09 -25.41
CA ASN B 115 12.17 -0.90 -24.25
C ASN B 115 12.41 -0.12 -22.97
N ALA B 116 11.43 -0.18 -22.06
CA ALA B 116 11.57 0.54 -20.80
C ALA B 116 12.35 -0.27 -19.77
N ASP B 117 11.78 -1.37 -19.28
CA ASP B 117 12.43 -2.22 -18.28
C ASP B 117 12.12 -3.69 -18.49
N GLY B 118 11.76 -4.09 -19.70
CA GLY B 118 11.45 -5.48 -20.01
C GLY B 118 12.61 -6.15 -20.74
N ASP B 119 12.30 -7.17 -21.53
CA ASP B 119 13.29 -7.79 -22.38
C ASP B 119 13.51 -6.94 -23.63
N PHE B 120 14.77 -6.86 -24.06
CA PHE B 120 15.09 -6.13 -25.28
C PHE B 120 14.73 -6.94 -26.53
N ALA B 121 14.95 -8.24 -26.50
CA ALA B 121 14.78 -9.13 -27.64
C ALA B 121 13.81 -10.25 -27.28
N ILE B 122 13.55 -11.12 -28.25
CA ILE B 122 12.73 -12.30 -28.02
C ILE B 122 13.49 -13.23 -27.09
N VAL B 123 12.79 -13.70 -26.05
CA VAL B 123 13.33 -14.70 -25.14
C VAL B 123 12.62 -16.05 -25.25
N LYS B 124 11.42 -16.08 -25.81
CA LYS B 124 10.67 -17.33 -26.00
C LYS B 124 10.97 -17.85 -27.40
N PHE B 125 11.83 -18.87 -27.46
CA PHE B 125 12.31 -19.39 -28.74
C PHE B 125 11.43 -20.57 -29.14
N THR B 126 10.26 -20.24 -29.70
CA THR B 126 9.34 -21.23 -30.22
C THR B 126 9.81 -21.75 -31.57
N LYS B 127 9.20 -22.84 -32.01
CA LYS B 127 9.61 -23.47 -33.26
C LYS B 127 9.22 -22.64 -34.46
N VAL B 128 10.05 -22.72 -35.50
CA VAL B 128 9.79 -22.08 -36.80
C VAL B 128 9.12 -23.10 -37.71
N LEU B 129 8.27 -22.60 -38.59
CA LEU B 129 7.70 -23.38 -39.68
C LEU B 129 8.55 -23.14 -40.92
N LEU B 130 9.12 -24.21 -41.46
CA LEU B 130 9.98 -24.15 -42.63
C LEU B 130 9.32 -24.87 -43.79
N GLN B 131 9.20 -24.18 -44.92
CA GLN B 131 8.69 -24.75 -46.16
C GLN B 131 9.85 -25.29 -47.00
N TYR B 132 9.51 -26.16 -47.96
CA TYR B 132 10.53 -26.74 -48.82
C TYR B 132 11.19 -25.68 -49.71
N THR B 133 10.53 -24.55 -49.95
CA THR B 133 11.12 -23.45 -50.70
C THR B 133 12.19 -22.71 -49.91
N GLY B 134 12.35 -23.00 -48.62
CA GLY B 134 13.24 -22.25 -47.76
C GLY B 134 12.57 -21.13 -47.00
N HIS B 135 11.30 -20.85 -47.27
CA HIS B 135 10.60 -19.82 -46.53
C HIS B 135 10.41 -20.25 -45.09
N ILE B 136 10.71 -19.35 -44.16
CA ILE B 136 10.61 -19.57 -42.74
C ILE B 136 9.64 -18.54 -42.18
N THR B 137 8.68 -19.02 -41.39
CA THR B 137 7.78 -18.20 -40.62
C THR B 137 8.02 -18.50 -39.15
N TRP B 138 8.24 -17.46 -38.36
CA TRP B 138 8.51 -17.58 -36.94
C TRP B 138 7.65 -16.54 -36.21
N THR B 139 6.74 -17.00 -35.37
CA THR B 139 5.76 -16.14 -34.70
C THR B 139 5.93 -16.22 -33.19
N PRO B 140 7.05 -15.74 -32.65
CA PRO B 140 7.30 -15.88 -31.22
C PRO B 140 6.35 -14.99 -30.41
N PRO B 141 5.99 -15.41 -29.20
CA PRO B 141 5.30 -14.49 -28.30
C PRO B 141 6.28 -13.63 -27.55
N ALA B 142 5.78 -12.48 -27.09
CA ALA B 142 6.60 -11.56 -26.33
C ALA B 142 5.70 -10.69 -25.47
N ILE B 143 6.24 -10.25 -24.35
CA ILE B 143 5.65 -9.18 -23.54
C ILE B 143 6.54 -7.98 -23.75
N PHE B 144 6.01 -6.96 -24.43
CA PHE B 144 6.75 -5.74 -24.73
C PHE B 144 6.42 -4.71 -23.66
N LYS B 145 7.45 -4.24 -22.96
CA LYS B 145 7.36 -3.11 -22.05
C LYS B 145 8.07 -1.94 -22.73
N SER B 146 7.31 -1.04 -23.36
CA SER B 146 7.88 0.07 -24.16
C SER B 146 7.84 1.38 -23.37
N TYR B 147 8.66 2.37 -23.73
CA TYR B 147 8.68 3.70 -23.07
C TYR B 147 7.79 4.63 -23.90
N CYS B 148 6.67 5.10 -23.33
CA CYS B 148 5.68 5.94 -24.04
C CYS B 148 5.59 7.28 -23.31
N GLU B 149 5.98 8.39 -23.95
CA GLU B 149 5.82 9.74 -23.35
C GLU B 149 4.34 9.93 -23.01
N ILE B 150 4.00 10.08 -21.73
CA ILE B 150 2.58 10.18 -21.28
C ILE B 150 2.23 11.66 -21.04
N ILE B 151 1.33 12.24 -21.84
CA ILE B 151 0.85 13.60 -21.63
C ILE B 151 -0.39 13.51 -20.76
N VAL B 152 -0.33 14.13 -19.58
CA VAL B 152 -1.38 14.05 -18.57
C VAL B 152 -2.23 15.32 -18.53
N THR B 153 -2.14 16.16 -19.57
CA THR B 153 -2.83 17.45 -19.53
C THR B 153 -4.34 17.29 -19.41
N HIS B 154 -4.91 16.34 -20.15
CA HIS B 154 -6.35 16.10 -20.19
C HIS B 154 -6.78 14.85 -19.45
N PHE B 155 -5.88 14.28 -18.62
CA PHE B 155 -6.23 13.19 -17.74
C PHE B 155 -7.39 13.63 -16.85
N PRO B 156 -8.49 12.85 -16.74
CA PRO B 156 -8.73 11.47 -17.16
C PRO B 156 -9.21 11.31 -18.60
N PHE B 157 -9.40 12.39 -19.36
CA PHE B 157 -9.90 12.31 -20.73
C PHE B 157 -8.75 12.45 -21.71
N ASP B 158 -7.62 11.85 -21.37
CA ASP B 158 -6.39 12.01 -22.14
C ASP B 158 -6.36 11.03 -23.31
N GLU B 159 -5.58 11.40 -24.32
CA GLU B 159 -5.32 10.58 -25.49
C GLU B 159 -3.81 10.38 -25.57
N GLN B 160 -3.38 9.11 -25.62
CA GLN B 160 -1.94 8.77 -25.57
C GLN B 160 -1.46 8.12 -26.88
N ASN B 161 -0.43 8.65 -27.53
CA ASN B 161 0.18 8.02 -28.74
C ASN B 161 1.40 7.20 -28.30
N CYS B 162 1.31 5.87 -28.23
CA CYS B 162 2.40 4.96 -27.74
C CYS B 162 3.02 4.17 -28.88
N SER B 163 4.32 4.30 -29.11
CA SER B 163 5.02 3.62 -30.22
C SER B 163 5.80 2.39 -29.75
N MET B 164 6.22 1.54 -30.67
CA MET B 164 7.07 0.36 -30.39
C MET B 164 8.10 0.31 -31.51
N LYS B 165 9.32 0.84 -31.33
CA LYS B 165 10.34 0.90 -32.36
C LYS B 165 11.09 -0.41 -32.37
N LEU B 166 11.07 -1.11 -33.51
CA LEU B 166 11.64 -2.43 -33.65
C LEU B 166 12.69 -2.40 -34.75
N GLY B 167 13.83 -3.06 -34.50
CA GLY B 167 14.85 -3.10 -35.52
C GLY B 167 15.90 -4.14 -35.21
N THR B 168 16.66 -4.49 -36.24
CA THR B 168 17.79 -5.40 -36.06
C THR B 168 18.91 -4.67 -35.33
N TRP B 169 19.24 -5.16 -34.14
CA TRP B 169 20.14 -4.42 -33.25
C TRP B 169 21.55 -4.29 -33.84
N THR B 170 22.06 -5.36 -34.42
CA THR B 170 23.45 -5.42 -34.86
C THR B 170 23.64 -5.44 -36.37
N TYR B 171 22.56 -5.60 -37.14
CA TYR B 171 22.63 -5.59 -38.60
C TYR B 171 22.08 -4.28 -39.14
N ASP B 172 22.82 -3.67 -40.07
CA ASP B 172 22.36 -2.46 -40.74
C ASP B 172 21.62 -2.82 -42.03
N GLY B 173 21.05 -1.82 -42.68
CA GLY B 173 20.20 -2.06 -43.82
C GLY B 173 20.92 -2.68 -45.00
N SER B 174 22.25 -2.49 -45.08
CA SER B 174 23.00 -3.02 -46.21
C SER B 174 23.17 -4.53 -46.15
N VAL B 175 22.91 -5.17 -45.00
CA VAL B 175 23.07 -6.61 -44.85
C VAL B 175 21.75 -7.31 -44.53
N VAL B 176 20.88 -6.67 -43.76
CA VAL B 176 19.55 -7.20 -43.46
C VAL B 176 18.54 -6.07 -43.64
N ALA B 177 17.54 -6.29 -44.49
CA ALA B 177 16.47 -5.33 -44.71
C ALA B 177 15.19 -5.85 -44.08
N ILE B 178 14.49 -4.99 -43.33
CA ILE B 178 13.20 -5.30 -42.74
C ILE B 178 12.13 -4.49 -43.46
N ASN B 179 10.99 -5.12 -43.73
CA ASN B 179 9.83 -4.49 -44.34
C ASN B 179 8.58 -4.84 -43.56
N PRO B 180 7.58 -3.94 -43.48
CA PRO B 180 6.34 -4.31 -42.78
C PRO B 180 5.51 -5.30 -43.58
N GLU B 181 4.86 -6.21 -42.87
CA GLU B 181 3.93 -7.14 -43.51
C GLU B 181 2.64 -6.43 -43.92
N SER B 182 2.20 -5.44 -43.14
CA SER B 182 0.97 -4.73 -43.39
C SER B 182 1.13 -3.28 -42.97
N ASP B 183 0.27 -2.42 -43.50
CA ASP B 183 0.27 -1.02 -43.10
C ASP B 183 -0.14 -0.81 -41.65
N GLN B 184 -0.84 -1.78 -41.05
CA GLN B 184 -1.40 -1.66 -39.72
C GLN B 184 -1.04 -2.89 -38.88
N PRO B 185 -0.98 -2.76 -37.56
CA PRO B 185 -0.84 -3.96 -36.73
C PRO B 185 -2.08 -4.84 -36.81
N ASP B 186 -1.87 -6.13 -36.63
CA ASP B 186 -2.97 -7.10 -36.64
C ASP B 186 -3.65 -7.11 -35.28
N LEU B 187 -4.90 -6.67 -35.24
CA LEU B 187 -5.71 -6.59 -34.01
C LEU B 187 -6.87 -7.59 -34.06
N SER B 188 -6.77 -8.61 -34.90
CA SER B 188 -7.87 -9.55 -35.05
C SER B 188 -8.08 -10.40 -33.80
N ASN B 189 -6.99 -10.75 -33.10
CA ASN B 189 -7.05 -11.52 -31.87
C ASN B 189 -6.82 -10.66 -30.63
N PHE B 190 -7.26 -9.40 -30.69
CA PHE B 190 -7.03 -8.46 -29.60
C PHE B 190 -8.09 -8.63 -28.52
N MET B 191 -7.65 -8.83 -27.29
CA MET B 191 -8.56 -8.91 -26.15
C MET B 191 -9.01 -7.50 -25.76
N GLU B 192 -10.30 -7.36 -25.47
CA GLU B 192 -10.85 -6.07 -25.09
C GLU B 192 -10.22 -5.58 -23.80
N SER B 193 -9.94 -4.28 -23.75
CA SER B 193 -9.41 -3.60 -22.59
C SER B 193 -10.53 -2.91 -21.82
N GLY B 194 -10.44 -2.98 -20.50
CA GLY B 194 -11.37 -2.27 -19.64
C GLY B 194 -10.98 -0.85 -19.30
N GLU B 195 -9.90 -0.33 -19.89
CA GLU B 195 -9.40 1.01 -19.58
C GLU B 195 -9.07 1.86 -20.79
N TRP B 196 -8.88 1.28 -21.98
CA TRP B 196 -8.41 2.00 -23.15
C TRP B 196 -9.13 1.52 -24.39
N VAL B 197 -9.32 2.42 -25.33
CA VAL B 197 -9.87 2.13 -26.65
C VAL B 197 -8.82 2.53 -27.68
N ILE B 198 -8.44 1.59 -28.54
CA ILE B 198 -7.47 1.87 -29.60
C ILE B 198 -8.24 2.49 -30.76
N LYS B 199 -8.05 3.80 -30.96
CA LYS B 199 -8.70 4.49 -32.07
C LYS B 199 -7.99 4.23 -33.40
N GLU B 200 -6.67 4.27 -33.39
CA GLU B 200 -5.89 4.19 -34.61
C GLU B 200 -4.59 3.47 -34.32
N SER B 201 -4.09 2.73 -35.30
CA SER B 201 -2.84 2.00 -35.16
C SER B 201 -2.21 1.91 -36.54
N ARG B 202 -0.89 2.01 -36.59
CA ARG B 202 -0.23 2.07 -37.89
C ARG B 202 1.24 1.78 -37.73
N GLY B 203 1.82 1.17 -38.76
CA GLY B 203 3.24 0.88 -38.81
C GLY B 203 3.94 1.64 -39.91
N TRP B 204 5.08 2.25 -39.59
CA TRP B 204 5.87 3.04 -40.53
C TRP B 204 7.32 2.56 -40.52
N LYS B 205 7.86 2.30 -41.71
CA LYS B 205 9.28 2.00 -41.84
C LYS B 205 10.07 3.30 -42.00
N HIS B 206 11.23 3.35 -41.37
CA HIS B 206 12.14 4.49 -41.42
C HIS B 206 13.55 4.01 -41.73
N SER B 207 14.27 4.82 -42.50
CA SER B 207 15.67 4.60 -42.81
C SER B 207 16.45 5.86 -42.49
N VAL B 208 17.56 5.71 -41.78
CA VAL B 208 18.39 6.83 -41.32
C VAL B 208 19.82 6.57 -41.78
N THR B 209 20.48 7.64 -42.23
CA THR B 209 21.88 7.57 -42.66
C THR B 209 22.64 8.69 -41.98
N TYR B 210 23.50 8.34 -41.03
CA TYR B 210 24.36 9.33 -40.39
C TYR B 210 25.49 9.73 -41.34
N SER B 211 25.98 10.97 -41.16
CA SER B 211 26.99 11.51 -42.07
C SER B 211 28.28 10.71 -42.00
N CYS B 212 28.67 10.28 -40.80
CA CYS B 212 29.89 9.49 -40.65
C CYS B 212 29.79 8.15 -41.38
N CYS B 213 28.57 7.62 -41.55
CA CYS B 213 28.34 6.32 -42.16
C CYS B 213 27.50 6.48 -43.43
N PRO B 214 28.10 6.87 -44.56
CA PRO B 214 27.30 7.11 -45.78
C PRO B 214 26.58 5.88 -46.32
N ASP B 215 27.18 4.70 -46.22
CA ASP B 215 26.72 3.53 -46.98
C ASP B 215 25.95 2.50 -46.16
N THR B 216 25.88 2.65 -44.84
CA THR B 216 25.17 1.71 -43.98
C THR B 216 23.88 2.36 -43.48
N PRO B 217 22.77 2.27 -44.21
CA PRO B 217 21.51 2.77 -43.67
C PRO B 217 21.05 1.93 -42.49
N TYR B 218 20.40 2.59 -41.54
CA TYR B 218 19.84 1.95 -40.35
C TYR B 218 18.33 2.00 -40.43
N LEU B 219 17.71 0.82 -40.37
CA LEU B 219 16.29 0.67 -40.61
C LEU B 219 15.56 0.40 -39.31
N ASP B 220 14.28 0.80 -39.28
CA ASP B 220 13.43 0.42 -38.16
C ASP B 220 11.99 0.44 -38.63
N ILE B 221 11.15 -0.29 -37.92
CA ILE B 221 9.70 -0.26 -38.11
C ILE B 221 9.12 0.19 -36.79
N THR B 222 8.39 1.30 -36.82
CA THR B 222 7.72 1.83 -35.64
C THR B 222 6.23 1.60 -35.76
N TYR B 223 5.67 0.87 -34.79
CA TYR B 223 4.23 0.64 -34.70
C TYR B 223 3.67 1.57 -33.64
N HIS B 224 2.82 2.50 -34.04
CA HIS B 224 2.25 3.49 -33.14
C HIS B 224 0.77 3.16 -32.91
N PHE B 225 0.34 3.43 -31.69
CA PHE B 225 -1.05 3.20 -31.27
C PHE B 225 -1.54 4.47 -30.61
N VAL B 226 -2.70 4.95 -31.06
CA VAL B 226 -3.43 6.03 -30.42
C VAL B 226 -4.52 5.41 -29.55
N MET B 227 -4.60 5.85 -28.31
CA MET B 227 -5.42 5.21 -27.29
C MET B 227 -6.15 6.28 -26.49
N GLN B 228 -7.45 6.07 -26.27
CA GLN B 228 -8.27 6.96 -25.45
C GLN B 228 -8.63 6.24 -24.17
N ARG B 229 -8.37 6.89 -23.04
CA ARG B 229 -8.74 6.34 -21.74
C ARG B 229 -10.25 6.29 -21.63
N LEU B 230 -10.74 5.21 -21.02
CA LEU B 230 -12.15 5.13 -20.66
C LEU B 230 -12.31 5.83 -19.32
N PRO B 231 -12.99 6.99 -19.23
CA PRO B 231 -12.91 7.81 -18.02
C PRO B 231 -13.91 7.48 -16.91
N LEU B 232 -14.71 6.43 -17.04
CA LEU B 232 -15.83 6.22 -16.13
C LEU B 232 -15.36 6.00 -14.70
N TYR B 233 -14.28 5.25 -14.51
CA TYR B 233 -13.77 4.99 -13.16
C TYR B 233 -13.39 6.29 -12.46
N PHE B 234 -12.64 7.16 -13.13
CA PHE B 234 -12.22 8.39 -12.49
C PHE B 234 -13.38 9.36 -12.31
N ILE B 235 -14.35 9.33 -13.23
CA ILE B 235 -15.54 10.15 -13.06
C ILE B 235 -16.31 9.73 -11.81
N VAL B 236 -16.49 8.42 -11.63
CA VAL B 236 -17.31 7.94 -10.54
C VAL B 236 -16.59 8.09 -9.21
N ASN B 237 -15.31 7.73 -9.15
CA ASN B 237 -14.59 7.64 -7.89
C ASN B 237 -13.89 8.93 -7.48
N VAL B 238 -13.56 9.81 -8.43
CA VAL B 238 -12.79 11.03 -8.14
C VAL B 238 -13.63 12.28 -8.35
N ILE B 239 -14.19 12.45 -9.54
CA ILE B 239 -14.77 13.74 -9.91
C ILE B 239 -16.05 14.02 -9.13
N ILE B 240 -16.93 13.02 -8.99
CA ILE B 240 -18.22 13.23 -8.35
C ILE B 240 -18.07 13.60 -6.88
N PRO B 241 -17.23 12.94 -6.08
CA PRO B 241 -17.00 13.43 -4.71
C PRO B 241 -16.46 14.85 -4.65
N CYS B 242 -15.56 15.22 -5.57
CA CYS B 242 -15.04 16.58 -5.60
C CYS B 242 -16.15 17.56 -5.89
N LEU B 243 -17.04 17.22 -6.82
CA LEU B 243 -18.18 18.06 -7.12
C LEU B 243 -19.11 18.21 -5.92
N LEU B 244 -19.35 17.11 -5.20
CA LEU B 244 -20.19 17.20 -4.01
C LEU B 244 -19.57 18.09 -2.94
N PHE B 245 -18.25 17.99 -2.72
CA PHE B 245 -17.59 18.87 -1.78
C PHE B 245 -17.66 20.32 -2.23
N SER B 246 -17.47 20.57 -3.53
CA SER B 246 -17.57 21.92 -4.06
C SER B 246 -18.96 22.50 -3.83
N PHE B 247 -20.00 21.68 -4.04
CA PHE B 247 -21.35 22.15 -3.77
C PHE B 247 -21.56 22.41 -2.29
N LEU B 248 -21.08 21.51 -1.43
CA LEU B 248 -21.27 21.69 0.01
C LEU B 248 -20.53 22.93 0.53
N THR B 249 -19.48 23.35 -0.17
CA THR B 249 -18.72 24.54 0.24
C THR B 249 -19.61 25.78 0.31
N GLY B 250 -20.47 25.99 -0.67
CA GLY B 250 -21.28 27.20 -0.71
C GLY B 250 -22.40 27.21 0.30
N LEU B 251 -22.84 26.03 0.77
CA LEU B 251 -23.99 25.96 1.65
C LEU B 251 -23.75 26.61 3.01
N VAL B 252 -22.49 26.84 3.40
CA VAL B 252 -22.23 27.49 4.68
C VAL B 252 -22.80 28.89 4.71
N PHE B 253 -22.87 29.56 3.55
CA PHE B 253 -23.32 30.95 3.49
C PHE B 253 -24.84 31.09 3.58
N TYR B 254 -25.60 29.99 3.58
CA TYR B 254 -27.01 30.01 3.94
C TYR B 254 -27.26 29.57 5.38
N LEU B 255 -26.24 29.10 6.10
CA LEU B 255 -26.38 28.73 7.50
C LEU B 255 -26.44 29.98 8.36
N PRO B 256 -27.36 30.09 9.32
CA PRO B 256 -27.30 31.24 10.23
C PRO B 256 -26.06 31.21 11.10
N THR B 257 -25.56 32.39 11.44
CA THR B 257 -24.43 32.48 12.37
C THR B 257 -24.82 31.98 13.75
N ASP B 258 -26.04 32.25 14.18
CA ASP B 258 -26.49 31.87 15.51
C ASP B 258 -26.63 30.35 15.69
N SER B 259 -26.52 29.56 14.61
CA SER B 259 -26.56 28.12 14.75
C SER B 259 -25.31 27.57 15.41
N GLY B 260 -24.20 28.30 15.34
CA GLY B 260 -22.95 27.80 15.88
C GLY B 260 -22.44 26.55 15.20
N GLU B 261 -22.65 26.45 13.88
CA GLU B 261 -22.26 25.28 13.10
C GLU B 261 -21.61 25.63 11.76
N LYS B 262 -21.36 26.91 11.48
CA LYS B 262 -20.72 27.26 10.22
C LYS B 262 -19.32 26.70 10.14
N MET B 263 -18.52 26.89 11.19
CA MET B 263 -17.17 26.36 11.18
C MET B 263 -17.18 24.84 11.18
N THR B 264 -18.15 24.23 11.87
CA THR B 264 -18.29 22.79 11.82
C THR B 264 -18.45 22.30 10.40
N LEU B 265 -19.38 22.90 9.65
CA LEU B 265 -19.64 22.49 8.27
C LEU B 265 -18.42 22.70 7.38
N SER B 266 -17.84 23.90 7.41
CA SER B 266 -16.74 24.20 6.50
C SER B 266 -15.51 23.35 6.83
N ILE B 267 -15.19 23.22 8.11
CA ILE B 267 -14.01 22.46 8.52
C ILE B 267 -14.21 20.99 8.22
N SER B 268 -15.44 20.48 8.40
CA SER B 268 -15.68 19.09 8.07
C SER B 268 -15.59 18.84 6.57
N VAL B 269 -16.05 19.78 5.75
CA VAL B 269 -15.87 19.67 4.31
C VAL B 269 -14.37 19.61 3.98
N LEU B 270 -13.58 20.45 4.62
CA LEU B 270 -12.14 20.43 4.37
C LEU B 270 -11.51 19.12 4.84
N LEU B 271 -11.95 18.60 5.98
CA LEU B 271 -11.41 17.34 6.48
C LEU B 271 -11.75 16.20 5.53
N SER B 272 -12.97 16.20 5.00
CA SER B 272 -13.32 15.23 3.98
C SER B 272 -12.45 15.36 2.75
N LEU B 273 -12.16 16.60 2.34
CA LEU B 273 -11.32 16.79 1.15
C LEU B 273 -9.89 16.31 1.41
N THR B 274 -9.38 16.57 2.62
CA THR B 274 -8.04 16.10 2.99
C THR B 274 -7.97 14.58 3.01
N VAL B 275 -8.97 13.91 3.58
CA VAL B 275 -9.02 12.45 3.54
C VAL B 275 -9.08 11.97 2.09
N PHE B 276 -9.81 12.70 1.25
CA PHE B 276 -9.90 12.37 -0.17
C PHE B 276 -8.57 12.52 -0.90
N LEU B 277 -7.67 13.35 -0.37
CA LEU B 277 -6.33 13.46 -0.93
C LEU B 277 -5.63 12.11 -1.02
N LEU B 278 -5.86 11.21 -0.06
CA LEU B 278 -5.28 9.87 -0.12
C LEU B 278 -5.73 9.13 -1.39
N VAL B 279 -7.05 9.14 -1.64
CA VAL B 279 -7.60 8.50 -2.84
C VAL B 279 -7.00 9.13 -4.09
N ILE B 280 -6.96 10.46 -4.11
CA ILE B 280 -6.53 11.12 -5.34
C ILE B 280 -5.07 10.83 -5.63
N VAL B 281 -4.19 10.98 -4.63
CA VAL B 281 -2.76 10.78 -4.89
C VAL B 281 -2.47 9.33 -5.26
N GLU B 282 -3.15 8.36 -4.65
CA GLU B 282 -2.88 7.00 -5.13
C GLU B 282 -3.40 6.79 -6.55
N LEU B 283 -4.53 7.42 -6.91
CA LEU B 283 -5.09 7.24 -8.24
C LEU B 283 -4.48 8.16 -9.29
N ILE B 284 -4.11 9.39 -8.91
CA ILE B 284 -3.53 10.34 -9.86
C ILE B 284 -2.12 9.91 -10.24
N PRO B 285 -1.60 10.29 -11.42
CA PRO B 285 -0.18 9.99 -11.71
C PRO B 285 0.77 10.94 -11.02
N SER B 286 1.81 10.40 -10.39
CA SER B 286 2.83 11.21 -9.71
C SER B 286 3.94 11.60 -10.70
N THR B 287 3.58 12.47 -11.64
CA THR B 287 4.51 13.06 -12.58
C THR B 287 4.40 14.58 -12.55
N SER B 288 5.46 15.25 -13.00
CA SER B 288 5.56 16.71 -12.97
C SER B 288 5.70 17.30 -14.37
N SER B 289 5.37 16.54 -15.41
CA SER B 289 5.39 17.10 -16.76
C SER B 289 4.33 18.17 -16.94
N ALA B 290 3.20 18.05 -16.24
CA ALA B 290 2.13 19.03 -16.29
C ALA B 290 1.15 18.70 -15.18
N VAL B 291 0.18 19.59 -14.98
CA VAL B 291 -0.88 19.41 -13.99
C VAL B 291 -2.06 18.73 -14.68
N PRO B 292 -2.53 17.59 -14.19
CA PRO B 292 -3.74 16.99 -14.75
C PRO B 292 -4.98 17.82 -14.45
N LEU B 293 -6.03 17.59 -15.25
CA LEU B 293 -7.31 18.23 -14.98
C LEU B 293 -7.86 17.80 -13.63
N ILE B 294 -7.64 16.54 -13.24
CA ILE B 294 -8.04 16.10 -11.91
C ILE B 294 -7.31 16.93 -10.86
N GLY B 295 -6.01 17.13 -11.05
CA GLY B 295 -5.25 17.93 -10.09
C GLY B 295 -5.70 19.38 -10.05
N LYS B 296 -5.96 19.97 -11.22
CA LYS B 296 -6.42 21.35 -11.26
C LYS B 296 -7.77 21.50 -10.55
N TYR B 297 -8.70 20.58 -10.81
CA TYR B 297 -10.00 20.65 -10.17
C TYR B 297 -9.87 20.42 -8.67
N MET B 298 -8.99 19.50 -8.27
CA MET B 298 -8.75 19.24 -6.86
C MET B 298 -8.22 20.47 -6.14
N LEU B 299 -7.20 21.12 -6.73
CA LEU B 299 -6.63 22.31 -6.13
C LEU B 299 -7.63 23.45 -6.10
N PHE B 300 -8.44 23.56 -7.16
CA PHE B 300 -9.52 24.56 -7.20
C PHE B 300 -10.47 24.38 -6.02
N THR B 301 -10.95 23.14 -5.81
CA THR B 301 -11.88 22.87 -4.72
C THR B 301 -11.24 23.13 -3.37
N MET B 302 -9.98 22.74 -3.21
CA MET B 302 -9.27 22.98 -1.95
C MET B 302 -9.16 24.47 -1.67
N VAL B 303 -8.72 25.23 -2.67
CA VAL B 303 -8.52 26.66 -2.50
C VAL B 303 -9.82 27.36 -2.14
N PHE B 304 -10.93 26.94 -2.76
CA PHE B 304 -12.18 27.66 -2.51
C PHE B 304 -12.87 27.20 -1.23
N VAL B 305 -12.62 25.97 -0.77
CA VAL B 305 -13.02 25.64 0.60
C VAL B 305 -12.26 26.50 1.61
N ILE B 306 -10.95 26.70 1.39
CA ILE B 306 -10.17 27.53 2.30
C ILE B 306 -10.67 28.97 2.24
N ALA B 307 -10.99 29.47 1.04
CA ALA B 307 -11.54 30.81 0.91
C ALA B 307 -12.87 30.93 1.63
N SER B 308 -13.71 29.91 1.53
CA SER B 308 -14.99 29.92 2.24
C SER B 308 -14.77 29.97 3.75
N ILE B 309 -13.76 29.23 4.24
CA ILE B 309 -13.49 29.25 5.68
C ILE B 309 -13.04 30.64 6.12
N ILE B 310 -12.16 31.27 5.35
CA ILE B 310 -11.67 32.61 5.70
C ILE B 310 -12.82 33.61 5.71
N ILE B 311 -13.63 33.61 4.65
CA ILE B 311 -14.71 34.59 4.58
C ILE B 311 -15.77 34.28 5.62
N THR B 312 -15.98 33.01 5.98
CA THR B 312 -16.92 32.68 7.04
C THR B 312 -16.44 33.19 8.38
N VAL B 313 -15.13 33.12 8.65
CA VAL B 313 -14.59 33.70 9.87
C VAL B 313 -14.86 35.20 9.89
N ILE B 314 -14.66 35.87 8.75
CA ILE B 314 -14.94 37.30 8.68
C ILE B 314 -16.43 37.57 8.94
N VAL B 315 -17.31 36.75 8.37
CA VAL B 315 -18.75 36.95 8.54
C VAL B 315 -19.16 36.76 10.00
N ILE B 316 -18.64 35.72 10.65
CA ILE B 316 -18.96 35.48 12.06
C ILE B 316 -18.46 36.62 12.93
N ASN B 317 -17.24 37.10 12.65
CA ASN B 317 -16.69 38.21 13.40
C ASN B 317 -17.58 39.44 13.25
N THR B 318 -18.03 39.73 12.03
CA THR B 318 -18.92 40.86 11.80
C THR B 318 -20.24 40.66 12.54
N HIS B 319 -20.78 39.44 12.51
CA HIS B 319 -22.07 39.17 13.13
C HIS B 319 -22.03 39.42 14.63
N HIS B 320 -20.91 39.06 15.28
CA HIS B 320 -20.84 39.17 16.73
C HIS B 320 -20.46 40.56 17.22
N ARG B 321 -20.24 41.53 16.35
CA ARG B 321 -19.91 42.88 16.78
C ARG B 321 -21.08 43.54 17.49
N SER B 322 -20.77 44.31 18.53
CA SER B 322 -21.75 45.00 19.36
C SER B 322 -21.21 46.38 19.70
N PRO B 323 -22.05 47.32 20.17
CA PRO B 323 -21.53 48.66 20.49
C PRO B 323 -20.49 48.67 21.61
N SER B 324 -20.44 47.63 22.44
CA SER B 324 -19.46 47.57 23.52
C SER B 324 -18.06 47.21 23.03
N THR B 325 -17.90 46.90 21.74
CA THR B 325 -16.61 46.55 21.16
C THR B 325 -16.27 47.40 19.93
N HIS B 326 -17.25 47.69 19.08
CA HIS B 326 -17.03 48.43 17.85
C HIS B 326 -18.08 49.52 17.70
N VAL B 327 -17.78 50.47 16.82
CA VAL B 327 -18.74 51.48 16.37
C VAL B 327 -18.90 51.32 14.86
N MET B 328 -20.14 51.39 14.41
CA MET B 328 -20.44 51.09 13.02
C MET B 328 -19.92 52.20 12.12
N PRO B 329 -19.04 51.93 11.15
CA PRO B 329 -18.66 53.00 10.22
C PRO B 329 -19.81 53.39 9.31
N ASN B 330 -19.80 54.65 8.88
CA ASN B 330 -20.88 55.15 8.04
C ASN B 330 -20.90 54.49 6.68
N TRP B 331 -19.73 54.21 6.10
CA TRP B 331 -19.70 53.58 4.78
C TRP B 331 -20.27 52.17 4.84
N VAL B 332 -20.08 51.48 5.97
CA VAL B 332 -20.69 50.15 6.12
C VAL B 332 -22.21 50.27 6.11
N ARG B 333 -22.74 51.26 6.85
CA ARG B 333 -24.18 51.52 6.84
C ARG B 333 -24.67 51.75 5.43
N LYS B 334 -24.00 52.66 4.71
CA LYS B 334 -24.45 52.98 3.36
C LYS B 334 -24.38 51.75 2.45
N VAL B 335 -23.24 51.06 2.43
CA VAL B 335 -23.05 50.00 1.45
C VAL B 335 -23.98 48.83 1.73
N PHE B 336 -23.98 48.34 2.98
CA PHE B 336 -24.65 47.08 3.30
C PHE B 336 -26.09 47.24 3.80
N ILE B 337 -26.41 48.33 4.51
CA ILE B 337 -27.73 48.51 5.08
C ILE B 337 -28.63 49.36 4.17
N ASP B 338 -28.08 50.12 3.22
CA ASP B 338 -28.86 51.01 2.37
C ASP B 338 -28.85 50.63 0.89
N THR B 339 -27.70 50.57 0.21
CA THR B 339 -27.70 50.32 -1.23
C THR B 339 -27.92 48.86 -1.61
N ILE B 340 -27.09 47.94 -1.14
CA ILE B 340 -27.13 46.54 -1.62
C ILE B 340 -28.49 45.87 -1.40
N PRO B 341 -29.14 46.00 -0.23
CA PRO B 341 -30.43 45.30 -0.07
C PRO B 341 -31.53 45.77 -1.01
N ASN B 342 -31.39 46.94 -1.63
CA ASN B 342 -32.41 47.42 -2.56
C ASN B 342 -32.49 46.53 -3.80
N ILE B 343 -31.37 45.91 -4.17
CA ILE B 343 -31.27 45.14 -5.41
C ILE B 343 -31.23 43.66 -5.08
N MET B 344 -31.91 43.27 -3.99
CA MET B 344 -31.90 41.91 -3.48
C MET B 344 -33.35 41.48 -3.24
N PHE B 345 -33.52 40.35 -2.55
CA PHE B 345 -34.85 39.78 -2.33
C PHE B 345 -35.78 40.77 -1.65
N PHE B 346 -35.30 41.42 -0.59
CA PHE B 346 -36.00 42.39 0.24
C PHE B 346 -37.00 41.71 1.19
N SER B 347 -37.15 40.38 1.15
CA SER B 347 -37.95 39.70 2.17
C SER B 347 -37.37 39.93 3.56
N THR B 348 -36.06 40.12 3.65
CA THR B 348 -35.42 40.47 4.91
C THR B 348 -35.71 41.92 5.27
N MET B 349 -36.09 42.16 6.52
CA MET B 349 -36.41 43.50 6.98
C MET B 349 -35.14 44.27 7.27
N LYS B 350 -35.12 45.53 6.86
CA LYS B 350 -33.94 46.38 7.00
C LYS B 350 -33.59 46.62 8.46
N LEU B 386 -45.36 61.30 52.56
CA LEU B 386 -45.13 59.87 52.45
C LEU B 386 -43.97 59.58 51.51
N ILE B 387 -43.79 60.42 50.50
CA ILE B 387 -42.71 60.23 49.53
C ILE B 387 -41.35 60.39 50.23
N LYS B 388 -41.29 61.26 51.22
CA LYS B 388 -40.02 61.62 51.86
C LYS B 388 -39.33 60.45 52.56
N HIS B 389 -40.06 59.37 52.82
CA HIS B 389 -39.46 58.21 53.47
C HIS B 389 -38.32 57.66 52.61
N PRO B 390 -37.13 57.39 53.18
CA PRO B 390 -36.00 57.04 52.32
C PRO B 390 -36.20 55.79 51.49
N GLU B 391 -36.92 54.80 52.03
CA GLU B 391 -37.18 53.59 51.26
C GLU B 391 -38.07 53.87 50.05
N VAL B 392 -39.06 54.75 50.20
CA VAL B 392 -39.89 55.12 49.06
C VAL B 392 -39.08 55.83 47.98
N LYS B 393 -38.22 56.77 48.38
CA LYS B 393 -37.37 57.46 47.41
C LYS B 393 -36.43 56.48 46.71
N SER B 394 -35.84 55.55 47.47
CA SER B 394 -34.96 54.56 46.89
C SER B 394 -35.72 53.68 45.91
N ALA B 395 -36.94 53.28 46.24
CA ALA B 395 -37.75 52.49 45.32
C ALA B 395 -38.04 53.26 44.04
N ILE B 396 -38.39 54.54 44.16
CA ILE B 396 -38.73 55.33 42.98
C ILE B 396 -37.52 55.46 42.06
N GLU B 397 -36.37 55.81 42.64
CA GLU B 397 -35.14 55.87 41.85
C GLU B 397 -34.83 54.51 41.25
N GLY B 398 -35.21 53.43 41.93
CA GLY B 398 -34.99 52.10 41.39
C GLY B 398 -35.82 51.80 40.16
N ILE B 399 -37.09 52.16 40.18
CA ILE B 399 -37.94 51.96 39.00
C ILE B 399 -37.40 52.78 37.83
N LYS B 400 -36.98 54.03 38.11
CA LYS B 400 -36.38 54.83 37.05
C LYS B 400 -35.10 54.17 36.53
N TYR B 401 -34.29 53.61 37.42
CA TYR B 401 -33.06 52.95 37.02
C TYR B 401 -33.34 51.74 36.13
N ILE B 402 -34.37 50.96 36.47
CA ILE B 402 -34.72 49.80 35.65
C ILE B 402 -35.14 50.26 34.26
N ALA B 403 -35.96 51.31 34.19
CA ALA B 403 -36.41 51.81 32.90
C ALA B 403 -35.22 52.28 32.06
N GLU B 404 -34.31 53.05 32.66
CA GLU B 404 -33.18 53.57 31.89
C GLU B 404 -32.25 52.45 31.45
N THR B 405 -32.01 51.46 32.32
CA THR B 405 -31.15 50.35 31.94
C THR B 405 -31.75 49.58 30.77
N MET B 406 -33.07 49.36 30.78
CA MET B 406 -33.67 48.61 29.69
C MET B 406 -33.70 49.42 28.40
N LYS B 407 -33.82 50.75 28.51
CA LYS B 407 -33.72 51.58 27.32
C LYS B 407 -32.32 51.49 26.71
N SER B 408 -31.30 51.56 27.55
CA SER B 408 -29.92 51.43 27.08
C SER B 408 -29.70 50.06 26.44
N ASP B 409 -30.24 49.02 27.07
CA ASP B 409 -30.10 47.68 26.51
C ASP B 409 -30.80 47.57 25.17
N GLN B 410 -31.96 48.21 25.01
CA GLN B 410 -32.66 48.19 23.74
C GLN B 410 -31.84 48.86 22.65
N GLU B 411 -31.22 50.01 22.96
CA GLU B 411 -30.38 50.67 21.96
C GLU B 411 -29.18 49.80 21.58
N SER B 412 -28.55 49.18 22.58
CA SER B 412 -27.41 48.31 22.31
C SER B 412 -27.83 47.12 21.44
N ASN B 413 -29.00 46.54 21.73
CA ASN B 413 -29.48 45.42 20.92
C ASN B 413 -29.81 45.85 19.50
N ASN B 414 -30.33 47.07 19.32
CA ASN B 414 -30.59 47.54 17.96
C ASN B 414 -29.30 47.68 17.16
N ALA B 415 -28.26 48.24 17.79
CA ALA B 415 -26.98 48.35 17.08
C ALA B 415 -26.41 46.96 16.77
N ALA B 416 -26.50 46.03 17.72
CA ALA B 416 -26.07 44.66 17.47
C ALA B 416 -26.86 44.04 16.32
N ALA B 417 -28.16 44.33 16.27
CA ALA B 417 -29.00 43.81 15.19
C ALA B 417 -28.56 44.37 13.84
N GLU B 418 -28.13 45.64 13.81
CA GLU B 418 -27.61 46.19 12.57
C GLU B 418 -26.36 45.44 12.12
N TRP B 419 -25.48 45.12 13.06
CA TRP B 419 -24.30 44.32 12.71
C TRP B 419 -24.71 42.95 12.16
N LYS B 420 -25.69 42.31 12.81
CA LYS B 420 -26.15 41.00 12.36
C LYS B 420 -26.75 41.08 10.96
N TYR B 421 -27.49 42.17 10.68
CA TYR B 421 -28.07 42.37 9.35
C TYR B 421 -26.96 42.49 8.30
N VAL B 422 -25.91 43.23 8.61
CA VAL B 422 -24.81 43.37 7.67
C VAL B 422 -24.17 42.01 7.39
N ALA B 423 -23.97 41.21 8.44
CA ALA B 423 -23.40 39.88 8.26
C ALA B 423 -24.29 39.02 7.37
N MET B 424 -25.60 39.10 7.58
CA MET B 424 -26.55 38.33 6.77
C MET B 424 -26.48 38.74 5.30
N VAL B 425 -26.41 40.04 5.03
CA VAL B 425 -26.35 40.51 3.64
C VAL B 425 -25.07 40.01 2.97
N MET B 426 -23.96 40.08 3.70
CA MET B 426 -22.71 39.51 3.20
C MET B 426 -22.87 38.03 2.88
N ASP B 427 -23.55 37.30 3.76
CA ASP B 427 -23.75 35.87 3.54
C ASP B 427 -24.55 35.59 2.28
N HIS B 428 -25.61 36.38 2.03
CA HIS B 428 -26.39 36.16 0.82
C HIS B 428 -25.57 36.40 -0.44
N ILE B 429 -24.82 37.52 -0.45
CA ILE B 429 -23.97 37.82 -1.60
C ILE B 429 -22.97 36.69 -1.83
N LEU B 430 -22.35 36.21 -0.75
CA LEU B 430 -21.35 35.17 -0.87
C LEU B 430 -21.94 33.82 -1.28
N LEU B 431 -23.17 33.52 -0.86
CA LEU B 431 -23.84 32.33 -1.35
C LEU B 431 -23.96 32.37 -2.87
N GLY B 432 -24.45 33.50 -3.39
CA GLY B 432 -24.54 33.62 -4.84
C GLY B 432 -23.18 33.48 -5.52
N VAL B 433 -22.17 34.18 -4.98
CA VAL B 433 -20.84 34.17 -5.59
C VAL B 433 -20.26 32.75 -5.59
N PHE B 434 -20.38 32.04 -4.47
CA PHE B 434 -19.71 30.75 -4.36
C PHE B 434 -20.42 29.69 -5.17
N MET B 435 -21.76 29.72 -5.25
CA MET B 435 -22.42 28.75 -6.14
C MET B 435 -22.08 29.03 -7.59
N LEU B 436 -22.05 30.31 -7.99
CA LEU B 436 -21.66 30.62 -9.35
C LEU B 436 -20.22 30.18 -9.63
N VAL B 437 -19.32 30.38 -8.66
CA VAL B 437 -17.93 29.99 -8.85
C VAL B 437 -17.80 28.47 -8.95
N CYS B 438 -18.59 27.73 -8.18
CA CYS B 438 -18.59 26.28 -8.30
C CYS B 438 -18.96 25.85 -9.71
N ILE B 439 -20.05 26.42 -10.26
CA ILE B 439 -20.45 26.08 -11.62
C ILE B 439 -19.36 26.50 -12.62
N ILE B 440 -18.84 27.71 -12.48
CA ILE B 440 -17.92 28.26 -13.48
C ILE B 440 -16.62 27.46 -13.49
N GLY B 441 -16.11 27.10 -12.31
CA GLY B 441 -14.91 26.28 -12.28
C GLY B 441 -15.12 24.88 -12.80
N THR B 442 -16.26 24.26 -12.45
CA THR B 442 -16.56 22.94 -12.97
C THR B 442 -16.60 22.95 -14.49
N LEU B 443 -17.10 24.04 -15.09
CA LEU B 443 -17.06 24.14 -16.55
C LEU B 443 -15.66 24.48 -17.05
N ALA B 444 -14.99 25.45 -16.44
CA ALA B 444 -13.71 25.92 -16.95
C ALA B 444 -12.63 24.86 -16.92
N VAL B 445 -12.76 23.85 -16.05
CA VAL B 445 -11.75 22.80 -16.00
C VAL B 445 -11.98 21.70 -17.03
N PHE B 446 -13.23 21.39 -17.37
CA PHE B 446 -13.58 20.21 -18.16
C PHE B 446 -14.18 20.50 -19.53
N ALA B 447 -14.92 21.60 -19.67
CA ALA B 447 -15.79 21.83 -20.82
C ALA B 447 -15.01 21.85 -22.12
N GLY B 448 -13.81 22.45 -22.12
CA GLY B 448 -13.03 22.50 -23.34
C GLY B 448 -12.71 21.12 -23.88
N ARG B 449 -12.20 20.24 -23.02
CA ARG B 449 -11.87 18.89 -23.47
C ARG B 449 -13.13 18.11 -23.83
N LEU B 450 -14.20 18.26 -23.05
CA LEU B 450 -15.42 17.51 -23.37
C LEU B 450 -16.03 17.97 -24.69
N ILE B 451 -15.97 19.27 -24.98
CA ILE B 451 -16.44 19.77 -26.26
C ILE B 451 -15.55 19.24 -27.39
N GLU B 452 -14.24 19.23 -27.17
CA GLU B 452 -13.31 18.74 -28.20
C GLU B 452 -13.57 17.27 -28.49
N LEU B 453 -13.87 16.48 -27.46
CA LEU B 453 -14.14 15.06 -27.69
C LEU B 453 -15.50 14.84 -28.32
N ASN B 454 -16.51 15.64 -27.93
CA ASN B 454 -17.81 15.53 -28.58
C ASN B 454 -17.73 15.95 -30.03
N GLN B 455 -16.87 16.91 -30.34
CA GLN B 455 -16.70 17.41 -31.71
C GLN B 455 -15.81 16.50 -32.56
N GLN B 456 -15.45 15.32 -32.08
CA GLN B 456 -14.66 14.36 -32.85
C GLN B 456 -15.31 14.03 -34.18
N SER C 24 48.99 -15.38 -25.65
CA SER C 24 48.99 -16.15 -24.38
C SER C 24 49.12 -17.64 -24.65
N GLU C 25 50.02 -18.00 -25.57
CA GLU C 25 50.21 -19.41 -25.90
C GLU C 25 50.80 -20.17 -24.71
N ALA C 26 51.67 -19.52 -23.94
CA ALA C 26 52.20 -20.14 -22.73
C ALA C 26 51.09 -20.42 -21.72
N GLU C 27 50.17 -19.47 -21.55
CA GLU C 27 49.04 -19.69 -20.66
C GLU C 27 48.15 -20.81 -21.17
N GLY C 28 47.95 -20.90 -22.49
CA GLY C 28 47.17 -21.99 -23.04
C GLY C 28 47.81 -23.34 -22.77
N ARG C 29 49.13 -23.45 -22.97
CA ARG C 29 49.82 -24.70 -22.70
C ARG C 29 49.73 -25.06 -21.22
N LEU C 30 49.89 -24.07 -20.34
CA LEU C 30 49.79 -24.34 -18.90
C LEU C 30 48.40 -24.82 -18.53
N ARG C 31 47.36 -24.17 -19.06
CA ARG C 31 45.99 -24.60 -18.76
C ARG C 31 45.73 -26.01 -19.25
N GLU C 32 46.19 -26.32 -20.46
CA GLU C 32 46.00 -27.67 -20.98
C GLU C 32 46.72 -28.70 -20.11
N LYS C 33 47.93 -28.37 -19.64
CA LYS C 33 48.63 -29.29 -18.75
C LYS C 33 47.89 -29.47 -17.43
N LEU C 34 47.38 -28.37 -16.86
CA LEU C 34 46.75 -28.44 -15.55
C LEU C 34 45.42 -29.19 -15.57
N PHE C 35 44.65 -29.07 -16.65
CA PHE C 35 43.31 -29.64 -16.69
C PHE C 35 43.23 -30.96 -17.46
N SER C 36 44.35 -31.59 -17.77
CA SER C 36 44.34 -32.94 -18.33
C SER C 36 44.15 -33.93 -17.20
N GLY C 37 43.03 -34.65 -17.22
CA GLY C 37 42.71 -35.60 -16.18
C GLY C 37 42.13 -35.00 -14.91
N TYR C 38 41.89 -33.69 -14.88
CA TYR C 38 41.36 -33.04 -13.70
C TYR C 38 39.84 -33.22 -13.66
N ASP C 39 39.33 -33.59 -12.48
CA ASP C 39 37.90 -33.75 -12.25
C ASP C 39 37.45 -32.69 -11.25
N SER C 40 36.68 -31.71 -11.73
CA SER C 40 36.24 -30.63 -10.85
C SER C 40 35.19 -31.06 -9.83
N SER C 41 34.62 -32.25 -9.97
CA SER C 41 33.65 -32.75 -9.01
C SER C 41 34.30 -33.54 -7.87
N VAL C 42 35.59 -33.83 -7.94
CA VAL C 42 36.29 -34.63 -6.94
C VAL C 42 37.06 -33.70 -6.01
N ARG C 43 36.81 -33.83 -4.71
CA ARG C 43 37.51 -33.03 -3.71
C ARG C 43 39.00 -33.35 -3.73
N PRO C 44 39.89 -32.34 -3.63
CA PRO C 44 41.33 -32.65 -3.65
C PRO C 44 41.85 -33.18 -2.32
N ALA C 45 42.15 -34.48 -2.28
CA ALA C 45 42.75 -35.13 -1.13
C ALA C 45 43.73 -36.16 -1.67
N ARG C 46 45.04 -35.88 -1.51
CA ARG C 46 46.05 -36.79 -2.06
C ARG C 46 45.95 -38.18 -1.43
N GLU C 47 45.53 -38.24 -0.17
CA GLU C 47 45.36 -39.51 0.54
C GLU C 47 43.98 -39.52 1.18
N VAL C 48 43.42 -40.71 1.33
CA VAL C 48 42.14 -40.85 2.00
C VAL C 48 42.31 -40.46 3.46
N GLY C 49 41.53 -39.48 3.91
CA GLY C 49 41.64 -38.92 5.24
C GLY C 49 42.16 -37.49 5.27
N ASP C 50 42.78 -37.03 4.19
CA ASP C 50 43.25 -35.65 4.14
C ASP C 50 42.06 -34.70 4.11
N ARG C 51 42.09 -33.72 5.02
CA ARG C 51 41.07 -32.68 5.06
C ARG C 51 41.52 -31.49 4.24
N VAL C 52 40.59 -30.90 3.49
CA VAL C 52 40.85 -29.66 2.78
C VAL C 52 40.54 -28.51 3.72
N ARG C 53 41.55 -27.70 4.01
CA ARG C 53 41.36 -26.53 4.85
C ARG C 53 40.86 -25.38 3.99
N VAL C 54 39.70 -24.82 4.36
CA VAL C 54 39.10 -23.72 3.64
C VAL C 54 39.04 -22.52 4.58
N SER C 55 39.71 -21.45 4.20
CA SER C 55 39.66 -20.19 4.92
C SER C 55 38.50 -19.36 4.40
N VAL C 56 37.62 -18.92 5.30
CA VAL C 56 36.38 -18.24 4.96
C VAL C 56 36.44 -16.84 5.57
N GLY C 57 36.30 -15.81 4.74
CA GLY C 57 36.16 -14.44 5.19
C GLY C 57 35.03 -13.75 4.42
N LEU C 58 34.69 -12.56 4.88
CA LEU C 58 33.58 -11.81 4.31
C LEU C 58 33.92 -10.33 4.23
N ILE C 59 33.63 -9.72 3.09
CA ILE C 59 33.70 -8.28 2.90
C ILE C 59 32.28 -7.79 2.67
N LEU C 60 31.86 -6.77 3.41
CA LEU C 60 30.50 -6.24 3.33
C LEU C 60 30.53 -5.00 2.44
N ALA C 61 29.96 -5.11 1.23
CA ALA C 61 29.91 -3.96 0.34
C ALA C 61 28.77 -3.01 0.71
N GLN C 62 27.63 -3.56 1.13
CA GLN C 62 26.47 -2.75 1.49
C GLN C 62 25.55 -3.54 2.41
N LEU C 63 25.05 -2.88 3.44
CA LEU C 63 23.93 -3.39 4.22
C LEU C 63 22.66 -2.85 3.55
N ILE C 64 22.05 -3.66 2.69
CA ILE C 64 20.94 -3.18 1.88
C ILE C 64 19.74 -2.83 2.76
N SER C 65 19.30 -3.76 3.60
CA SER C 65 18.17 -3.44 4.47
C SER C 65 18.03 -4.51 5.54
N LEU C 66 17.18 -4.20 6.52
CA LEU C 66 16.68 -5.18 7.49
C LEU C 66 15.17 -5.02 7.51
N ASN C 67 14.46 -5.94 6.86
CA ASN C 67 13.00 -5.89 6.80
C ASN C 67 12.45 -6.54 8.06
N GLU C 68 11.77 -5.73 8.87
CA GLU C 68 11.16 -6.22 10.11
C GLU C 68 9.91 -7.03 9.84
N LYS C 69 9.16 -6.68 8.79
CA LYS C 69 7.96 -7.44 8.45
C LYS C 69 8.32 -8.87 8.05
N ASP C 70 9.28 -9.03 7.14
CA ASP C 70 9.73 -10.33 6.70
C ASP C 70 10.82 -10.93 7.58
N GLU C 71 11.33 -10.17 8.55
CA GLU C 71 12.36 -10.64 9.47
C GLU C 71 13.59 -11.14 8.70
N GLU C 72 14.09 -10.31 7.78
CA GLU C 72 15.21 -10.73 6.95
C GLU C 72 16.17 -9.57 6.70
N MET C 73 17.46 -9.88 6.78
CA MET C 73 18.54 -8.93 6.49
C MET C 73 19.03 -9.17 5.06
N SER C 74 19.00 -8.12 4.26
CA SER C 74 19.51 -8.13 2.89
C SER C 74 20.85 -7.42 2.84
N THR C 75 21.88 -8.12 2.37
CA THR C 75 23.23 -7.58 2.27
C THR C 75 23.84 -7.90 0.91
N LYS C 76 24.78 -7.05 0.50
CA LYS C 76 25.67 -7.32 -0.62
C LYS C 76 27.08 -7.51 -0.06
N VAL C 77 27.72 -8.60 -0.45
CA VAL C 77 29.00 -9.02 0.12
C VAL C 77 29.89 -9.57 -0.98
N TYR C 78 31.18 -9.65 -0.68
CA TYR C 78 32.12 -10.49 -1.39
C TYR C 78 32.63 -11.53 -0.40
N LEU C 79 32.37 -12.80 -0.69
CA LEU C 79 33.01 -13.86 0.08
C LEU C 79 34.51 -13.84 -0.22
N ASP C 80 35.29 -14.43 0.66
CA ASP C 80 36.74 -14.53 0.49
C ASP C 80 37.13 -15.94 0.90
N LEU C 81 37.20 -16.85 -0.09
CA LEU C 81 37.45 -18.25 0.14
C LEU C 81 38.85 -18.59 -0.34
N GLU C 82 39.62 -19.30 0.49
CA GLU C 82 40.97 -19.72 0.15
C GLU C 82 41.17 -21.18 0.48
N TRP C 83 41.80 -21.91 -0.44
CA TRP C 83 42.10 -23.32 -0.18
C TRP C 83 43.20 -23.77 -1.13
N THR C 84 43.83 -24.88 -0.79
CA THR C 84 44.90 -25.46 -1.60
C THR C 84 44.38 -26.66 -2.38
N ASP C 85 44.64 -26.69 -3.68
CA ASP C 85 44.33 -27.82 -4.56
C ASP C 85 45.66 -28.28 -5.15
N TYR C 86 46.15 -29.43 -4.68
CA TYR C 86 47.47 -29.91 -5.08
C TYR C 86 47.55 -30.20 -6.57
N ARG C 87 46.42 -30.51 -7.21
CA ARG C 87 46.42 -30.81 -8.64
C ARG C 87 46.71 -29.58 -9.50
N LEU C 88 46.48 -28.38 -8.98
CA LEU C 88 46.63 -27.13 -9.73
C LEU C 88 47.94 -26.42 -9.42
N SER C 89 49.01 -27.19 -9.21
CA SER C 89 50.33 -26.64 -8.93
C SER C 89 51.24 -26.86 -10.14
N TRP C 90 52.21 -25.96 -10.29
CA TRP C 90 53.16 -26.06 -11.40
C TRP C 90 54.42 -25.30 -11.03
N ASP C 91 55.49 -25.54 -11.81
CA ASP C 91 56.74 -24.84 -11.65
C ASP C 91 56.76 -23.63 -12.58
N PRO C 92 56.86 -22.38 -12.08
CA PRO C 92 56.83 -21.24 -13.01
C PRO C 92 57.95 -21.23 -14.03
N ALA C 93 59.14 -21.71 -13.67
CA ALA C 93 60.29 -21.64 -14.58
C ALA C 93 60.06 -22.45 -15.84
N GLU C 94 59.26 -23.51 -15.76
CA GLU C 94 58.95 -24.34 -16.91
C GLU C 94 57.78 -23.78 -17.73
N HIS C 95 57.21 -22.63 -17.36
CA HIS C 95 56.04 -22.08 -18.01
C HIS C 95 56.16 -20.58 -18.19
N ASP C 96 57.33 -20.14 -18.66
CA ASP C 96 57.59 -18.73 -18.99
C ASP C 96 57.41 -17.81 -17.78
N GLY C 97 57.67 -18.33 -16.59
CA GLY C 97 57.56 -17.51 -15.40
C GLY C 97 56.16 -17.13 -15.00
N ILE C 98 55.15 -17.85 -15.49
CA ILE C 98 53.77 -17.59 -15.09
C ILE C 98 53.60 -18.08 -13.66
N ASP C 99 53.37 -17.15 -12.74
CA ASP C 99 53.23 -17.47 -11.32
C ASP C 99 51.78 -17.58 -10.87
N SER C 100 50.81 -17.17 -11.68
CA SER C 100 49.41 -17.26 -11.30
C SER C 100 48.54 -17.28 -12.55
N LEU C 101 47.31 -17.76 -12.36
CA LEU C 101 46.31 -17.87 -13.41
C LEU C 101 44.97 -17.39 -12.88
N ARG C 102 44.13 -16.92 -13.80
CA ARG C 102 42.73 -16.61 -13.51
C ARG C 102 41.85 -17.54 -14.33
N ILE C 103 41.03 -18.33 -13.65
CA ILE C 103 40.30 -19.44 -14.26
C ILE C 103 38.83 -19.33 -13.88
N THR C 104 37.96 -19.66 -14.84
CA THR C 104 36.53 -19.67 -14.55
C THR C 104 36.23 -20.67 -13.44
N ALA C 105 35.41 -20.24 -12.47
CA ALA C 105 35.23 -21.00 -11.24
C ALA C 105 34.64 -22.38 -11.51
N GLU C 106 33.83 -22.51 -12.55
CA GLU C 106 33.22 -23.81 -12.86
C GLU C 106 34.25 -24.83 -13.34
N SER C 107 35.46 -24.39 -13.71
CA SER C 107 36.47 -25.31 -14.23
C SER C 107 37.24 -26.04 -13.14
N VAL C 108 37.20 -25.56 -11.90
CA VAL C 108 37.96 -26.15 -10.79
C VAL C 108 36.99 -26.66 -9.74
N TRP C 109 37.51 -27.52 -8.85
CA TRP C 109 36.75 -27.91 -7.69
C TRP C 109 36.56 -26.70 -6.78
N LEU C 110 35.33 -26.54 -6.29
CA LEU C 110 34.98 -25.50 -5.35
C LEU C 110 34.51 -26.14 -4.05
N PRO C 111 34.79 -25.55 -2.89
CA PRO C 111 34.11 -26.00 -1.69
C PRO C 111 32.67 -25.48 -1.74
N ASP C 112 31.73 -26.34 -1.36
CA ASP C 112 30.32 -26.02 -1.53
C ASP C 112 29.82 -25.16 -0.36
N VAL C 113 30.50 -24.03 -0.16
CA VAL C 113 30.18 -23.13 0.94
C VAL C 113 28.96 -22.33 0.58
N VAL C 114 27.94 -22.39 1.45
CA VAL C 114 26.66 -21.75 1.22
C VAL C 114 26.24 -21.05 2.50
N LEU C 115 25.34 -20.08 2.35
CA LEU C 115 24.67 -19.45 3.46
C LEU C 115 23.55 -20.37 3.92
N LEU C 116 23.73 -20.97 5.10
CA LEU C 116 22.76 -21.94 5.58
C LEU C 116 21.46 -21.29 6.01
N ASN C 117 21.53 -20.09 6.59
CA ASN C 117 20.36 -19.42 7.16
C ASN C 117 19.73 -18.42 6.21
N ASN C 118 19.76 -18.69 4.90
CA ASN C 118 19.07 -17.82 3.96
C ASN C 118 17.55 -17.91 4.18
N ASN C 119 16.87 -16.80 3.88
CA ASN C 119 15.44 -16.69 4.10
C ASN C 119 14.61 -16.90 2.84
N ASP C 120 15.22 -16.80 1.65
CA ASP C 120 14.49 -16.83 0.39
C ASP C 120 14.70 -18.12 -0.40
N GLY C 121 15.43 -19.09 0.14
CA GLY C 121 15.74 -20.31 -0.57
C GLY C 121 17.00 -20.26 -1.41
N ASN C 122 17.62 -19.09 -1.55
CA ASN C 122 18.85 -18.94 -2.34
C ASN C 122 20.05 -19.21 -1.44
N PHE C 123 20.83 -20.22 -1.78
CA PHE C 123 21.99 -20.64 -1.01
C PHE C 123 23.30 -20.11 -1.57
N ASP C 124 23.35 -19.77 -2.85
CA ASP C 124 24.60 -19.66 -3.59
C ASP C 124 24.98 -18.19 -3.83
N VAL C 125 26.11 -18.01 -4.52
CA VAL C 125 26.65 -16.67 -4.80
C VAL C 125 25.94 -16.07 -6.01
N ALA C 126 26.08 -14.76 -6.15
CA ALA C 126 25.38 -14.04 -7.22
C ALA C 126 26.04 -14.27 -8.57
N LEU C 127 27.37 -14.33 -8.61
CA LEU C 127 28.12 -14.49 -9.85
C LEU C 127 29.35 -15.34 -9.56
N ASP C 128 29.57 -16.38 -10.38
CA ASP C 128 30.64 -17.32 -10.10
C ASP C 128 32.02 -16.72 -10.33
N ILE C 129 32.14 -15.81 -11.31
CA ILE C 129 33.36 -15.10 -11.69
C ILE C 129 34.57 -16.01 -11.97
N SER C 130 35.71 -15.77 -11.31
CA SER C 130 36.95 -16.45 -11.60
C SER C 130 37.70 -16.64 -10.28
N VAL C 131 38.42 -17.75 -10.22
CA VAL C 131 39.36 -18.05 -9.15
C VAL C 131 40.74 -17.57 -9.60
N VAL C 132 41.57 -17.23 -8.62
CA VAL C 132 42.98 -16.93 -8.83
C VAL C 132 43.78 -18.08 -8.27
N VAL C 133 44.53 -18.78 -9.12
CA VAL C 133 45.30 -19.95 -8.74
C VAL C 133 46.78 -19.59 -8.79
N SER C 134 47.49 -19.86 -7.70
CA SER C 134 48.93 -19.64 -7.63
C SER C 134 49.67 -20.92 -8.01
N SER C 135 50.98 -20.77 -8.24
CA SER C 135 51.78 -21.90 -8.72
C SER C 135 51.88 -23.01 -7.67
N ASP C 136 51.73 -22.68 -6.39
CA ASP C 136 51.79 -23.69 -5.33
C ASP C 136 50.46 -24.41 -5.12
N GLY C 137 49.46 -24.16 -5.96
CA GLY C 137 48.15 -24.76 -5.78
C GLY C 137 47.20 -23.96 -4.92
N SER C 138 47.62 -22.82 -4.40
CA SER C 138 46.72 -21.98 -3.64
C SER C 138 45.68 -21.37 -4.56
N VAL C 139 44.41 -21.44 -4.15
CA VAL C 139 43.28 -20.95 -4.91
C VAL C 139 42.56 -19.94 -4.03
N ARG C 140 42.39 -18.73 -4.55
CA ARG C 140 41.60 -17.67 -3.93
C ARG C 140 40.41 -17.37 -4.81
N TRP C 141 39.23 -17.32 -4.20
CA TRP C 141 37.97 -17.07 -4.89
C TRP C 141 37.21 -16.02 -4.11
N GLN C 142 36.76 -14.98 -4.81
CA GLN C 142 36.08 -13.84 -4.19
C GLN C 142 34.77 -13.53 -4.91
N PRO C 143 33.82 -14.44 -4.89
CA PRO C 143 32.58 -14.23 -5.64
C PRO C 143 31.69 -13.20 -4.97
N PRO C 144 30.96 -12.39 -5.75
CA PRO C 144 29.95 -11.53 -5.12
C PRO C 144 28.71 -12.31 -4.72
N GLY C 145 28.00 -11.79 -3.72
CA GLY C 145 26.77 -12.39 -3.26
C GLY C 145 25.79 -11.36 -2.75
N ILE C 146 24.53 -11.50 -3.18
CA ILE C 146 23.41 -10.76 -2.60
C ILE C 146 22.62 -11.77 -1.78
N TYR C 147 22.63 -11.59 -0.47
CA TYR C 147 22.10 -12.57 0.46
C TYR C 147 20.95 -11.99 1.26
N ARG C 148 19.89 -12.77 1.40
CA ARG C 148 18.77 -12.47 2.26
C ARG C 148 18.72 -13.52 3.36
N SER C 149 19.20 -13.16 4.54
CA SER C 149 19.36 -14.07 5.66
C SER C 149 18.26 -13.86 6.68
N SER C 150 17.96 -14.90 7.44
CA SER C 150 16.93 -14.84 8.47
C SER C 150 17.50 -14.18 9.72
N CYS C 151 16.83 -13.15 10.20
CA CYS C 151 17.21 -12.45 11.42
C CYS C 151 15.97 -12.32 12.30
N SER C 152 15.97 -13.02 13.44
CA SER C 152 14.87 -12.90 14.38
C SER C 152 14.95 -11.55 15.09
N ILE C 153 13.91 -10.73 14.91
CA ILE C 153 13.93 -9.35 15.37
C ILE C 153 13.49 -9.30 16.82
N GLN C 154 14.33 -8.72 17.68
CA GLN C 154 13.95 -8.41 19.05
C GLN C 154 13.16 -7.13 19.03
N VAL C 155 11.83 -7.23 19.16
CA VAL C 155 10.96 -6.09 18.92
C VAL C 155 10.74 -5.22 20.15
N THR C 156 11.27 -5.60 21.31
CA THR C 156 10.86 -4.99 22.57
C THR C 156 11.11 -3.49 22.60
N TYR C 157 12.25 -3.04 22.08
CA TYR C 157 12.66 -1.65 22.14
C TYR C 157 12.59 -0.94 20.79
N PHE C 158 11.92 -1.52 19.80
CA PHE C 158 11.75 -0.86 18.52
C PHE C 158 11.00 0.46 18.71
N PRO C 159 11.43 1.57 18.06
CA PRO C 159 12.54 1.76 17.12
C PRO C 159 13.88 2.10 17.76
N PHE C 160 13.97 2.16 19.09
CA PHE C 160 15.25 2.40 19.78
C PHE C 160 15.95 1.08 20.10
N ASP C 161 16.04 0.23 19.08
CA ASP C 161 16.50 -1.15 19.23
C ASP C 161 17.84 -1.37 18.57
N TRP C 162 18.45 -2.48 18.93
CA TRP C 162 19.61 -3.02 18.26
C TRP C 162 19.33 -4.49 17.98
N GLN C 163 19.85 -4.98 16.84
CA GLN C 163 19.60 -6.35 16.36
C GLN C 163 20.92 -7.13 16.34
N ASN C 164 20.88 -8.45 16.19
CA ASN C 164 22.07 -9.33 16.17
C ASN C 164 21.85 -10.28 14.99
N CYS C 165 22.11 -9.82 13.76
CA CYS C 165 21.82 -10.59 12.52
C CYS C 165 23.04 -11.40 12.10
N THR C 166 22.94 -12.71 12.07
CA THR C 166 24.04 -13.62 11.79
C THR C 166 23.93 -14.16 10.36
N MET C 167 25.09 -14.35 9.74
CA MET C 167 25.23 -15.03 8.46
C MET C 167 26.04 -16.30 8.73
N VAL C 168 25.38 -17.45 8.63
CA VAL C 168 26.00 -18.74 8.89
C VAL C 168 26.46 -19.31 7.56
N PHE C 169 27.75 -19.58 7.43
CA PHE C 169 28.33 -20.11 6.21
C PHE C 169 28.91 -21.48 6.51
N SER C 170 28.63 -22.44 5.64
CA SER C 170 29.16 -23.78 5.85
C SER C 170 29.03 -24.57 4.56
N SER C 171 29.75 -25.69 4.50
CA SER C 171 29.64 -26.59 3.36
C SER C 171 28.35 -27.37 3.48
N TYR C 172 27.58 -27.41 2.39
CA TYR C 172 26.27 -28.07 2.44
C TYR C 172 26.40 -29.60 2.44
N SER C 173 27.47 -30.14 1.86
CA SER C 173 27.62 -31.59 1.68
C SER C 173 28.79 -32.15 2.46
N TYR C 174 29.99 -31.61 2.29
CA TYR C 174 31.16 -32.18 2.95
C TYR C 174 31.09 -32.00 4.45
N ASP C 175 31.58 -33.00 5.19
CA ASP C 175 31.62 -32.99 6.64
C ASP C 175 32.99 -32.56 7.12
N SER C 176 33.14 -32.40 8.44
CA SER C 176 34.39 -31.90 9.00
C SER C 176 35.56 -32.85 8.75
N SER C 177 35.29 -34.13 8.52
CA SER C 177 36.35 -35.07 8.16
C SER C 177 36.83 -34.89 6.73
N GLU C 178 36.13 -34.10 5.92
CA GLU C 178 36.47 -33.88 4.52
C GLU C 178 36.89 -32.45 4.22
N VAL C 179 36.19 -31.46 4.77
CA VAL C 179 36.50 -30.05 4.56
C VAL C 179 36.48 -29.38 5.92
N SER C 180 37.61 -28.78 6.30
CA SER C 180 37.74 -28.07 7.56
C SER C 180 37.72 -26.57 7.31
N LEU C 181 36.93 -25.86 8.11
CA LEU C 181 36.76 -24.42 7.98
C LEU C 181 37.56 -23.68 9.04
N GLN C 182 38.07 -22.52 8.66
CA GLN C 182 38.72 -21.60 9.58
C GLN C 182 38.36 -20.18 9.17
N THR C 183 38.25 -19.30 10.16
CA THR C 183 38.02 -17.89 9.86
C THR C 183 39.17 -17.34 9.05
N GLY C 184 38.84 -16.63 7.97
CA GLY C 184 39.85 -16.14 7.06
C GLY C 184 40.56 -14.94 7.64
N LEU C 185 41.88 -14.92 7.50
CA LEU C 185 42.68 -13.88 8.12
C LEU C 185 44.11 -13.97 7.59
N GLY C 186 44.82 -12.85 7.67
CA GLY C 186 46.18 -12.76 7.21
C GLY C 186 46.68 -11.34 7.21
N GLY C 191 45.51 -11.82 12.94
CA GLY C 191 44.34 -12.68 12.84
C GLY C 191 43.06 -11.93 13.12
N HIS C 192 42.52 -11.29 12.09
CA HIS C 192 41.34 -10.41 12.25
C HIS C 192 40.08 -11.23 12.03
N GLN C 193 39.39 -11.55 13.12
CA GLN C 193 38.15 -12.32 13.07
C GLN C 193 36.95 -11.37 13.01
N GLU C 194 36.84 -10.69 11.87
CA GLU C 194 35.83 -9.65 11.70
C GLU C 194 35.41 -9.58 10.23
N ILE C 195 34.21 -9.06 10.02
CA ILE C 195 33.79 -8.69 8.67
C ILE C 195 34.62 -7.51 8.21
N HIS C 196 35.21 -7.61 7.03
CA HIS C 196 36.00 -6.52 6.49
C HIS C 196 35.08 -5.49 5.84
N ILE C 197 35.29 -4.23 6.19
CA ILE C 197 34.58 -3.10 5.59
C ILE C 197 35.62 -2.12 5.09
N HIS C 198 35.68 -1.94 3.77
CA HIS C 198 36.59 -0.97 3.18
C HIS C 198 36.05 0.43 3.50
N GLU C 199 36.87 1.25 4.15
CA GLU C 199 36.38 2.48 4.76
C GLU C 199 35.90 3.47 3.70
N GLY C 200 36.63 3.59 2.60
CA GLY C 200 36.27 4.53 1.56
C GLY C 200 35.05 4.14 0.75
N THR C 201 34.95 2.87 0.36
CA THR C 201 33.99 2.41 -0.63
C THR C 201 32.73 1.78 -0.02
N PHE C 202 32.54 1.87 1.30
CA PHE C 202 31.40 1.22 1.93
C PHE C 202 30.15 2.08 1.79
N ILE C 203 29.05 1.44 1.38
CA ILE C 203 27.75 2.12 1.26
C ILE C 203 27.10 2.07 2.64
N GLU C 204 27.22 3.16 3.39
CA GLU C 204 26.64 3.21 4.72
C GLU C 204 25.12 3.23 4.62
N ASN C 205 24.48 2.47 5.50
CA ASN C 205 23.02 2.47 5.58
C ASN C 205 22.53 3.68 6.36
N GLY C 206 21.44 4.26 5.88
CA GLY C 206 20.90 5.45 6.51
C GLY C 206 20.05 5.21 7.74
N GLN C 207 19.71 3.95 8.04
CA GLN C 207 18.90 3.61 9.20
C GLN C 207 19.65 2.78 10.24
N TRP C 208 20.85 2.31 9.94
CA TRP C 208 21.55 1.35 10.78
C TRP C 208 23.02 1.74 10.93
N GLU C 209 23.52 1.63 12.15
CA GLU C 209 24.93 1.82 12.48
C GLU C 209 25.49 0.49 12.94
N ILE C 210 26.65 0.11 12.40
CA ILE C 210 27.28 -1.16 12.76
C ILE C 210 28.11 -0.94 14.03
N ILE C 211 27.73 -1.62 15.10
CA ILE C 211 28.44 -1.54 16.38
C ILE C 211 29.59 -2.53 16.43
N HIS C 212 29.29 -3.81 16.19
CA HIS C 212 30.27 -4.88 16.19
C HIS C 212 30.08 -5.72 14.94
N LYS C 213 31.15 -6.37 14.50
CA LYS C 213 31.09 -7.19 13.31
C LYS C 213 32.07 -8.36 13.38
N PRO C 214 32.00 -9.19 14.42
CA PRO C 214 32.97 -10.28 14.55
C PRO C 214 32.64 -11.46 13.65
N SER C 215 33.58 -12.40 13.62
CA SER C 215 33.38 -13.70 12.99
C SER C 215 33.89 -14.79 13.92
N ARG C 216 33.24 -15.95 13.89
CA ARG C 216 33.61 -17.05 14.78
C ARG C 216 33.48 -18.38 14.05
N LEU C 217 34.39 -19.30 14.35
CA LEU C 217 34.31 -20.68 13.90
C LEU C 217 33.61 -21.49 14.98
N ILE C 218 32.47 -22.07 14.62
CA ILE C 218 31.70 -22.94 15.49
C ILE C 218 32.07 -24.38 15.16
N GLN C 219 32.65 -25.07 16.14
CA GLN C 219 32.97 -26.48 15.95
C GLN C 219 31.70 -27.32 16.05
N PRO C 220 31.69 -28.53 15.51
CA PRO C 220 30.42 -29.30 15.46
C PRO C 220 29.90 -29.59 16.86
N PRO C 221 28.57 -29.61 17.06
CA PRO C 221 28.06 -29.89 18.41
C PRO C 221 28.36 -31.31 18.85
N GLY C 222 29.19 -31.45 19.87
CA GLY C 222 29.60 -32.75 20.36
C GLY C 222 30.85 -33.27 19.66
N GLU C 229 30.60 -39.68 9.99
CA GLU C 229 30.52 -38.51 10.85
C GLU C 229 29.23 -37.72 10.59
N GLY C 230 29.22 -36.95 9.51
CA GLY C 230 28.12 -36.06 9.21
C GLY C 230 28.15 -34.76 9.99
N GLN C 231 29.12 -34.57 10.88
CA GLN C 231 29.22 -33.34 11.66
C GLN C 231 29.93 -32.26 10.85
N ARG C 232 29.53 -31.01 11.09
CA ARG C 232 29.96 -29.89 10.27
C ARG C 232 30.29 -28.68 11.12
N GLN C 233 31.41 -28.04 10.81
CA GLN C 233 31.74 -26.74 11.36
C GLN C 233 30.93 -25.66 10.66
N GLU C 234 30.93 -24.47 11.26
CA GLU C 234 30.30 -23.31 10.64
C GLU C 234 31.21 -22.11 10.85
N VAL C 235 31.13 -21.13 9.96
CA VAL C 235 31.73 -19.82 10.17
C VAL C 235 30.58 -18.82 10.20
N ILE C 236 30.39 -18.18 11.33
CA ILE C 236 29.27 -17.26 11.54
C ILE C 236 29.84 -15.85 11.58
N PHE C 237 29.32 -14.99 10.72
CA PHE C 237 29.63 -13.57 10.71
C PHE C 237 28.46 -12.84 11.34
N TYR C 238 28.73 -12.14 12.45
CA TYR C 238 27.70 -11.49 13.23
C TYR C 238 27.72 -10.00 12.90
N LEU C 239 26.54 -9.41 12.79
CA LEU C 239 26.38 -7.97 12.61
C LEU C 239 25.46 -7.51 13.72
N ILE C 240 26.03 -6.81 14.69
CA ILE C 240 25.25 -6.13 15.72
C ILE C 240 25.05 -4.70 15.23
N ILE C 241 23.80 -4.33 14.99
CA ILE C 241 23.46 -3.07 14.34
C ILE C 241 22.43 -2.33 15.19
N ARG C 242 22.65 -1.03 15.38
CA ARG C 242 21.74 -0.16 16.11
C ARG C 242 20.96 0.71 15.14
N ARG C 243 19.65 0.77 15.34
CA ARG C 243 18.80 1.61 14.50
C ARG C 243 19.00 3.07 14.86
N LYS C 244 18.92 3.94 13.86
CA LYS C 244 18.99 5.38 14.07
C LYS C 244 17.58 5.96 13.99
N PRO C 245 16.95 6.33 15.14
CA PRO C 245 15.49 6.47 15.16
C PRO C 245 14.90 7.83 14.82
N LEU C 246 15.66 8.71 14.16
CA LEU C 246 15.21 10.09 13.94
C LEU C 246 13.85 10.16 13.26
N PHE C 247 13.61 9.29 12.26
CA PHE C 247 12.34 9.27 11.56
C PHE C 247 11.18 9.10 12.53
N TYR C 248 11.29 8.15 13.46
CA TYR C 248 10.19 7.87 14.37
C TYR C 248 10.07 8.96 15.42
N LEU C 249 11.18 9.60 15.80
CA LEU C 249 11.10 10.74 16.70
C LEU C 249 10.32 11.89 16.08
N VAL C 250 10.59 12.18 14.80
CA VAL C 250 9.93 13.30 14.14
C VAL C 250 8.48 12.97 13.82
N ASN C 251 8.21 11.77 13.31
CA ASN C 251 6.91 11.48 12.70
C ASN C 251 5.90 10.91 13.68
N VAL C 252 6.34 10.32 14.79
CA VAL C 252 5.47 9.61 15.72
C VAL C 252 5.55 10.18 17.13
N ILE C 253 6.75 10.25 17.70
CA ILE C 253 6.88 10.57 19.12
C ILE C 253 6.50 12.01 19.39
N ALA C 254 6.99 12.95 18.59
CA ALA C 254 6.72 14.37 18.81
C ALA C 254 5.23 14.69 18.68
N PRO C 255 4.55 14.22 17.63
CA PRO C 255 3.09 14.41 17.59
C PRO C 255 2.37 13.79 18.77
N CYS C 256 2.80 12.62 19.24
CA CYS C 256 2.18 12.02 20.42
C CYS C 256 2.35 12.91 21.65
N ILE C 257 3.53 13.48 21.84
CA ILE C 257 3.75 14.40 22.95
C ILE C 257 2.83 15.61 22.83
N LEU C 258 2.70 16.16 21.62
CA LEU C 258 1.84 17.33 21.43
C LEU C 258 0.38 16.99 21.74
N ILE C 259 -0.10 15.85 21.26
CA ILE C 259 -1.46 15.42 21.54
C ILE C 259 -1.65 15.22 23.03
N THR C 260 -0.66 14.66 23.71
CA THR C 260 -0.74 14.47 25.16
C THR C 260 -0.84 15.82 25.89
N LEU C 261 -0.07 16.81 25.44
CA LEU C 261 -0.17 18.14 26.04
C LEU C 261 -1.57 18.73 25.85
N LEU C 262 -2.15 18.54 24.66
CA LEU C 262 -3.52 19.03 24.44
C LEU C 262 -4.51 18.30 25.34
N ALA C 263 -4.31 17.00 25.54
CA ALA C 263 -5.16 16.25 26.44
C ALA C 263 -5.07 16.80 27.87
N ILE C 264 -3.87 17.21 28.28
CA ILE C 264 -3.75 17.87 29.58
C ILE C 264 -4.54 19.17 29.59
N PHE C 265 -4.37 19.99 28.55
CA PHE C 265 -4.97 21.32 28.57
C PHE C 265 -6.48 21.31 28.42
N VAL C 266 -7.09 20.16 28.09
CA VAL C 266 -8.54 20.07 28.14
C VAL C 266 -9.10 20.46 29.51
N PHE C 267 -8.39 20.17 30.59
CA PHE C 267 -8.90 20.39 31.94
C PHE C 267 -8.83 21.85 32.38
N TYR C 268 -8.17 22.71 31.59
CA TYR C 268 -8.23 24.16 31.80
C TYR C 268 -9.29 24.84 30.96
N LEU C 269 -9.92 24.13 30.03
CA LEU C 269 -10.98 24.71 29.24
C LEU C 269 -12.24 24.85 30.09
N PRO C 270 -12.91 26.01 30.11
CA PRO C 270 -14.09 26.15 30.97
C PRO C 270 -15.22 25.25 30.50
N PRO C 271 -16.06 24.73 31.41
CA PRO C 271 -17.22 23.94 30.95
C PRO C 271 -18.17 24.73 30.07
N ASP C 272 -18.38 26.01 30.34
CA ASP C 272 -19.37 26.79 29.60
C ASP C 272 -18.98 27.07 28.16
N ALA C 273 -17.73 26.81 27.77
CA ALA C 273 -17.34 26.97 26.37
C ALA C 273 -17.99 25.91 25.48
N GLY C 274 -18.32 24.75 26.03
CA GLY C 274 -18.91 23.70 25.23
C GLY C 274 -17.98 23.06 24.24
N GLU C 275 -16.69 22.96 24.57
CA GLU C 275 -15.67 22.50 23.63
C GLU C 275 -14.76 21.41 24.19
N LYS C 276 -14.97 20.96 25.43
CA LYS C 276 -14.11 19.93 26.02
C LYS C 276 -14.17 18.64 25.22
N MET C 277 -15.38 18.19 24.90
CA MET C 277 -15.55 16.92 24.22
C MET C 277 -14.91 16.94 22.84
N GLY C 278 -15.10 18.03 22.10
CA GLY C 278 -14.52 18.16 20.79
C GLY C 278 -13.02 18.03 20.82
N LEU C 279 -12.38 18.76 21.73
CA LEU C 279 -10.92 18.72 21.84
C LEU C 279 -10.43 17.32 22.20
N SER C 280 -10.99 16.73 23.26
CA SER C 280 -10.51 15.42 23.71
C SER C 280 -10.71 14.35 22.64
N ILE C 281 -11.89 14.30 22.05
CA ILE C 281 -12.19 13.21 21.14
C ILE C 281 -11.48 13.40 19.80
N PHE C 282 -11.24 14.64 19.36
CA PHE C 282 -10.44 14.82 18.15
C PHE C 282 -8.98 14.50 18.39
N ALA C 283 -8.49 14.71 19.62
CA ALA C 283 -7.16 14.20 19.97
C ALA C 283 -7.12 12.68 19.83
N LEU C 284 -8.17 12.01 20.31
CA LEU C 284 -8.24 10.55 20.14
C LEU C 284 -8.25 10.16 18.65
N LEU C 285 -9.02 10.87 17.85
CA LEU C 285 -9.07 10.59 16.41
C LEU C 285 -7.70 10.77 15.76
N THR C 286 -6.98 11.82 16.15
CA THR C 286 -5.63 12.03 15.63
C THR C 286 -4.71 10.88 16.03
N LEU C 287 -4.83 10.39 17.27
CA LEU C 287 -4.04 9.22 17.65
C LEU C 287 -4.40 7.99 16.84
N THR C 288 -5.67 7.84 16.47
CA THR C 288 -6.05 6.73 15.59
C THR C 288 -5.36 6.86 14.23
N VAL C 289 -5.27 8.09 13.70
CA VAL C 289 -4.53 8.31 12.46
C VAL C 289 -3.08 7.88 12.63
N PHE C 290 -2.47 8.18 13.78
CA PHE C 290 -1.09 7.76 13.98
C PHE C 290 -0.95 6.25 14.15
N LEU C 291 -1.97 5.59 14.72
CA LEU C 291 -1.97 4.14 14.71
C LEU C 291 -1.98 3.60 13.28
N LEU C 292 -2.75 4.22 12.40
CA LEU C 292 -2.69 3.85 10.99
C LEU C 292 -1.30 4.08 10.41
N LEU C 293 -0.63 5.15 10.85
CA LEU C 293 0.73 5.39 10.39
C LEU C 293 1.67 4.26 10.81
N LEU C 294 1.57 3.81 12.07
CA LEU C 294 2.52 2.83 12.57
C LEU C 294 2.27 1.43 12.02
N ALA C 295 1.05 1.13 11.58
CA ALA C 295 0.71 -0.20 11.10
C ALA C 295 1.56 -0.61 9.90
N ASP C 296 2.03 0.38 9.14
CA ASP C 296 2.86 0.10 7.97
C ASP C 296 4.29 -0.26 8.32
N LYS C 297 4.74 0.02 9.55
CA LYS C 297 6.16 0.00 9.90
C LYS C 297 6.52 -1.01 10.98
N VAL C 298 5.66 -1.26 11.95
CA VAL C 298 6.04 -2.02 13.14
C VAL C 298 6.20 -3.50 12.79
N PRO C 299 6.99 -4.27 13.55
CA PRO C 299 7.02 -5.72 13.33
C PRO C 299 5.70 -6.37 13.73
N GLU C 300 5.45 -7.54 13.15
CA GLU C 300 4.17 -8.23 13.31
C GLU C 300 4.26 -9.47 14.20
N THR C 301 5.41 -9.75 14.81
CA THR C 301 5.53 -10.89 15.68
C THR C 301 4.84 -10.62 17.02
N SER C 302 4.70 -11.68 17.83
CA SER C 302 3.90 -11.64 19.05
C SER C 302 4.67 -12.17 20.26
N LEU C 303 6.00 -12.11 20.23
CA LEU C 303 6.79 -12.50 21.40
C LEU C 303 6.87 -11.40 22.42
N SER C 304 6.83 -10.14 22.00
CA SER C 304 6.76 -9.01 22.91
C SER C 304 6.12 -7.84 22.16
N VAL C 305 5.91 -6.75 22.88
CA VAL C 305 5.26 -5.55 22.35
C VAL C 305 6.33 -4.48 22.16
N PRO C 306 6.42 -3.82 20.99
CA PRO C 306 7.37 -2.71 20.87
C PRO C 306 7.06 -1.58 21.84
N ILE C 307 8.12 -0.93 22.32
CA ILE C 307 7.95 0.16 23.28
C ILE C 307 7.22 1.34 22.65
N ILE C 308 7.34 1.52 21.34
CA ILE C 308 6.57 2.58 20.68
C ILE C 308 5.09 2.26 20.73
N ILE C 309 4.73 0.99 20.56
CA ILE C 309 3.32 0.60 20.69
C ILE C 309 2.85 0.77 22.13
N LYS C 310 3.72 0.46 23.09
CA LYS C 310 3.37 0.68 24.48
C LYS C 310 3.10 2.15 24.75
N TYR C 311 3.94 3.03 24.21
CA TYR C 311 3.75 4.47 24.39
C TYR C 311 2.48 4.93 23.70
N LEU C 312 2.18 4.39 22.51
CA LEU C 312 0.97 4.80 21.80
C LEU C 312 -0.29 4.36 22.56
N MET C 313 -0.30 3.14 23.06
CA MET C 313 -1.46 2.68 23.82
C MET C 313 -1.57 3.41 25.16
N PHE C 314 -0.43 3.77 25.76
CA PHE C 314 -0.45 4.60 26.94
C PHE C 314 -1.11 5.94 26.65
N THR C 315 -0.74 6.58 25.54
CA THR C 315 -1.33 7.86 25.17
C THR C 315 -2.81 7.71 24.86
N MET C 316 -3.21 6.62 24.21
CA MET C 316 -4.62 6.40 23.93
C MET C 316 -5.42 6.23 25.22
N VAL C 317 -4.87 5.49 26.18
CA VAL C 317 -5.55 5.32 27.46
C VAL C 317 -5.64 6.66 28.18
N LEU C 318 -4.57 7.48 28.11
CA LEU C 318 -4.63 8.80 28.74
C LEU C 318 -5.70 9.66 28.11
N VAL C 319 -5.80 9.68 26.78
CA VAL C 319 -6.81 10.51 26.14
C VAL C 319 -8.20 9.98 26.43
N THR C 320 -8.37 8.66 26.50
CA THR C 320 -9.66 8.08 26.86
C THR C 320 -10.06 8.49 28.27
N PHE C 321 -9.11 8.46 29.21
CA PHE C 321 -9.43 8.88 30.57
C PHE C 321 -9.70 10.39 30.63
N SER C 322 -9.03 11.17 29.79
CA SER C 322 -9.36 12.59 29.71
C SER C 322 -10.79 12.78 29.24
N VAL C 323 -11.24 11.98 28.26
CA VAL C 323 -12.62 12.04 27.79
C VAL C 323 -13.57 11.70 28.94
N ILE C 324 -13.28 10.61 29.66
CA ILE C 324 -14.18 10.15 30.73
C ILE C 324 -14.27 11.20 31.84
N LEU C 325 -13.12 11.73 32.26
CA LEU C 325 -13.12 12.71 33.34
C LEU C 325 -13.74 14.02 32.91
N SER C 326 -13.60 14.39 31.63
CA SER C 326 -14.29 15.57 31.12
C SER C 326 -15.80 15.36 31.16
N VAL C 327 -16.27 14.15 30.83
CA VAL C 327 -17.69 13.87 30.95
C VAL C 327 -18.14 14.00 32.40
N VAL C 328 -17.34 13.51 33.34
CA VAL C 328 -17.70 13.63 34.76
C VAL C 328 -17.78 15.10 35.17
N VAL C 329 -16.81 15.91 34.73
CA VAL C 329 -16.79 17.32 35.09
C VAL C 329 -18.01 18.03 34.49
N LEU C 330 -18.34 17.73 33.25
CA LEU C 330 -19.51 18.36 32.62
C LEU C 330 -20.80 17.92 33.31
N ASN C 331 -20.86 16.66 33.76
CA ASN C 331 -22.02 16.20 34.50
C ASN C 331 -22.17 16.96 35.80
N LEU C 332 -21.06 17.23 36.49
CA LEU C 332 -21.13 18.03 37.71
C LEU C 332 -21.52 19.48 37.42
N HIS C 333 -20.97 20.05 36.34
CA HIS C 333 -21.21 21.46 36.04
C HIS C 333 -22.67 21.72 35.66
N HIS C 334 -23.23 20.87 34.82
CA HIS C 334 -24.59 21.04 34.31
C HIS C 334 -25.64 20.42 35.21
N ARG C 335 -25.26 19.97 36.40
CA ARG C 335 -26.18 19.26 37.27
C ARG C 335 -27.33 20.17 37.70
N SER C 336 -28.55 19.70 37.48
CA SER C 336 -29.74 20.50 37.75
C SER C 336 -29.85 20.77 39.25
N PRO C 337 -29.89 22.04 39.68
CA PRO C 337 -29.93 22.30 41.14
C PRO C 337 -31.16 21.76 41.84
N HIS C 338 -32.31 21.71 41.16
CA HIS C 338 -33.53 21.28 41.83
C HIS C 338 -33.62 19.75 41.86
N THR C 339 -33.33 19.11 40.73
CA THR C 339 -33.45 17.66 40.66
C THR C 339 -32.36 16.97 41.47
N HIS C 340 -31.25 17.65 41.73
CA HIS C 340 -30.11 17.08 42.45
C HIS C 340 -29.86 17.91 43.70
N GLN C 341 -29.70 17.24 44.83
CA GLN C 341 -29.36 17.87 46.09
C GLN C 341 -27.92 17.52 46.43
N MET C 342 -27.13 18.53 46.77
CA MET C 342 -25.74 18.28 47.09
C MET C 342 -25.67 17.46 48.38
N PRO C 343 -25.05 16.28 48.38
CA PRO C 343 -24.82 15.62 49.67
C PRO C 343 -23.76 16.37 50.49
N LEU C 344 -23.87 16.24 51.81
CA LEU C 344 -23.05 17.06 52.69
C LEU C 344 -21.57 16.72 52.57
N TRP C 345 -21.23 15.45 52.32
CA TRP C 345 -19.83 15.10 52.12
C TRP C 345 -19.25 15.77 50.87
N VAL C 346 -20.03 15.90 49.81
CA VAL C 346 -19.58 16.62 48.62
C VAL C 346 -19.28 18.08 48.98
N ARG C 347 -20.20 18.73 49.71
CA ARG C 347 -19.95 20.10 50.15
C ARG C 347 -18.65 20.18 50.94
N GLN C 348 -18.50 19.35 51.97
CA GLN C 348 -17.32 19.45 52.84
C GLN C 348 -16.04 19.27 52.04
N ILE C 349 -15.90 18.14 51.36
CA ILE C 349 -14.66 17.82 50.66
C ILE C 349 -14.38 18.84 49.55
N PHE C 350 -15.32 19.03 48.63
CA PHE C 350 -14.99 19.76 47.41
C PHE C 350 -15.17 21.27 47.53
N ILE C 351 -15.85 21.78 48.56
CA ILE C 351 -16.04 23.22 48.70
C ILE C 351 -15.23 23.80 49.87
N HIS C 352 -14.90 22.98 50.89
CA HIS C 352 -14.20 23.50 52.06
C HIS C 352 -12.79 22.96 52.17
N LYS C 353 -12.58 21.66 52.03
CA LYS C 353 -11.27 21.07 52.28
C LYS C 353 -10.34 21.20 51.06
N LEU C 354 -10.72 20.57 49.95
CA LEU C 354 -9.87 20.50 48.77
C LEU C 354 -9.47 21.85 48.19
N PRO C 355 -10.36 22.86 48.09
CA PRO C 355 -9.95 24.13 47.46
C PRO C 355 -8.73 24.79 48.09
N LEU C 356 -8.58 24.71 49.42
CA LEU C 356 -7.39 25.26 50.05
C LEU C 356 -6.13 24.52 49.59
N TYR C 357 -6.22 23.21 49.47
CA TYR C 357 -5.07 22.42 49.02
C TYR C 357 -4.73 22.66 47.56
N LEU C 358 -5.73 22.95 46.73
CA LEU C 358 -5.51 23.21 45.31
C LEU C 358 -5.31 24.69 45.00
N ARG C 359 -5.25 25.56 46.02
CA ARG C 359 -5.04 26.99 45.83
C ARG C 359 -6.15 27.60 44.97
N LEU C 360 -7.39 27.22 45.26
CA LEU C 360 -8.58 27.77 44.61
C LEU C 360 -9.34 28.56 45.66
N LYS C 361 -9.31 29.88 45.55
CA LYS C 361 -9.98 30.78 46.47
C LYS C 361 -11.30 31.19 45.84
N ARG C 362 -12.39 30.64 46.34
CA ARG C 362 -13.71 31.05 45.90
C ARG C 362 -13.93 32.52 46.29
N PRO C 363 -14.21 33.42 45.34
CA PRO C 363 -14.45 34.81 45.75
C PRO C 363 -15.71 34.93 46.59
N LYS C 364 -15.61 35.69 47.67
CA LYS C 364 -16.70 35.91 48.60
C LYS C 364 -17.21 34.56 49.13
N LEU C 430 -59.23 49.19 48.63
CA LEU C 430 -58.63 49.70 47.41
C LEU C 430 -58.19 48.53 46.52
N PRO C 431 -59.12 47.94 45.75
CA PRO C 431 -58.80 46.69 45.04
C PRO C 431 -57.63 46.81 44.07
N GLU C 432 -57.52 47.94 43.37
CA GLU C 432 -56.42 48.12 42.43
C GLU C 432 -55.08 48.08 43.15
N LEU C 433 -54.98 48.78 44.28
CA LEU C 433 -53.74 48.77 45.06
C LEU C 433 -53.44 47.37 45.59
N ARG C 434 -54.47 46.65 46.04
CA ARG C 434 -54.26 45.30 46.56
C ARG C 434 -53.71 44.38 45.49
N GLU C 435 -54.29 44.45 44.28
CA GLU C 435 -53.77 43.66 43.18
C GLU C 435 -52.35 44.05 42.81
N VAL C 436 -52.03 45.35 42.89
CA VAL C 436 -50.67 45.80 42.59
C VAL C 436 -49.68 45.24 43.60
N VAL C 437 -50.04 45.28 44.89
CA VAL C 437 -49.17 44.71 45.92
C VAL C 437 -48.99 43.22 45.69
N SER C 438 -50.07 42.51 45.35
CA SER C 438 -49.94 41.08 45.08
C SER C 438 -49.00 40.82 43.92
N SER C 439 -49.10 41.61 42.85
CA SER C 439 -48.21 41.44 41.69
C SER C 439 -46.76 41.69 42.08
N ILE C 440 -46.51 42.78 42.80
CA ILE C 440 -45.14 43.13 43.19
C ILE C 440 -44.54 42.05 44.09
N SER C 441 -45.33 41.57 45.05
CA SER C 441 -44.84 40.51 45.93
C SER C 441 -44.56 39.24 45.16
N TYR C 442 -45.40 38.90 44.17
CA TYR C 442 -45.15 37.72 43.38
C TYR C 442 -43.84 37.86 42.60
N ILE C 443 -43.60 39.04 42.02
CA ILE C 443 -42.38 39.25 41.26
C ILE C 443 -41.15 39.13 42.17
N ALA C 444 -41.23 39.74 43.36
CA ALA C 444 -40.11 39.66 44.30
C ALA C 444 -39.84 38.22 44.74
N ARG C 445 -40.91 37.46 45.02
CA ARG C 445 -40.73 36.07 45.43
C ARG C 445 -40.12 35.24 44.30
N GLN C 446 -40.54 35.49 43.06
CA GLN C 446 -39.95 34.76 41.93
C GLN C 446 -38.47 35.07 41.81
N LEU C 447 -38.09 36.35 41.95
CA LEU C 447 -36.68 36.69 41.86
C LEU C 447 -35.88 36.09 43.01
N GLN C 448 -36.46 36.03 44.22
CA GLN C 448 -35.77 35.41 45.34
C GLN C 448 -35.56 33.91 45.10
N GLU C 449 -36.58 33.23 44.57
CA GLU C 449 -36.42 31.82 44.25
C GLU C 449 -35.37 31.61 43.17
N GLN C 450 -35.33 32.50 42.17
CA GLN C 450 -34.29 32.40 41.16
C GLN C 450 -32.91 32.63 41.77
N GLU C 451 -32.80 33.51 42.76
CA GLU C 451 -31.52 33.72 43.43
C GLU C 451 -31.07 32.46 44.15
N ASP C 452 -31.99 31.80 44.85
CA ASP C 452 -31.64 30.56 45.55
C ASP C 452 -31.22 29.48 44.55
N HIS C 453 -31.96 29.36 43.44
CA HIS C 453 -31.61 28.40 42.41
C HIS C 453 -30.23 28.69 41.83
N ASP C 454 -29.92 29.98 41.61
CA ASP C 454 -28.62 30.37 41.11
C ASP C 454 -27.52 30.03 42.09
N ALA C 455 -27.78 30.20 43.39
CA ALA C 455 -26.78 29.86 44.40
C ALA C 455 -26.47 28.37 44.40
N LEU C 456 -27.51 27.53 44.32
CA LEU C 456 -27.27 26.09 44.23
C LEU C 456 -26.52 25.73 42.95
N LYS C 457 -26.88 26.36 41.83
CA LYS C 457 -26.19 26.12 40.58
C LYS C 457 -24.71 26.51 40.69
N GLU C 458 -24.44 27.64 41.35
CA GLU C 458 -23.05 28.08 41.50
C GLU C 458 -22.26 27.15 42.39
N ASP C 459 -22.90 26.57 43.42
CA ASP C 459 -22.22 25.56 44.21
C ASP C 459 -21.84 24.35 43.36
N TRP C 460 -22.77 23.87 42.53
CA TRP C 460 -22.45 22.74 41.66
C TRP C 460 -21.33 23.09 40.69
N GLN C 461 -21.36 24.31 40.14
CA GLN C 461 -20.32 24.74 39.21
C GLN C 461 -18.96 24.84 39.89
N PHE C 462 -18.92 25.34 41.13
CA PHE C 462 -17.65 25.42 41.84
C PHE C 462 -17.10 24.04 42.15
N VAL C 463 -17.98 23.10 42.50
CA VAL C 463 -17.53 21.72 42.69
C VAL C 463 -16.94 21.18 41.39
N ALA C 464 -17.59 21.46 40.27
CA ALA C 464 -17.07 21.02 38.98
C ALA C 464 -15.69 21.64 38.69
N MET C 465 -15.51 22.93 39.01
CA MET C 465 -14.21 23.57 38.80
C MET C 465 -13.13 22.92 39.66
N VAL C 466 -13.45 22.66 40.93
CA VAL C 466 -12.47 22.08 41.84
C VAL C 466 -12.07 20.69 41.36
N VAL C 467 -13.05 19.91 40.93
CA VAL C 467 -12.75 18.58 40.41
C VAL C 467 -11.92 18.68 39.13
N ASP C 468 -12.19 19.69 38.29
CA ASP C 468 -11.40 19.88 37.09
C ASP C 468 -9.94 20.19 37.42
N ARG C 469 -9.71 21.05 38.41
CA ARG C 469 -8.33 21.38 38.78
C ARG C 469 -7.62 20.17 39.38
N LEU C 470 -8.31 19.40 40.20
CA LEU C 470 -7.73 18.17 40.74
C LEU C 470 -7.34 17.22 39.61
N PHE C 471 -8.24 17.02 38.64
CA PHE C 471 -7.92 16.14 37.52
C PHE C 471 -6.81 16.72 36.65
N LEU C 472 -6.72 18.04 36.54
CA LEU C 472 -5.61 18.64 35.80
C LEU C 472 -4.27 18.27 36.43
N TRP C 473 -4.16 18.45 37.74
CA TRP C 473 -2.90 18.11 38.40
C TRP C 473 -2.62 16.61 38.33
N THR C 474 -3.66 15.79 38.53
CA THR C 474 -3.48 14.35 38.45
C THR C 474 -3.02 13.92 37.06
N PHE C 475 -3.59 14.53 36.02
CA PHE C 475 -3.17 14.18 34.66
C PHE C 475 -1.75 14.63 34.40
N ILE C 476 -1.37 15.81 34.90
CA ILE C 476 0.01 16.25 34.73
C ILE C 476 0.97 15.26 35.36
N ILE C 477 0.66 14.82 36.58
CA ILE C 477 1.55 13.91 37.30
C ILE C 477 1.63 12.57 36.58
N PHE C 478 0.46 11.97 36.27
CA PHE C 478 0.45 10.66 35.62
C PHE C 478 1.14 10.70 34.27
N THR C 479 0.83 11.73 33.47
CA THR C 479 1.45 11.89 32.17
C THR C 479 2.97 11.99 32.30
N SER C 480 3.45 12.89 33.15
CA SER C 480 4.89 13.09 33.27
C SER C 480 5.59 11.82 33.76
N VAL C 481 5.00 11.14 34.74
CA VAL C 481 5.65 9.95 35.30
C VAL C 481 5.70 8.84 34.26
N GLY C 482 4.57 8.57 33.59
CA GLY C 482 4.55 7.50 32.60
C GLY C 482 5.46 7.81 31.41
N THR C 483 5.42 9.04 30.91
CA THR C 483 6.27 9.42 29.80
C THR C 483 7.74 9.33 30.18
N LEU C 484 8.10 9.79 31.38
CA LEU C 484 9.49 9.73 31.80
C LEU C 484 9.94 8.28 31.95
N VAL C 485 9.08 7.42 32.51
CA VAL C 485 9.46 6.01 32.68
C VAL C 485 9.71 5.37 31.32
N ILE C 486 8.79 5.55 30.37
CA ILE C 486 8.94 4.93 29.06
C ILE C 486 10.15 5.51 28.33
N PHE C 487 10.34 6.82 28.42
CA PHE C 487 11.44 7.47 27.69
C PHE C 487 12.79 7.09 28.27
N LEU C 488 12.89 6.95 29.60
CA LEU C 488 14.14 6.52 30.20
C LEU C 488 14.41 5.06 29.90
N ASP C 489 13.36 4.24 29.82
CA ASP C 489 13.53 2.86 29.43
C ASP C 489 14.09 2.78 28.02
N ALA C 490 13.58 3.62 27.12
CA ALA C 490 14.10 3.66 25.75
C ALA C 490 15.53 4.19 25.70
N THR C 491 15.81 5.29 26.41
CA THR C 491 17.08 5.99 26.28
C THR C 491 18.24 5.15 26.79
N TYR C 492 18.04 4.44 27.89
CA TYR C 492 19.09 3.65 28.52
C TYR C 492 19.19 2.24 27.95
N HIS C 493 18.46 1.94 26.88
CA HIS C 493 18.67 0.71 26.11
C HIS C 493 19.81 0.97 25.12
N LEU C 494 20.99 0.44 25.43
CA LEU C 494 22.20 0.68 24.67
C LEU C 494 22.64 -0.61 23.98
N PRO C 495 23.41 -0.52 22.90
CA PRO C 495 23.92 -1.73 22.29
C PRO C 495 24.93 -2.40 23.22
N PRO C 496 25.16 -3.70 23.06
CA PRO C 496 26.04 -4.40 24.00
C PRO C 496 27.46 -3.88 23.89
N PRO C 497 28.17 -3.68 25.02
CA PRO C 497 29.58 -3.27 24.89
C PRO C 497 30.45 -4.31 24.22
N ASP C 498 30.11 -5.60 24.35
CA ASP C 498 30.89 -6.71 23.83
C ASP C 498 30.04 -7.53 22.87
N PRO C 499 30.60 -8.06 21.78
CA PRO C 499 29.78 -8.89 20.88
C PRO C 499 29.20 -10.13 21.54
N PHE C 500 29.92 -10.72 22.50
CA PHE C 500 29.55 -12.00 23.11
C PHE C 500 29.48 -11.82 24.62
N PRO C 501 28.42 -11.21 25.15
CA PRO C 501 28.37 -10.97 26.60
C PRO C 501 28.23 -12.26 27.39
N SER C 502 28.78 -12.25 28.60
CA SER C 502 28.59 -13.36 29.51
C SER C 502 27.16 -13.36 30.04
N ARG C 503 26.52 -14.52 29.99
CA ARG C 503 25.10 -14.65 30.34
C ARG C 503 24.91 -15.69 31.44
N LEU D 22 26.45 -16.23 -48.76
CA LEU D 22 27.40 -15.93 -47.67
C LEU D 22 28.50 -17.00 -47.64
N ASN D 23 28.92 -17.43 -48.83
CA ASN D 23 30.01 -18.39 -48.90
C ASN D 23 31.29 -17.79 -48.34
N GLU D 24 31.50 -16.49 -48.57
CA GLU D 24 32.75 -15.87 -48.16
C GLU D 24 32.81 -15.64 -46.65
N GLU D 25 31.72 -15.21 -46.02
CA GLU D 25 31.77 -15.08 -44.56
C GLU D 25 31.82 -16.44 -43.88
N GLU D 26 31.21 -17.46 -44.48
CA GLU D 26 31.36 -18.81 -43.94
C GLU D 26 32.82 -19.25 -43.99
N ARG D 27 33.47 -19.02 -45.13
CA ARG D 27 34.89 -19.34 -45.26
C ARG D 27 35.73 -18.53 -44.28
N LEU D 28 35.41 -17.25 -44.11
CA LEU D 28 36.18 -16.39 -43.21
C LEU D 28 36.03 -16.84 -41.77
N ILE D 29 34.83 -17.23 -41.35
CA ILE D 29 34.63 -17.69 -39.98
C ILE D 29 35.36 -19.00 -39.76
N ARG D 30 35.32 -19.90 -40.75
CA ARG D 30 36.07 -21.15 -40.63
C ARG D 30 37.57 -20.85 -40.49
N HIS D 31 38.06 -19.89 -41.28
CA HIS D 31 39.47 -19.53 -41.22
C HIS D 31 39.83 -18.94 -39.86
N LEU D 32 38.99 -18.05 -39.34
CA LEU D 32 39.34 -17.34 -38.11
C LEU D 32 39.27 -18.25 -36.90
N PHE D 33 38.25 -19.10 -36.79
CA PHE D 33 37.99 -19.83 -35.55
C PHE D 33 38.42 -21.28 -35.57
N GLN D 34 38.37 -21.96 -36.71
CA GLN D 34 38.75 -23.37 -36.80
C GLN D 34 40.15 -23.59 -37.33
N GLU D 35 40.55 -22.87 -38.40
CA GLU D 35 41.87 -23.09 -38.97
C GLU D 35 42.96 -22.63 -38.02
N LYS D 36 42.82 -21.43 -37.45
CA LYS D 36 43.82 -20.85 -36.56
C LYS D 36 43.57 -21.17 -35.09
N GLY D 37 42.51 -21.91 -34.77
CA GLY D 37 42.29 -22.37 -33.40
C GLY D 37 42.10 -21.26 -32.40
N TYR D 38 41.06 -20.45 -32.57
CA TYR D 38 40.79 -19.36 -31.65
C TYR D 38 40.34 -19.91 -30.30
N ASN D 39 40.98 -19.45 -29.24
CA ASN D 39 40.65 -19.83 -27.86
C ASN D 39 40.11 -18.59 -27.15
N LYS D 40 38.80 -18.58 -26.91
CA LYS D 40 38.17 -17.43 -26.26
C LYS D 40 38.49 -17.33 -24.78
N GLU D 41 39.01 -18.39 -24.16
CA GLU D 41 39.38 -18.33 -22.75
C GLU D 41 40.61 -17.45 -22.54
N LEU D 42 41.48 -17.33 -23.54
CA LEU D 42 42.72 -16.57 -23.43
C LEU D 42 42.49 -15.13 -23.88
N ARG D 43 43.19 -14.20 -23.22
CA ARG D 43 43.10 -12.80 -23.60
C ARG D 43 43.81 -12.56 -24.93
N PRO D 44 43.43 -11.50 -25.66
CA PRO D 44 44.19 -11.16 -26.89
C PRO D 44 45.47 -10.37 -26.62
N VAL D 45 46.48 -11.07 -26.11
CA VAL D 45 47.79 -10.48 -25.84
C VAL D 45 48.87 -11.43 -26.35
N ALA D 46 50.01 -10.85 -26.72
CA ALA D 46 51.15 -11.66 -27.13
C ALA D 46 51.85 -12.29 -25.93
N HIS D 47 51.91 -11.56 -24.82
CA HIS D 47 52.52 -12.02 -23.59
C HIS D 47 51.55 -11.81 -22.43
N LYS D 48 51.65 -12.66 -21.41
CA LYS D 48 50.75 -12.54 -20.27
C LYS D 48 50.93 -11.20 -19.56
N GLU D 49 52.10 -10.59 -19.66
CA GLU D 49 52.35 -9.34 -18.95
C GLU D 49 51.69 -8.13 -19.60
N GLU D 50 51.20 -8.27 -20.83
CA GLU D 50 50.51 -7.17 -21.49
C GLU D 50 49.05 -7.09 -20.99
N SER D 51 48.48 -5.90 -21.13
CA SER D 51 47.10 -5.64 -20.77
C SER D 51 46.30 -5.26 -22.01
N VAL D 52 45.02 -5.61 -22.00
CA VAL D 52 44.12 -5.35 -23.11
C VAL D 52 43.42 -4.01 -22.85
N ASP D 53 43.59 -3.07 -23.76
CA ASP D 53 42.91 -1.79 -23.66
C ASP D 53 41.45 -1.94 -24.05
N VAL D 54 40.55 -1.62 -23.12
CA VAL D 54 39.11 -1.69 -23.34
C VAL D 54 38.56 -0.26 -23.22
N ALA D 55 37.97 0.24 -24.29
CA ALA D 55 37.34 1.55 -24.29
C ALA D 55 35.85 1.40 -24.05
N LEU D 56 35.32 2.21 -23.13
CA LEU D 56 33.93 2.12 -22.71
C LEU D 56 33.23 3.46 -22.89
N ALA D 57 31.99 3.39 -23.36
CA ALA D 57 31.08 4.53 -23.37
C ALA D 57 29.72 4.06 -22.92
N LEU D 58 28.90 4.99 -22.43
CA LEU D 58 27.55 4.71 -21.97
C LEU D 58 26.57 5.63 -22.68
N THR D 59 25.51 5.05 -23.21
CA THR D 59 24.38 5.81 -23.75
C THR D 59 23.16 5.52 -22.88
N LEU D 60 22.50 6.56 -22.42
CA LEU D 60 21.32 6.42 -21.56
C LEU D 60 20.08 6.46 -22.44
N SER D 61 19.42 5.32 -22.63
CA SER D 61 18.20 5.30 -23.43
C SER D 61 17.07 6.00 -22.70
N ASN D 62 16.87 5.67 -21.43
CA ASN D 62 15.86 6.35 -20.62
C ASN D 62 16.15 6.08 -19.15
N LEU D 63 15.86 7.08 -18.32
CA LEU D 63 15.94 6.95 -16.86
C LEU D 63 14.59 6.41 -16.40
N ILE D 64 14.53 5.13 -16.04
CA ILE D 64 13.24 4.54 -15.69
C ILE D 64 12.72 5.14 -14.40
N SER D 65 13.50 5.09 -13.32
CA SER D 65 12.98 5.65 -12.07
C SER D 65 14.10 5.81 -11.05
N LEU D 66 13.79 6.55 -10.00
CA LEU D 66 14.58 6.60 -8.78
C LEU D 66 13.63 6.39 -7.61
N LYS D 67 13.56 5.16 -7.12
CA LYS D 67 12.74 4.81 -5.96
C LYS D 67 13.43 5.29 -4.70
N GLU D 68 12.81 6.25 -4.01
CA GLU D 68 13.44 6.86 -2.84
C GLU D 68 13.42 5.94 -1.63
N VAL D 69 12.29 5.25 -1.41
CA VAL D 69 12.18 4.40 -0.23
C VAL D 69 13.17 3.25 -0.32
N GLU D 70 13.27 2.60 -1.47
CA GLU D 70 14.24 1.55 -1.70
C GLU D 70 15.61 2.08 -2.12
N GLU D 71 15.73 3.38 -2.40
CA GLU D 71 17.00 4.02 -2.71
C GLU D 71 17.66 3.36 -3.91
N THR D 72 16.88 3.14 -4.96
CA THR D 72 17.31 2.39 -6.13
C THR D 72 17.08 3.21 -7.39
N LEU D 73 18.12 3.30 -8.23
CA LEU D 73 18.01 3.94 -9.53
C LEU D 73 17.88 2.85 -10.59
N THR D 74 16.81 2.92 -11.38
CA THR D 74 16.58 2.00 -12.48
C THR D 74 16.79 2.73 -13.80
N THR D 75 17.72 2.21 -14.61
CA THR D 75 18.11 2.83 -15.87
C THR D 75 18.17 1.80 -16.99
N ASN D 76 17.97 2.29 -18.21
CA ASN D 76 18.19 1.54 -19.44
C ASN D 76 19.40 2.16 -20.14
N VAL D 77 20.45 1.36 -20.34
CA VAL D 77 21.71 1.86 -20.85
C VAL D 77 22.27 0.93 -21.92
N TRP D 78 22.88 1.53 -22.93
CA TRP D 78 23.59 0.82 -23.99
C TRP D 78 25.07 1.08 -23.74
N ILE D 79 25.82 0.03 -23.39
CA ILE D 79 27.24 0.14 -23.08
C ILE D 79 28.01 -0.20 -24.35
N GLU D 80 28.77 0.77 -24.85
CA GLU D 80 29.64 0.55 -26.01
C GLU D 80 31.01 0.11 -25.51
N HIS D 81 31.41 -1.10 -25.91
CA HIS D 81 32.71 -1.68 -25.62
C HIS D 81 33.50 -1.73 -26.92
N GLY D 82 34.76 -1.30 -26.85
CA GLY D 82 35.65 -1.39 -27.99
C GLY D 82 37.02 -1.90 -27.58
N TRP D 83 37.47 -3.00 -28.19
CA TRP D 83 38.82 -3.48 -27.92
C TRP D 83 39.41 -4.04 -29.21
N THR D 84 40.66 -4.49 -29.13
CA THR D 84 41.38 -5.06 -30.26
C THR D 84 41.73 -6.51 -29.99
N ASP D 85 41.50 -7.34 -30.98
CA ASP D 85 41.84 -8.77 -30.94
C ASP D 85 42.56 -9.09 -32.24
N ASN D 86 43.89 -9.12 -32.19
CA ASN D 86 44.69 -9.31 -33.39
C ASN D 86 44.55 -10.71 -33.98
N ARG D 87 44.05 -11.69 -33.21
CA ARG D 87 43.75 -13.00 -33.77
C ARG D 87 42.59 -12.96 -34.75
N LEU D 88 41.75 -11.91 -34.69
CA LEU D 88 40.56 -11.78 -35.53
C LEU D 88 40.77 -10.78 -36.67
N LYS D 89 41.97 -10.75 -37.26
CA LYS D 89 42.27 -9.90 -38.39
C LYS D 89 42.26 -10.71 -39.69
N TRP D 90 41.91 -10.04 -40.78
CA TRP D 90 41.97 -10.66 -42.09
C TRP D 90 42.12 -9.57 -43.14
N ASN D 91 42.61 -9.98 -44.31
CA ASN D 91 42.64 -9.09 -45.46
C ASN D 91 41.29 -9.16 -46.16
N ALA D 92 40.61 -8.01 -46.29
CA ALA D 92 39.29 -7.99 -46.88
C ALA D 92 39.30 -8.47 -48.33
N GLU D 93 40.42 -8.30 -49.03
CA GLU D 93 40.44 -8.63 -50.46
C GLU D 93 40.63 -10.12 -50.68
N GLU D 94 41.26 -10.83 -49.73
CA GLU D 94 41.36 -12.28 -49.82
C GLU D 94 40.07 -12.99 -49.44
N PHE D 95 39.06 -12.26 -48.95
CA PHE D 95 37.80 -12.85 -48.53
C PHE D 95 36.64 -12.04 -49.10
N GLY D 96 36.69 -11.77 -50.40
CA GLY D 96 35.56 -11.17 -51.09
C GLY D 96 35.17 -9.80 -50.59
N ASN D 97 36.14 -8.97 -50.22
CA ASN D 97 35.93 -7.59 -49.79
C ASN D 97 35.05 -7.50 -48.54
N ILE D 98 34.96 -8.56 -47.74
CA ILE D 98 34.28 -8.47 -46.45
C ILE D 98 35.09 -7.59 -45.52
N SER D 99 34.43 -6.62 -44.90
CA SER D 99 35.08 -5.68 -44.00
C SER D 99 34.56 -5.76 -42.56
N VAL D 100 33.45 -6.45 -42.31
CA VAL D 100 32.86 -6.53 -40.98
C VAL D 100 32.09 -7.82 -40.87
N LEU D 101 32.03 -8.36 -39.64
CA LEU D 101 31.37 -9.62 -39.35
C LEU D 101 30.55 -9.46 -38.07
N ARG D 102 29.36 -10.07 -38.07
CA ARG D 102 28.54 -10.19 -36.87
C ARG D 102 28.71 -11.60 -36.31
N LEU D 103 29.10 -11.69 -35.04
CA LEU D 103 29.34 -12.98 -34.39
C LEU D 103 28.61 -13.06 -33.06
N PRO D 104 28.15 -14.24 -32.64
CA PRO D 104 27.61 -14.37 -31.28
C PRO D 104 28.68 -14.07 -30.25
N PRO D 105 28.36 -13.38 -29.15
CA PRO D 105 29.42 -13.03 -28.18
C PRO D 105 30.07 -14.22 -27.52
N ASP D 106 29.40 -15.39 -27.51
CA ASP D 106 29.97 -16.57 -26.87
C ASP D 106 31.11 -17.20 -27.68
N MET D 107 31.33 -16.78 -28.92
CA MET D 107 32.45 -17.30 -29.70
C MET D 107 33.77 -16.60 -29.40
N VAL D 108 33.74 -15.36 -28.92
CA VAL D 108 34.94 -14.54 -28.80
C VAL D 108 35.25 -14.29 -27.32
N TRP D 109 36.51 -13.94 -27.06
CA TRP D 109 36.89 -13.45 -25.75
C TRP D 109 36.19 -12.13 -25.48
N LEU D 110 35.72 -11.95 -24.23
CA LEU D 110 35.02 -10.75 -23.83
C LEU D 110 35.72 -10.11 -22.63
N PRO D 111 35.79 -8.75 -22.56
CA PRO D 111 36.25 -8.11 -21.33
C PRO D 111 35.10 -7.97 -20.35
N GLU D 112 34.88 -8.96 -19.49
CA GLU D 112 33.63 -9.00 -18.73
C GLU D 112 33.54 -7.80 -17.81
N ILE D 113 32.80 -6.78 -18.25
CA ILE D 113 32.52 -5.59 -17.47
C ILE D 113 31.16 -5.81 -16.80
N VAL D 114 31.07 -5.44 -15.53
CA VAL D 114 29.85 -5.58 -14.75
C VAL D 114 29.59 -4.26 -14.05
N LEU D 115 28.32 -4.05 -13.71
CA LEU D 115 27.97 -2.95 -12.83
C LEU D 115 28.27 -3.39 -11.40
N GLU D 116 29.32 -2.80 -10.81
CA GLU D 116 29.74 -3.20 -9.48
C GLU D 116 28.72 -2.81 -8.42
N ASN D 117 28.12 -1.62 -8.55
CA ASN D 117 27.27 -1.07 -7.50
C ASN D 117 25.79 -1.34 -7.73
N ASN D 118 25.44 -2.48 -8.30
CA ASN D 118 24.05 -2.92 -8.32
C ASN D 118 23.60 -3.26 -6.90
N ASN D 119 22.27 -3.34 -6.71
CA ASN D 119 21.70 -3.72 -5.42
C ASN D 119 20.64 -4.81 -5.54
N ASP D 120 20.56 -5.51 -6.67
CA ASP D 120 19.63 -6.62 -6.86
C ASP D 120 20.30 -7.92 -7.26
N GLY D 121 21.58 -7.91 -7.64
CA GLY D 121 22.31 -9.09 -8.04
C GLY D 121 22.45 -9.28 -9.54
N SER D 122 21.94 -8.37 -10.34
CA SER D 122 22.13 -8.41 -11.78
C SER D 122 23.39 -7.61 -12.08
N PHE D 123 24.53 -8.29 -12.08
CA PHE D 123 25.80 -7.68 -12.39
C PHE D 123 26.02 -7.44 -13.89
N GLN D 124 25.32 -8.17 -14.75
CA GLN D 124 25.67 -8.27 -16.15
C GLN D 124 24.65 -7.57 -17.04
N ILE D 125 25.04 -7.41 -18.32
CA ILE D 125 24.16 -6.82 -19.32
C ILE D 125 22.97 -7.73 -19.57
N SER D 126 21.88 -7.14 -20.05
CA SER D 126 20.62 -7.88 -20.21
C SER D 126 20.64 -8.75 -21.46
N TYR D 127 20.92 -8.16 -22.62
CA TYR D 127 20.83 -8.86 -23.91
C TYR D 127 22.23 -8.97 -24.50
N SER D 128 22.72 -10.20 -24.62
CA SER D 128 24.04 -10.47 -25.18
C SER D 128 23.93 -10.50 -26.70
N CYS D 129 23.97 -9.30 -27.28
CA CYS D 129 23.87 -9.13 -28.72
C CYS D 129 25.16 -9.55 -29.40
N ASN D 130 25.12 -9.60 -30.73
CA ASN D 130 26.31 -9.94 -31.50
C ASN D 130 27.39 -8.89 -31.33
N VAL D 131 28.63 -9.34 -31.45
CA VAL D 131 29.80 -8.47 -31.58
C VAL D 131 30.00 -8.19 -33.06
N LEU D 132 30.48 -6.98 -33.34
CA LEU D 132 30.94 -6.61 -34.67
C LEU D 132 32.47 -6.67 -34.68
N VAL D 133 33.02 -7.44 -35.60
CA VAL D 133 34.47 -7.63 -35.75
C VAL D 133 34.86 -7.07 -37.12
N TYR D 134 35.73 -6.07 -37.12
CA TYR D 134 36.21 -5.46 -38.36
C TYR D 134 37.52 -6.11 -38.79
N HIS D 135 37.83 -5.96 -40.08
CA HIS D 135 38.95 -6.70 -40.65
C HIS D 135 40.28 -6.31 -40.04
N TYR D 136 40.39 -5.09 -39.52
CA TYR D 136 41.63 -4.62 -38.89
C TYR D 136 41.71 -5.00 -37.41
N GLY D 137 40.81 -5.85 -36.90
CA GLY D 137 40.93 -6.43 -35.59
C GLY D 137 40.13 -5.76 -34.50
N PHE D 138 39.39 -4.70 -34.80
CA PHE D 138 38.61 -4.01 -33.79
C PHE D 138 37.31 -4.77 -33.52
N VAL D 139 37.02 -5.00 -32.25
CA VAL D 139 35.81 -5.65 -31.80
C VAL D 139 34.95 -4.58 -31.13
N TYR D 140 33.77 -4.36 -31.71
CA TYR D 140 32.76 -3.44 -31.22
C TYR D 140 31.62 -4.28 -30.66
N TRP D 141 31.15 -3.93 -29.47
CA TRP D 141 30.07 -4.67 -28.82
C TRP D 141 29.20 -3.68 -28.06
N LEU D 142 27.89 -3.67 -28.35
CA LEU D 142 26.97 -2.69 -27.78
C LEU D 142 25.79 -3.39 -27.10
N PRO D 143 26.03 -4.12 -26.01
CA PRO D 143 24.94 -4.79 -25.32
C PRO D 143 24.04 -3.78 -24.61
N PRO D 144 22.72 -3.89 -24.75
CA PRO D 144 21.85 -3.08 -23.89
C PRO D 144 21.55 -3.78 -22.57
N ALA D 145 21.21 -2.97 -21.57
CA ALA D 145 21.03 -3.49 -20.22
C ALA D 145 19.99 -2.65 -19.47
N ILE D 146 19.28 -3.33 -18.58
CA ILE D 146 18.49 -2.71 -17.53
C ILE D 146 19.23 -2.91 -16.23
N PHE D 147 19.52 -1.81 -15.53
CA PHE D 147 20.32 -1.85 -14.31
C PHE D 147 19.57 -1.19 -13.17
N ARG D 148 19.64 -1.83 -12.01
CA ARG D 148 19.09 -1.32 -10.76
C ARG D 148 20.26 -1.14 -9.80
N SER D 149 20.59 0.11 -9.50
CA SER D 149 21.81 0.48 -8.81
C SER D 149 21.50 1.19 -7.51
N SER D 150 22.47 1.15 -6.62
CA SER D 150 22.36 1.80 -5.32
C SER D 150 22.58 3.30 -5.48
N CYS D 151 21.60 4.10 -5.07
CA CYS D 151 21.70 5.55 -5.04
C CYS D 151 21.25 6.02 -3.66
N PRO D 152 22.18 6.29 -2.73
CA PRO D 152 21.75 6.88 -1.46
C PRO D 152 21.09 8.23 -1.66
N ILE D 153 20.02 8.46 -0.91
CA ILE D 153 19.13 9.59 -1.13
C ILE D 153 19.39 10.63 -0.04
N SER D 154 19.69 11.86 -0.45
CA SER D 154 19.77 12.99 0.46
C SER D 154 18.39 13.64 0.52
N VAL D 155 17.71 13.50 1.66
CA VAL D 155 16.33 13.94 1.79
C VAL D 155 16.19 15.38 2.26
N THR D 156 17.30 16.06 2.56
CA THR D 156 17.29 17.34 3.28
C THR D 156 16.35 18.38 2.67
N TYR D 157 16.38 18.52 1.34
CA TYR D 157 15.63 19.56 0.64
C TYR D 157 14.42 19.02 -0.10
N PHE D 158 14.00 17.79 0.17
CA PHE D 158 12.84 17.20 -0.49
C PHE D 158 11.60 18.05 -0.18
N PRO D 159 10.76 18.39 -1.18
CA PRO D 159 10.74 17.98 -2.60
C PRO D 159 11.57 18.86 -3.54
N PHE D 160 12.39 19.78 -3.05
CA PHE D 160 13.27 20.61 -3.87
C PHE D 160 14.69 20.06 -3.91
N ASP D 161 14.82 18.73 -3.88
CA ASP D 161 16.10 18.08 -3.77
C ASP D 161 16.69 17.75 -5.13
N TRP D 162 18.00 17.60 -5.15
CA TRP D 162 18.73 16.99 -6.26
C TRP D 162 19.56 15.85 -5.71
N GLN D 163 19.71 14.81 -6.53
CA GLN D 163 20.41 13.57 -6.12
C GLN D 163 21.70 13.42 -6.91
N ASN D 164 22.61 12.56 -6.46
CA ASN D 164 23.92 12.34 -7.11
C ASN D 164 24.10 10.82 -7.22
N CYS D 165 23.44 10.19 -8.19
CA CYS D 165 23.51 8.72 -8.41
C CYS D 165 24.78 8.43 -9.20
N SER D 166 25.20 7.16 -9.25
CA SER D 166 26.40 6.76 -10.00
C SER D 166 26.22 5.35 -10.56
N LEU D 167 26.92 5.02 -11.64
CA LEU D 167 26.99 3.69 -12.22
C LEU D 167 28.47 3.37 -12.33
N LYS D 168 28.94 2.46 -11.49
CA LYS D 168 30.35 2.11 -11.41
C LYS D 168 30.56 0.78 -12.13
N PHE D 169 31.40 0.80 -13.15
CA PHE D 169 31.68 -0.36 -13.99
C PHE D 169 33.13 -0.80 -13.80
N SER D 170 33.30 -2.11 -13.67
CA SER D 170 34.63 -2.71 -13.52
C SER D 170 34.52 -4.16 -13.96
N SER D 171 35.64 -4.88 -13.84
CA SER D 171 35.70 -6.30 -14.15
C SER D 171 36.09 -7.06 -12.90
N LEU D 172 35.29 -8.08 -12.55
CA LEU D 172 35.61 -8.97 -11.45
C LEU D 172 36.40 -10.18 -11.91
N LYS D 173 36.30 -10.56 -13.18
CA LYS D 173 37.10 -11.66 -13.72
C LYS D 173 38.49 -11.23 -14.15
N TYR D 174 38.73 -9.93 -14.32
CA TYR D 174 40.05 -9.42 -14.69
C TYR D 174 40.36 -8.20 -13.84
N THR D 175 41.65 -7.95 -13.66
CA THR D 175 42.17 -6.84 -12.87
C THR D 175 42.91 -5.87 -13.78
N ALA D 176 43.41 -4.79 -13.17
CA ALA D 176 44.18 -3.80 -13.92
C ALA D 176 45.44 -4.39 -14.52
N LYS D 177 45.94 -5.49 -13.95
CA LYS D 177 47.10 -6.16 -14.53
C LYS D 177 46.80 -6.76 -15.89
N GLU D 178 45.55 -7.16 -16.13
CA GLU D 178 45.17 -7.90 -17.33
C GLU D 178 44.36 -7.11 -18.35
N ILE D 179 43.54 -6.15 -17.92
CA ILE D 179 42.83 -5.26 -18.82
C ILE D 179 42.95 -3.83 -18.30
N THR D 180 43.08 -2.88 -19.22
CA THR D 180 43.14 -1.46 -18.90
C THR D 180 41.86 -0.80 -19.39
N LEU D 181 41.13 -0.17 -18.47
CA LEU D 181 39.89 0.50 -18.82
C LEU D 181 40.18 1.95 -19.21
N SER D 182 39.52 2.41 -20.26
CA SER D 182 39.67 3.79 -20.73
C SER D 182 38.34 4.27 -21.28
N LEU D 183 38.22 5.59 -21.42
CA LEU D 183 37.02 6.20 -21.98
C LEU D 183 37.10 6.22 -23.50
N LYS D 184 35.93 6.18 -24.13
CA LYS D 184 35.84 6.20 -25.58
C LYS D 184 36.35 7.53 -26.12
N GLN D 185 36.97 7.47 -27.30
CA GLN D 185 37.57 8.63 -27.94
C GLN D 185 36.84 8.93 -29.25
N ASP D 186 36.41 10.17 -29.42
CA ASP D 186 35.77 10.64 -30.63
C ASP D 186 36.68 11.67 -31.30
N ALA D 187 36.28 12.11 -32.49
CA ALA D 187 37.14 12.95 -33.33
C ALA D 187 36.36 14.13 -33.88
N LYS D 188 37.08 15.23 -34.11
CA LYS D 188 36.55 16.42 -34.77
C LYS D 188 37.70 17.22 -35.33
N GLU D 189 37.61 17.53 -36.63
CA GLU D 189 38.63 18.31 -37.34
C GLU D 189 39.99 17.62 -37.23
N ASN D 190 39.96 16.29 -37.30
CA ASN D 190 41.16 15.46 -37.14
C ASN D 190 41.85 15.74 -35.80
N ARG D 191 41.04 15.95 -34.76
CA ARG D 191 41.51 16.09 -33.39
C ARG D 191 40.74 15.13 -32.52
N THR D 192 41.45 14.25 -31.81
CA THR D 192 40.81 13.28 -30.94
C THR D 192 40.57 13.87 -29.56
N TYR D 193 39.43 13.54 -28.96
CA TYR D 193 39.10 13.94 -27.61
C TYR D 193 38.42 12.78 -26.90
N PRO D 194 38.52 12.70 -25.56
CA PRO D 194 37.79 11.65 -24.85
C PRO D 194 36.33 12.02 -24.65
N VAL D 195 35.46 11.00 -24.67
CA VAL D 195 34.05 11.15 -24.37
C VAL D 195 33.90 11.02 -22.86
N GLU D 196 33.83 12.16 -22.16
CA GLU D 196 33.82 12.19 -20.70
C GLU D 196 32.43 12.48 -20.15
N TRP D 197 31.39 11.96 -20.79
CA TRP D 197 30.02 12.20 -20.38
C TRP D 197 29.17 11.02 -20.82
N ILE D 198 27.99 10.89 -20.21
CA ILE D 198 26.99 9.95 -20.69
C ILE D 198 26.42 10.47 -21.99
N ILE D 199 26.36 9.60 -23.00
CA ILE D 199 25.81 10.00 -24.30
C ILE D 199 24.29 9.96 -24.21
N ILE D 200 23.65 11.02 -24.69
CA ILE D 200 22.19 11.10 -24.78
C ILE D 200 21.84 11.52 -26.19
N ASP D 201 21.07 10.68 -26.88
CA ASP D 201 20.60 11.01 -28.22
C ASP D 201 19.65 12.20 -28.08
N PRO D 202 19.94 13.36 -28.69
CA PRO D 202 19.06 14.51 -28.44
C PRO D 202 17.64 14.34 -28.96
N GLU D 203 17.46 13.59 -30.05
CA GLU D 203 16.16 13.46 -30.68
C GLU D 203 15.33 12.34 -30.07
N GLY D 204 15.95 11.22 -29.72
CA GLY D 204 15.21 10.06 -29.24
C GLY D 204 14.94 10.04 -27.75
N PHE D 205 15.70 10.80 -26.97
CA PHE D 205 15.58 10.72 -25.52
C PHE D 205 14.28 11.36 -25.06
N THR D 206 13.51 10.60 -24.28
CA THR D 206 12.33 11.10 -23.59
C THR D 206 12.68 11.31 -22.13
N GLU D 207 12.48 12.51 -21.63
CA GLU D 207 12.88 12.85 -20.27
C GLU D 207 11.97 12.15 -19.26
N ASN D 208 12.56 11.80 -18.12
CA ASN D 208 11.79 11.23 -17.02
C ASN D 208 10.78 12.25 -16.51
N GLY D 209 9.64 11.74 -16.05
CA GLY D 209 8.55 12.60 -15.65
C GLY D 209 8.78 13.35 -14.34
N GLU D 210 9.82 13.01 -13.59
CA GLU D 210 10.11 13.64 -12.30
C GLU D 210 11.54 14.10 -12.14
N TRP D 211 12.45 13.75 -13.04
CA TRP D 211 13.87 14.00 -12.86
C TRP D 211 14.46 14.61 -14.12
N GLU D 212 15.21 15.70 -13.95
CA GLU D 212 15.91 16.39 -15.03
C GLU D 212 17.40 16.18 -14.83
N ILE D 213 18.09 15.75 -15.90
CA ILE D 213 19.52 15.46 -15.82
C ILE D 213 20.27 16.78 -16.00
N VAL D 214 20.96 17.21 -14.95
CA VAL D 214 21.72 18.47 -14.98
C VAL D 214 23.14 18.25 -15.48
N HIS D 215 23.89 17.37 -14.80
CA HIS D 215 25.23 16.98 -15.21
C HIS D 215 25.26 15.48 -15.41
N ARG D 216 26.15 15.02 -16.29
CA ARG D 216 26.27 13.60 -16.60
C ARG D 216 27.72 13.27 -16.96
N PRO D 217 28.65 13.42 -16.01
CA PRO D 217 30.06 13.19 -16.31
C PRO D 217 30.42 11.71 -16.32
N ALA D 218 31.61 11.43 -16.87
CA ALA D 218 32.20 10.12 -16.87
C ALA D 218 33.66 10.23 -16.46
N ARG D 219 34.15 9.26 -15.71
CA ARG D 219 35.50 9.33 -15.15
C ARG D 219 36.11 7.94 -15.06
N VAL D 220 37.41 7.87 -15.30
CA VAL D 220 38.21 6.69 -14.98
C VAL D 220 38.83 6.91 -13.60
N ASN D 221 38.55 6.00 -12.68
CA ASN D 221 39.04 6.08 -11.31
C ASN D 221 40.04 4.95 -11.09
N VAL D 222 41.25 5.31 -10.67
CA VAL D 222 42.30 4.37 -10.31
C VAL D 222 42.64 4.61 -8.85
N ASP D 223 42.57 3.56 -8.04
CA ASP D 223 42.90 3.68 -6.62
C ASP D 223 44.41 3.47 -6.46
N PRO D 224 45.21 4.50 -6.13
CA PRO D 224 46.65 4.29 -6.03
C PRO D 224 47.07 3.35 -4.92
N ARG D 225 46.23 3.15 -3.90
CA ARG D 225 46.58 2.35 -2.74
C ARG D 225 46.35 0.86 -2.96
N ALA D 226 45.41 0.48 -3.84
CA ALA D 226 45.13 -0.94 -4.03
C ALA D 226 46.21 -1.58 -4.90
N PRO D 227 46.50 -2.87 -4.72
CA PRO D 227 47.49 -3.52 -5.59
C PRO D 227 46.93 -3.69 -7.00
N LEU D 228 47.85 -3.81 -7.96
CA LEU D 228 47.45 -3.89 -9.37
C LEU D 228 46.65 -5.14 -9.67
N ASP D 229 46.81 -6.21 -8.89
CA ASP D 229 46.05 -7.44 -9.10
C ASP D 229 44.78 -7.51 -8.26
N SER D 230 44.32 -6.38 -7.72
CA SER D 230 43.03 -6.32 -7.04
C SER D 230 41.92 -5.97 -8.05
N PRO D 231 40.71 -6.52 -7.95
CA PRO D 231 39.62 -6.03 -8.80
C PRO D 231 39.21 -4.61 -8.52
N SER D 232 39.55 -4.06 -7.35
CA SER D 232 39.13 -2.72 -6.95
C SER D 232 40.08 -1.62 -7.40
N ARG D 233 41.13 -1.95 -8.15
CA ARG D 233 42.08 -0.92 -8.56
C ARG D 233 41.45 0.08 -9.52
N GLN D 234 40.81 -0.41 -10.58
CA GLN D 234 40.30 0.43 -11.66
C GLN D 234 38.79 0.33 -11.77
N ASP D 235 38.18 1.43 -12.18
CA ASP D 235 36.78 1.42 -12.56
C ASP D 235 36.50 2.63 -13.44
N ILE D 236 35.37 2.59 -14.13
CA ILE D 236 34.84 3.74 -14.86
C ILE D 236 33.48 4.04 -14.26
N THR D 237 33.28 5.27 -13.82
CA THR D 237 32.05 5.68 -13.17
C THR D 237 31.34 6.73 -14.01
N PHE D 238 30.05 6.51 -14.24
CA PHE D 238 29.17 7.43 -14.96
C PHE D 238 28.19 7.99 -13.94
N TYR D 239 28.27 9.29 -13.69
CA TYR D 239 27.48 9.94 -12.65
C TYR D 239 26.29 10.65 -13.29
N LEU D 240 25.17 10.64 -12.57
CA LEU D 240 23.98 11.38 -12.95
C LEU D 240 23.62 12.30 -11.79
N ILE D 241 23.79 13.61 -12.02
CA ILE D 241 23.30 14.65 -11.08
C ILE D 241 21.91 14.95 -11.62
N ILE D 242 20.85 14.69 -10.88
CA ILE D 242 19.47 14.81 -11.33
C ILE D 242 18.68 15.67 -10.35
N ARG D 243 17.96 16.64 -10.89
CA ARG D 243 17.15 17.57 -10.12
C ARG D 243 15.70 17.12 -10.19
N ARG D 244 15.04 17.05 -9.03
CA ARG D 244 13.63 16.71 -9.03
C ARG D 244 12.82 17.87 -9.57
N LYS D 245 11.81 17.55 -10.39
CA LYS D 245 10.85 18.54 -10.85
C LYS D 245 9.70 18.56 -9.86
N PRO D 246 9.56 19.59 -9.02
CA PRO D 246 8.68 19.48 -7.84
C PRO D 246 7.23 19.85 -8.08
N LEU D 247 6.76 19.95 -9.33
CA LEU D 247 5.41 20.44 -9.58
C LEU D 247 4.35 19.56 -8.94
N PHE D 248 4.50 18.24 -9.04
CA PHE D 248 3.53 17.31 -8.47
C PHE D 248 3.39 17.52 -6.97
N TYR D 249 4.52 17.50 -6.25
CA TYR D 249 4.47 17.68 -4.81
C TYR D 249 3.92 19.04 -4.42
N ILE D 250 4.32 20.09 -5.15
CA ILE D 250 3.82 21.43 -4.92
C ILE D 250 2.30 21.39 -4.94
N ILE D 251 1.74 21.03 -6.10
CA ILE D 251 0.30 21.14 -6.33
C ILE D 251 -0.47 20.26 -5.35
N ASN D 252 -0.03 19.02 -5.16
CA ASN D 252 -0.86 18.04 -4.48
C ASN D 252 -0.63 17.97 -2.97
N ILE D 253 0.49 18.46 -2.46
CA ILE D 253 0.82 18.35 -1.04
C ILE D 253 1.08 19.74 -0.46
N LEU D 254 2.00 20.49 -1.07
CA LEU D 254 2.60 21.59 -0.32
C LEU D 254 1.66 22.77 -0.21
N VAL D 255 1.00 23.14 -1.30
CA VAL D 255 0.06 24.26 -1.29
C VAL D 255 -1.10 23.95 -0.36
N PRO D 256 -1.78 22.80 -0.47
CA PRO D 256 -2.82 22.50 0.53
C PRO D 256 -2.32 22.45 1.95
N CYS D 257 -1.14 21.86 2.20
CA CYS D 257 -0.64 21.76 3.55
C CYS D 257 -0.33 23.14 4.12
N VAL D 258 0.32 24.01 3.33
CA VAL D 258 0.65 25.34 3.79
C VAL D 258 -0.62 26.15 4.05
N LEU D 259 -1.60 26.07 3.14
CA LEU D 259 -2.84 26.82 3.33
C LEU D 259 -3.60 26.34 4.56
N ILE D 260 -3.68 25.02 4.77
CA ILE D 260 -4.39 24.48 5.91
C ILE D 260 -3.69 24.90 7.20
N SER D 261 -2.36 24.86 7.21
CA SER D 261 -1.62 25.29 8.40
C SER D 261 -1.84 26.77 8.68
N PHE D 262 -1.77 27.61 7.64
CA PHE D 262 -1.95 29.04 7.84
C PHE D 262 -3.38 29.40 8.23
N MET D 263 -4.36 28.55 7.94
CA MET D 263 -5.72 28.87 8.36
C MET D 263 -5.87 28.94 9.87
N VAL D 264 -5.01 28.24 10.62
CA VAL D 264 -5.12 28.20 12.08
C VAL D 264 -5.02 29.58 12.72
N ASN D 265 -4.37 30.53 12.04
CA ASN D 265 -4.34 31.90 12.53
C ASN D 265 -5.71 32.57 12.51
N LEU D 266 -6.67 32.04 11.77
CA LEU D 266 -8.01 32.62 11.75
C LEU D 266 -8.73 32.47 13.07
N VAL D 267 -8.33 31.53 13.93
CA VAL D 267 -9.00 31.35 15.21
C VAL D 267 -8.87 32.59 16.08
N PHE D 268 -7.81 33.37 15.89
CA PHE D 268 -7.62 34.59 16.65
C PHE D 268 -8.59 35.69 16.25
N TYR D 269 -9.23 35.59 15.08
CA TYR D 269 -10.28 36.52 14.67
C TYR D 269 -11.68 36.00 14.94
N LEU D 270 -11.83 34.71 15.25
CA LEU D 270 -13.13 34.20 15.64
C LEU D 270 -13.46 34.65 17.06
N PRO D 271 -14.69 35.06 17.34
CA PRO D 271 -15.04 35.40 18.73
C PRO D 271 -15.12 34.14 19.59
N ALA D 272 -14.93 34.34 20.89
CA ALA D 272 -15.09 33.24 21.84
C ALA D 272 -16.53 32.77 21.95
N ASP D 273 -17.50 33.62 21.61
CA ASP D 273 -18.90 33.26 21.69
C ASP D 273 -19.35 32.38 20.53
N SER D 274 -18.56 32.26 19.47
CA SER D 274 -18.92 31.37 18.37
C SER D 274 -18.95 29.91 18.83
N GLY D 275 -18.12 29.56 19.81
CA GLY D 275 -18.08 28.20 20.31
C GLY D 275 -17.42 27.21 19.37
N GLU D 276 -16.54 27.66 18.49
CA GLU D 276 -15.95 26.80 17.46
C GLU D 276 -14.46 27.05 17.27
N LYS D 277 -13.80 27.70 18.23
CA LYS D 277 -12.39 28.06 18.08
C LYS D 277 -11.49 26.82 18.17
N THR D 278 -11.59 26.10 19.29
CA THR D 278 -10.73 24.93 19.51
C THR D 278 -11.02 23.83 18.50
N SER D 279 -12.27 23.72 18.03
CA SER D 279 -12.57 22.75 16.99
C SER D 279 -11.81 23.06 15.71
N VAL D 280 -11.74 24.34 15.31
CA VAL D 280 -10.98 24.72 14.12
C VAL D 280 -9.50 24.39 14.31
N ALA D 281 -8.94 24.74 15.46
CA ALA D 281 -7.52 24.51 15.68
C ALA D 281 -7.18 23.02 15.69
N ILE D 282 -7.97 22.22 16.43
CA ILE D 282 -7.68 20.80 16.52
C ILE D 282 -7.94 20.10 15.19
N SER D 283 -8.89 20.60 14.40
CA SER D 283 -9.10 20.02 13.08
C SER D 283 -7.93 20.31 12.14
N VAL D 284 -7.34 21.50 12.24
CA VAL D 284 -6.12 21.78 11.48
C VAL D 284 -5.02 20.80 11.89
N LEU D 285 -4.92 20.51 13.19
CA LEU D 285 -3.95 19.53 13.64
C LEU D 285 -4.22 18.15 13.04
N LEU D 286 -5.50 17.75 12.99
CA LEU D 286 -5.85 16.47 12.38
C LEU D 286 -5.47 16.42 10.90
N ALA D 287 -5.74 17.50 10.17
CA ALA D 287 -5.38 17.54 8.76
C ALA D 287 -3.88 17.44 8.56
N GLN D 288 -3.10 18.13 9.40
CA GLN D 288 -1.65 17.98 9.36
C GLN D 288 -1.23 16.55 9.65
N SER D 289 -1.92 15.88 10.56
CA SER D 289 -1.61 14.47 10.84
C SER D 289 -1.88 13.60 9.61
N VAL D 290 -2.96 13.88 8.88
CA VAL D 290 -3.22 13.14 7.65
C VAL D 290 -2.11 13.39 6.63
N PHE D 291 -1.65 14.63 6.53
CA PHE D 291 -0.56 14.93 5.62
C PHE D 291 0.73 14.20 6.01
N LEU D 292 0.99 14.11 7.32
CA LEU D 292 2.16 13.37 7.79
C LEU D 292 2.04 11.88 7.45
N LEU D 293 0.85 11.31 7.63
CA LEU D 293 0.58 9.95 7.16
C LEU D 293 0.88 9.80 5.68
N LEU D 294 0.53 10.81 4.89
CA LEU D 294 0.79 10.74 3.45
C LEU D 294 2.29 10.76 3.15
N ILE D 295 3.02 11.67 3.80
CA ILE D 295 4.45 11.81 3.50
C ILE D 295 5.21 10.59 3.96
N SER D 296 4.76 9.95 5.05
CA SER D 296 5.52 8.83 5.62
C SER D 296 5.67 7.66 4.65
N LYS D 297 4.81 7.54 3.66
CA LYS D 297 4.89 6.44 2.68
C LYS D 297 5.83 6.72 1.52
N ARG D 298 6.39 7.93 1.41
CA ARG D 298 7.03 8.38 0.19
C ARG D 298 8.54 8.52 0.28
N LEU D 299 9.12 8.52 1.48
CA LEU D 299 10.54 8.69 1.69
C LEU D 299 11.09 7.58 2.58
N PRO D 300 12.39 7.28 2.48
CA PRO D 300 12.97 6.28 3.39
C PRO D 300 13.11 6.84 4.79
N ALA D 301 13.15 5.94 5.77
CA ALA D 301 13.29 6.33 7.17
C ALA D 301 14.75 6.49 7.58
N THR D 302 15.52 7.27 6.82
CA THR D 302 16.91 7.52 7.16
C THR D 302 17.00 8.60 8.23
N SER D 303 18.16 8.64 8.89
CA SER D 303 18.42 9.59 9.96
C SER D 303 19.43 10.67 9.59
N MET D 304 19.87 10.73 8.33
CA MET D 304 20.87 11.72 7.96
C MET D 304 20.32 13.14 8.12
N ALA D 305 19.05 13.35 7.84
CA ALA D 305 18.45 14.66 7.98
C ALA D 305 16.94 14.52 8.04
N ILE D 306 16.30 15.57 8.55
CA ILE D 306 14.85 15.71 8.45
C ILE D 306 14.52 16.31 7.08
N PRO D 307 13.60 15.73 6.30
CA PRO D 307 13.26 16.37 5.02
C PRO D 307 12.59 17.71 5.22
N LEU D 308 12.73 18.57 4.20
CA LEU D 308 12.23 19.94 4.31
C LEU D 308 10.73 19.98 4.57
N ILE D 309 9.97 19.15 3.86
CA ILE D 309 8.54 19.05 4.12
C ILE D 309 8.30 18.53 5.52
N GLY D 310 9.14 17.60 5.98
CA GLY D 310 9.06 17.14 7.35
C GLY D 310 9.33 18.24 8.36
N LYS D 311 10.34 19.08 8.09
CA LYS D 311 10.60 20.22 8.96
C LYS D 311 9.40 21.15 9.02
N PHE D 312 8.81 21.44 7.86
CA PHE D 312 7.64 22.32 7.86
C PHE D 312 6.48 21.70 8.60
N LEU D 313 6.25 20.40 8.41
CA LEU D 313 5.12 19.77 9.06
C LEU D 313 5.30 19.74 10.58
N LEU D 314 6.52 19.44 11.04
CA LEU D 314 6.79 19.48 12.48
C LEU D 314 6.61 20.90 13.03
N PHE D 315 7.13 21.89 12.33
CA PHE D 315 7.01 23.28 12.77
C PHE D 315 5.55 23.70 12.83
N GLY D 316 4.77 23.33 11.81
CA GLY D 316 3.35 23.66 11.80
C GLY D 316 2.58 22.94 12.88
N MET D 317 2.90 21.67 13.15
CA MET D 317 2.22 20.94 14.21
C MET D 317 2.51 21.58 15.56
N VAL D 318 3.76 21.98 15.80
CA VAL D 318 4.10 22.65 17.05
C VAL D 318 3.35 23.97 17.17
N LEU D 319 3.31 24.75 16.08
CA LEU D 319 2.61 26.03 16.11
C LEU D 319 1.11 25.84 16.34
N VAL D 320 0.52 24.82 15.71
CA VAL D 320 -0.91 24.58 15.88
C VAL D 320 -1.22 24.13 17.30
N THR D 321 -0.33 23.31 17.89
CA THR D 321 -0.51 22.93 19.29
C THR D 321 -0.43 24.15 20.20
N MET D 322 0.52 25.04 19.94
CA MET D 322 0.59 26.29 20.68
C MET D 322 -0.68 27.11 20.52
N VAL D 323 -1.22 27.13 19.31
CA VAL D 323 -2.44 27.91 19.06
C VAL D 323 -3.62 27.30 19.81
N VAL D 324 -3.68 25.97 19.88
CA VAL D 324 -4.76 25.32 20.64
C VAL D 324 -4.64 25.69 22.12
N VAL D 325 -3.42 25.66 22.66
CA VAL D 325 -3.22 26.04 24.05
C VAL D 325 -3.63 27.49 24.28
N ILE D 326 -3.26 28.37 23.35
CA ILE D 326 -3.64 29.78 23.44
C ILE D 326 -5.15 29.93 23.40
N CYS D 327 -5.82 29.19 22.51
CA CYS D 327 -7.28 29.25 22.44
C CYS D 327 -7.92 28.80 23.74
N VAL D 328 -7.36 27.76 24.36
CA VAL D 328 -7.86 27.30 25.66
C VAL D 328 -7.71 28.41 26.69
N ILE D 329 -6.55 29.08 26.72
CA ILE D 329 -6.32 30.15 27.68
C ILE D 329 -7.28 31.31 27.43
N VAL D 330 -7.48 31.67 26.16
CA VAL D 330 -8.37 32.78 25.81
C VAL D 330 -9.80 32.47 26.21
N LEU D 331 -10.26 31.25 25.95
CA LEU D 331 -11.62 30.87 26.35
C LEU D 331 -11.76 30.88 27.87
N ASN D 332 -10.76 30.37 28.58
CA ASN D 332 -10.76 30.39 30.03
C ASN D 332 -10.90 31.81 30.55
N ILE D 333 -10.15 32.75 29.96
CA ILE D 333 -10.25 34.15 30.34
C ILE D 333 -11.64 34.69 30.03
N HIS D 334 -12.17 34.35 28.85
CA HIS D 334 -13.44 34.93 28.41
C HIS D 334 -14.59 34.54 29.33
N PHE D 335 -14.60 33.30 29.80
CA PHE D 335 -15.73 32.78 30.56
C PHE D 335 -15.59 32.99 32.08
N ARG D 336 -14.69 33.85 32.53
CA ARG D 336 -14.61 34.15 33.96
C ARG D 336 -15.78 35.04 34.39
N THR D 337 -16.21 34.88 35.63
CA THR D 337 -17.32 35.61 36.21
C THR D 337 -16.96 36.07 37.61
N PRO D 338 -17.69 37.05 38.16
CA PRO D 338 -17.44 37.45 39.55
C PRO D 338 -17.61 36.33 40.56
N SER D 339 -18.50 35.38 40.31
CA SER D 339 -18.72 34.28 41.24
C SER D 339 -17.55 33.30 41.28
N THR D 340 -16.61 33.39 40.34
CA THR D 340 -15.50 32.43 40.24
C THR D 340 -14.13 33.06 40.22
N HIS D 341 -13.97 34.31 39.76
CA HIS D 341 -12.67 34.95 39.64
C HIS D 341 -12.78 36.40 40.06
N VAL D 342 -11.63 36.97 40.42
CA VAL D 342 -11.51 38.38 40.80
C VAL D 342 -10.71 39.10 39.73
N LEU D 343 -11.29 40.16 39.16
CA LEU D 343 -10.63 40.95 38.13
C LEU D 343 -9.96 42.14 38.80
N SER D 344 -8.63 42.11 38.85
CA SER D 344 -7.87 43.15 39.54
C SER D 344 -7.78 44.41 38.69
N GLU D 345 -7.57 45.53 39.36
CA GLU D 345 -7.47 46.81 38.66
C GLU D 345 -6.23 46.86 37.77
N GLY D 346 -5.17 46.15 38.13
CA GLY D 346 -4.00 46.10 37.27
C GLY D 346 -4.27 45.41 35.95
N VAL D 347 -4.98 44.29 36.00
CA VAL D 347 -5.33 43.58 34.78
C VAL D 347 -6.22 44.43 33.90
N LYS D 348 -7.18 45.14 34.51
CA LYS D 348 -8.04 46.03 33.74
C LYS D 348 -7.24 47.17 33.11
N LYS D 349 -6.29 47.74 33.86
CA LYS D 349 -5.47 48.82 33.32
C LYS D 349 -4.64 48.32 32.16
N LEU D 350 -4.10 47.11 32.26
CA LEU D 350 -3.20 46.60 31.23
C LEU D 350 -3.98 46.22 29.97
N PHE D 351 -5.03 45.41 30.12
CA PHE D 351 -5.63 44.74 28.97
C PHE D 351 -6.82 45.49 28.37
N LEU D 352 -7.44 46.41 29.11
CA LEU D 352 -8.59 47.15 28.58
C LEU D 352 -8.23 48.56 28.12
N GLU D 353 -7.12 49.13 28.60
CA GLU D 353 -6.75 50.50 28.26
C GLU D 353 -5.40 50.60 27.56
N THR D 354 -4.33 50.02 28.11
CA THR D 354 -3.01 50.24 27.53
C THR D 354 -2.84 49.45 26.24
N LEU D 355 -2.97 48.12 26.33
CA LEU D 355 -2.71 47.27 25.16
C LEU D 355 -3.66 47.55 24.01
N PRO D 356 -4.98 47.70 24.20
CA PRO D 356 -5.83 48.04 23.03
C PRO D 356 -5.44 49.34 22.37
N GLU D 357 -4.98 50.33 23.14
CA GLU D 357 -4.50 51.57 22.55
C GLU D 357 -3.23 51.33 21.75
N LEU D 358 -2.30 50.52 22.27
CA LEU D 358 -1.08 50.24 21.52
C LEU D 358 -1.37 49.47 20.24
N LEU D 359 -2.29 48.51 20.30
CA LEU D 359 -2.58 47.63 19.17
C LEU D 359 -3.53 48.25 18.16
N HIS D 360 -3.96 49.49 18.36
CA HIS D 360 -4.88 50.19 17.45
C HIS D 360 -6.20 49.43 17.30
N MET D 361 -6.65 48.80 18.38
CA MET D 361 -7.92 48.08 18.36
C MET D 361 -9.08 49.05 18.30
N SER D 362 -10.21 48.59 17.75
CA SER D 362 -11.41 49.41 17.69
C SER D 362 -11.89 49.73 19.10
N ARG D 363 -12.34 50.97 19.30
CA ARG D 363 -12.64 51.47 20.63
C ARG D 363 -14.12 51.27 20.96
N PRO D 364 -14.50 50.98 22.21
CA PRO D 364 -15.92 50.89 22.54
C PRO D 364 -16.62 52.23 22.40
N ALA D 365 -17.87 52.18 21.93
CA ALA D 365 -18.75 53.35 21.87
C ALA D 365 -18.13 54.53 21.15
N GLN D 429 -50.10 55.90 58.23
CA GLN D 429 -49.56 54.84 59.07
C GLN D 429 -50.01 53.46 58.57
N GLU D 430 -51.31 53.20 58.69
CA GLU D 430 -51.85 51.91 58.23
C GLU D 430 -51.79 51.80 56.71
N LEU D 431 -51.91 52.93 56.00
CA LEU D 431 -51.67 52.94 54.57
C LEU D 431 -50.26 52.42 54.27
N PHE D 432 -49.27 52.89 55.02
CA PHE D 432 -47.93 52.36 54.85
C PHE D 432 -47.82 50.93 55.37
N ASN D 433 -48.65 50.55 56.36
CA ASN D 433 -48.63 49.17 56.80
C ASN D 433 -49.08 48.23 55.69
N GLU D 434 -49.96 48.70 54.81
CA GLU D 434 -50.36 47.91 53.65
C GLU D 434 -49.40 48.02 52.48
N LEU D 435 -48.77 49.19 52.29
CA LEU D 435 -47.85 49.39 51.17
C LEU D 435 -46.41 48.95 51.46
N LYS D 436 -46.08 48.65 52.71
CA LYS D 436 -44.70 48.30 53.04
C LYS D 436 -44.21 47.03 52.36
N PRO D 437 -44.98 45.92 52.28
CA PRO D 437 -44.51 44.79 51.48
C PRO D 437 -44.25 45.15 50.03
N ALA D 438 -45.06 46.04 49.44
CA ALA D 438 -44.81 46.45 48.06
C ALA D 438 -43.53 47.25 47.93
N VAL D 439 -43.26 48.16 48.87
CA VAL D 439 -42.02 48.95 48.82
C VAL D 439 -40.82 48.03 49.00
N ASP D 440 -40.90 47.09 49.95
CA ASP D 440 -39.80 46.15 50.16
C ASP D 440 -39.58 45.28 48.93
N GLY D 441 -40.66 44.81 48.31
CA GLY D 441 -40.51 44.01 47.11
C GLY D 441 -39.91 44.78 45.96
N ALA D 442 -40.33 46.04 45.79
CA ALA D 442 -39.75 46.88 44.75
C ALA D 442 -38.26 47.11 45.00
N ASN D 443 -37.88 47.37 46.24
CA ASN D 443 -36.47 47.55 46.55
C ASN D 443 -35.69 46.27 46.30
N PHE D 444 -36.27 45.11 46.63
CA PHE D 444 -35.59 43.85 46.37
C PHE D 444 -35.41 43.63 44.87
N ILE D 445 -36.43 43.93 44.08
CA ILE D 445 -36.34 43.79 42.63
C ILE D 445 -35.25 44.68 42.08
N VAL D 446 -35.20 45.93 42.56
CA VAL D 446 -34.20 46.89 42.10
C VAL D 446 -32.80 46.40 42.44
N ASN D 447 -32.59 45.92 43.67
CA ASN D 447 -31.28 45.42 44.05
C ASN D 447 -30.89 44.22 43.21
N HIS D 448 -31.84 43.35 42.90
CA HIS D 448 -31.54 42.18 42.08
C HIS D 448 -31.13 42.60 40.67
N MET D 449 -31.88 43.53 40.06
CA MET D 449 -31.50 44.05 38.76
C MET D 449 -30.12 44.70 38.78
N ARG D 450 -29.84 45.52 39.79
CA ARG D 450 -28.56 46.21 39.86
C ARG D 450 -27.40 45.24 40.01
N ASP D 451 -27.57 44.23 40.87
CA ASP D 451 -26.55 43.21 41.03
C ASP D 451 -26.32 42.46 39.72
N GLN D 452 -27.40 42.13 39.01
CA GLN D 452 -27.26 41.43 37.75
C GLN D 452 -26.52 42.28 36.72
N ASN D 453 -26.81 43.58 36.70
CA ASN D 453 -26.14 44.48 35.76
C ASN D 453 -24.65 44.57 36.05
N ASN D 454 -24.28 44.68 37.33
CA ASN D 454 -22.86 44.72 37.68
C ASN D 454 -22.17 43.41 37.31
N TYR D 455 -22.85 42.29 37.56
CA TYR D 455 -22.31 40.98 37.20
C TYR D 455 -22.05 40.88 35.70
N ASN D 456 -23.02 41.30 34.89
CA ASN D 456 -22.86 41.30 33.45
C ASN D 456 -21.76 42.25 32.99
N GLU D 457 -21.61 43.40 33.66
CA GLU D 457 -20.54 44.32 33.31
C GLU D 457 -19.17 43.69 33.53
N GLU D 458 -19.00 42.99 34.65
CA GLU D 458 -17.72 42.33 34.89
C GLU D 458 -17.47 41.22 33.87
N LYS D 459 -18.51 40.47 33.50
CA LYS D 459 -18.35 39.45 32.47
C LYS D 459 -17.94 40.07 31.14
N ASP D 460 -18.53 41.23 30.80
CA ASP D 460 -18.17 41.92 29.57
C ASP D 460 -16.70 42.37 29.62
N SER D 461 -16.25 42.84 30.78
CA SER D 461 -14.84 43.20 30.93
C SER D 461 -13.93 42.01 30.70
N TRP D 462 -14.28 40.85 31.24
CA TRP D 462 -13.50 39.65 30.98
C TRP D 462 -13.49 39.30 29.50
N ASN D 463 -14.64 39.45 28.83
CA ASN D 463 -14.71 39.20 27.40
C ASN D 463 -13.76 40.11 26.63
N ARG D 464 -13.70 41.40 27.00
CA ARG D 464 -12.82 42.33 26.32
C ARG D 464 -11.34 42.03 26.60
N VAL D 465 -11.01 41.59 27.82
CA VAL D 465 -9.65 41.16 28.09
C VAL D 465 -9.27 39.99 27.18
N ALA D 466 -10.19 39.04 27.02
CA ALA D 466 -9.94 37.91 26.13
C ALA D 466 -9.73 38.38 24.69
N ARG D 467 -10.52 39.37 24.25
CA ARG D 467 -10.36 39.91 22.90
C ARG D 467 -8.98 40.54 22.73
N THR D 468 -8.52 41.29 23.73
CA THR D 468 -7.20 41.91 23.64
C THR D 468 -6.10 40.86 23.57
N VAL D 469 -6.20 39.81 24.38
CA VAL D 469 -5.22 38.74 24.32
C VAL D 469 -5.22 38.09 22.94
N ASP D 470 -6.43 37.91 22.38
CA ASP D 470 -6.60 37.29 21.05
C ASP D 470 -5.93 38.14 19.98
N ARG D 471 -6.05 39.46 20.08
CA ARG D 471 -5.45 40.35 19.10
C ARG D 471 -3.92 40.36 19.21
N LEU D 472 -3.40 40.38 20.44
CA LEU D 472 -1.96 40.28 20.62
C LEU D 472 -1.43 38.98 20.06
N CYS D 473 -2.16 37.88 20.29
CA CYS D 473 -1.70 36.60 19.77
C CYS D 473 -1.79 36.56 18.25
N LEU D 474 -2.77 37.25 17.66
CA LEU D 474 -2.81 37.36 16.21
C LEU D 474 -1.56 38.08 15.69
N PHE D 475 -1.16 39.17 16.35
CA PHE D 475 -0.02 39.93 15.86
C PHE D 475 1.32 39.33 16.25
N VAL D 476 1.37 38.30 17.10
CA VAL D 476 2.64 37.66 17.46
C VAL D 476 2.77 36.32 16.73
N VAL D 477 1.73 35.49 16.77
CA VAL D 477 1.84 34.13 16.24
C VAL D 477 1.91 34.15 14.72
N THR D 478 1.10 34.98 14.06
CA THR D 478 1.05 34.94 12.60
C THR D 478 2.37 35.34 11.96
N PRO D 479 3.04 36.43 12.38
CA PRO D 479 4.38 36.69 11.82
C PRO D 479 5.36 35.56 12.06
N VAL D 480 5.30 34.90 13.22
CA VAL D 480 6.20 33.78 13.48
C VAL D 480 5.93 32.66 12.48
N MET D 481 4.65 32.34 12.26
CA MET D 481 4.29 31.32 11.26
C MET D 481 4.81 31.70 9.88
N VAL D 482 4.56 32.94 9.44
CA VAL D 482 4.96 33.35 8.11
C VAL D 482 6.48 33.31 7.96
N VAL D 483 7.21 33.82 8.94
CA VAL D 483 8.67 33.89 8.85
C VAL D 483 9.27 32.49 8.89
N GLY D 484 8.77 31.63 9.77
CA GLY D 484 9.29 30.27 9.83
C GLY D 484 9.03 29.49 8.55
N THR D 485 7.81 29.61 8.01
CA THR D 485 7.51 28.93 6.75
C THR D 485 8.36 29.47 5.61
N ALA D 486 8.53 30.79 5.55
CA ALA D 486 9.34 31.39 4.50
C ALA D 486 10.78 30.93 4.61
N TRP D 487 11.34 30.90 5.82
CA TRP D 487 12.70 30.42 6.00
C TRP D 487 12.85 28.98 5.53
N ILE D 488 11.98 28.10 6.03
CA ILE D 488 12.09 26.67 5.74
C ILE D 488 12.00 26.43 4.23
N PHE D 489 11.10 27.14 3.56
CA PHE D 489 10.92 26.91 2.13
C PHE D 489 11.95 27.63 1.27
N LEU D 490 12.48 28.76 1.74
CA LEU D 490 13.54 29.43 0.98
C LEU D 490 14.84 28.66 1.02
N GLN D 491 15.08 27.83 2.05
CA GLN D 491 16.25 26.95 1.94
C GLN D 491 16.10 26.01 0.75
N GLY D 492 14.91 25.50 0.50
CA GLY D 492 14.73 24.54 -0.57
C GLY D 492 14.58 25.16 -1.95
N VAL D 493 13.95 26.33 -2.03
CA VAL D 493 13.72 26.96 -3.32
C VAL D 493 15.04 27.33 -3.98
N TYR D 494 15.99 27.87 -3.20
CA TYR D 494 17.30 28.24 -3.69
C TYR D 494 18.32 27.12 -3.54
N ASN D 495 17.87 25.86 -3.40
CA ASN D 495 18.76 24.72 -3.46
C ASN D 495 18.85 24.24 -4.90
N GLN D 496 20.07 24.18 -5.42
CA GLN D 496 20.32 23.82 -6.81
C GLN D 496 21.62 23.01 -6.85
N PRO D 497 21.77 22.09 -7.80
CA PRO D 497 23.05 21.39 -7.92
C PRO D 497 24.16 22.37 -8.27
N PRO D 498 25.41 22.08 -7.91
CA PRO D 498 26.49 23.05 -8.13
C PRO D 498 26.76 23.25 -9.61
N PRO D 499 27.39 24.37 -9.99
CA PRO D 499 27.65 24.60 -11.43
C PRO D 499 28.51 23.54 -12.08
N GLN D 500 29.45 22.93 -11.34
CA GLN D 500 30.33 21.89 -11.85
C GLN D 500 29.93 20.54 -11.25
N PRO D 501 30.14 19.43 -11.96
CA PRO D 501 29.80 18.12 -11.35
C PRO D 501 30.60 17.81 -10.10
N PHE D 502 31.92 18.04 -10.12
CA PHE D 502 32.80 17.72 -9.01
C PHE D 502 33.27 18.99 -8.34
N PRO D 503 33.04 19.18 -7.03
CA PRO D 503 33.65 20.35 -6.35
C PRO D 503 35.16 20.29 -6.42
N GLY D 504 35.78 21.45 -6.66
CA GLY D 504 37.22 21.56 -6.80
C GLY D 504 37.74 21.33 -8.21
N ASP D 505 36.92 20.79 -9.10
CA ASP D 505 37.30 20.54 -10.49
C ASP D 505 36.62 21.57 -11.38
N PRO D 506 37.34 22.46 -12.08
CA PRO D 506 36.64 23.46 -12.91
C PRO D 506 36.01 22.90 -14.18
N TYR D 507 36.33 21.68 -14.57
CA TYR D 507 35.80 21.13 -15.81
C TYR D 507 34.30 20.87 -15.69
N SER D 508 33.60 21.03 -16.81
CA SER D 508 32.15 20.90 -16.86
C SER D 508 31.67 19.54 -17.34
N TYR D 509 32.51 18.78 -18.04
CA TYR D 509 32.14 17.46 -18.58
C TYR D 509 30.91 17.56 -19.48
N ASN D 510 30.96 18.53 -20.40
CA ASN D 510 29.90 18.74 -21.38
C ASN D 510 30.50 18.58 -22.78
N VAL D 511 29.65 18.15 -23.72
CA VAL D 511 30.13 17.88 -25.07
C VAL D 511 30.62 19.16 -25.74
N GLN D 512 30.13 20.32 -25.31
CA GLN D 512 30.61 21.57 -25.87
C GLN D 512 32.08 21.82 -25.52
N ASP D 513 32.49 21.51 -24.29
CA ASP D 513 33.85 21.76 -23.82
C ASP D 513 34.72 20.51 -23.96
N LYS D 514 35.02 20.16 -25.21
CA LYS D 514 35.90 19.04 -25.49
C LYS D 514 37.34 19.37 -25.10
N ARG D 515 38.02 18.37 -24.54
CA ARG D 515 39.43 18.49 -24.14
C ARG D 515 40.25 17.69 -25.13
N PHE D 516 40.64 18.35 -26.21
CA PHE D 516 41.39 17.69 -27.28
C PHE D 516 42.76 17.27 -26.78
N ILE D 517 43.21 16.11 -27.23
CA ILE D 517 44.46 15.53 -26.79
C ILE D 517 45.60 16.09 -27.63
N LYS E 21 20.51 -58.72 -15.44
CA LYS E 21 20.42 -57.58 -16.41
C LYS E 21 19.00 -57.04 -16.41
N ASN E 22 18.84 -55.80 -15.92
CA ASN E 22 17.55 -55.15 -15.85
C ASN E 22 16.89 -55.08 -17.23
N GLU E 23 15.69 -55.63 -17.35
CA GLU E 23 14.99 -55.61 -18.63
C GLU E 23 14.51 -54.22 -19.02
N GLU E 24 14.39 -53.31 -18.05
CA GLU E 24 14.04 -51.94 -18.39
C GLU E 24 15.11 -51.29 -19.25
N LEU E 25 16.39 -51.57 -18.97
CA LEU E 25 17.47 -51.02 -19.80
C LEU E 25 17.41 -51.57 -21.22
N ARG E 26 17.15 -52.87 -21.36
CA ARG E 26 17.03 -53.47 -22.68
C ARG E 26 15.88 -52.86 -23.46
N LEU E 27 14.72 -52.68 -22.80
CA LEU E 27 13.57 -52.07 -23.46
C LEU E 27 13.89 -50.63 -23.85
N TYR E 28 14.53 -49.88 -22.96
CA TYR E 28 14.85 -48.48 -23.23
C TYR E 28 15.77 -48.36 -24.43
N HIS E 29 16.78 -49.21 -24.51
CA HIS E 29 17.65 -49.18 -25.69
C HIS E 29 16.97 -49.71 -26.94
N HIS E 30 15.96 -50.57 -26.80
CA HIS E 30 15.20 -51.03 -27.95
C HIS E 30 14.27 -49.96 -28.52
N LEU E 31 13.72 -49.10 -27.67
CA LEU E 31 12.74 -48.11 -28.11
C LEU E 31 13.37 -46.78 -28.51
N PHE E 32 14.62 -46.50 -28.11
CA PHE E 32 15.18 -45.16 -28.22
C PHE E 32 16.54 -45.09 -28.91
N ASN E 33 17.15 -46.23 -29.26
CA ASN E 33 18.41 -46.17 -29.98
C ASN E 33 18.23 -45.56 -31.37
N ASN E 34 17.07 -45.77 -31.99
CA ASN E 34 16.71 -45.14 -33.26
C ASN E 34 15.34 -44.51 -33.10
N TYR E 35 15.32 -43.28 -32.60
CA TYR E 35 14.08 -42.57 -32.33
C TYR E 35 14.34 -41.08 -32.42
N ASP E 36 13.49 -40.37 -33.16
CA ASP E 36 13.60 -38.94 -33.36
C ASP E 36 12.46 -38.22 -32.63
N PRO E 37 12.69 -37.55 -31.51
CA PRO E 37 11.59 -36.86 -30.84
C PRO E 37 11.13 -35.58 -31.53
N GLY E 38 11.82 -35.13 -32.57
CA GLY E 38 11.39 -33.96 -33.31
C GLY E 38 10.33 -34.20 -34.37
N SER E 39 10.11 -35.45 -34.77
CA SER E 39 9.16 -35.80 -35.82
C SER E 39 7.88 -36.36 -35.18
N ARG E 40 6.74 -36.01 -35.76
CA ARG E 40 5.47 -36.47 -35.23
C ARG E 40 5.36 -38.00 -35.38
N PRO E 41 4.57 -38.67 -34.53
CA PRO E 41 4.40 -40.12 -34.67
C PRO E 41 3.32 -40.47 -35.69
N VAL E 42 3.63 -40.22 -36.95
CA VAL E 42 2.74 -40.51 -38.06
C VAL E 42 3.54 -41.15 -39.18
N ARG E 43 2.94 -42.14 -39.83
CA ARG E 43 3.61 -42.85 -40.92
C ARG E 43 3.65 -42.02 -42.19
N GLU E 44 2.60 -41.23 -42.46
CA GLU E 44 2.50 -40.36 -43.62
C GLU E 44 2.38 -38.90 -43.17
N PRO E 45 2.89 -37.93 -43.95
CA PRO E 45 2.79 -36.53 -43.50
C PRO E 45 1.37 -36.03 -43.31
N GLU E 46 0.42 -36.47 -44.14
CA GLU E 46 -0.94 -35.96 -44.07
C GLU E 46 -1.75 -36.56 -42.93
N ASP E 47 -1.24 -37.57 -42.24
CA ASP E 47 -1.95 -38.15 -41.11
C ASP E 47 -1.97 -37.18 -39.93
N THR E 48 -2.94 -37.38 -39.05
CA THR E 48 -3.15 -36.54 -37.88
C THR E 48 -2.89 -37.35 -36.62
N VAL E 49 -2.32 -36.69 -35.62
CA VAL E 49 -2.13 -37.27 -34.30
C VAL E 49 -3.31 -36.87 -33.43
N THR E 50 -4.01 -37.86 -32.89
CA THR E 50 -5.15 -37.61 -32.01
C THR E 50 -4.67 -37.60 -30.57
N ILE E 51 -4.97 -36.52 -29.86
CA ILE E 51 -4.51 -36.31 -28.49
C ILE E 51 -5.74 -36.30 -27.59
N SER E 52 -5.78 -37.22 -26.62
CA SER E 52 -6.82 -37.23 -25.61
C SER E 52 -6.40 -36.36 -24.43
N LEU E 53 -7.25 -35.40 -24.07
CA LEU E 53 -6.93 -34.38 -23.09
C LEU E 53 -7.89 -34.44 -21.92
N LYS E 54 -7.35 -34.34 -20.72
CA LYS E 54 -8.11 -34.09 -19.50
C LYS E 54 -7.36 -33.00 -18.75
N VAL E 55 -8.10 -32.14 -18.06
CA VAL E 55 -7.50 -31.11 -17.22
C VAL E 55 -8.10 -31.25 -15.83
N THR E 56 -7.25 -31.49 -14.84
CA THR E 56 -7.68 -31.64 -13.45
C THR E 56 -7.26 -30.40 -12.67
N LEU E 57 -8.20 -29.75 -12.01
CA LEU E 57 -7.91 -28.63 -11.15
C LEU E 57 -7.75 -29.12 -9.71
N THR E 58 -6.58 -28.85 -9.11
CA THR E 58 -6.34 -29.19 -7.72
C THR E 58 -6.68 -28.04 -6.78
N ASN E 59 -6.31 -26.81 -7.15
CA ASN E 59 -6.63 -25.63 -6.35
C ASN E 59 -6.89 -24.45 -7.27
N LEU E 60 -7.85 -23.62 -6.86
CA LEU E 60 -8.02 -22.27 -7.40
C LEU E 60 -7.34 -21.33 -6.41
N ILE E 61 -6.16 -20.83 -6.78
CA ILE E 61 -5.39 -20.02 -5.83
C ILE E 61 -6.05 -18.66 -5.64
N SER E 62 -6.32 -17.94 -6.73
CA SER E 62 -6.92 -16.62 -6.53
C SER E 62 -7.45 -16.08 -7.84
N LEU E 63 -8.26 -15.04 -7.73
CA LEU E 63 -8.61 -14.15 -8.83
C LEU E 63 -8.28 -12.73 -8.40
N ASN E 64 -7.22 -12.18 -8.97
CA ASN E 64 -6.77 -10.82 -8.69
C ASN E 64 -7.53 -9.89 -9.62
N GLU E 65 -8.46 -9.12 -9.05
CA GLU E 65 -9.30 -8.24 -9.85
C GLU E 65 -8.52 -7.07 -10.42
N LYS E 66 -7.55 -6.54 -9.67
CA LYS E 66 -6.79 -5.39 -10.13
C LYS E 66 -5.96 -5.72 -11.37
N GLU E 67 -5.32 -6.89 -11.39
CA GLU E 67 -4.59 -7.37 -12.55
C GLU E 67 -5.45 -8.22 -13.48
N GLU E 68 -6.68 -8.56 -13.08
CA GLU E 68 -7.58 -9.39 -13.88
C GLU E 68 -6.92 -10.72 -14.25
N THR E 69 -6.41 -11.38 -13.21
CA THR E 69 -5.62 -12.60 -13.37
C THR E 69 -6.18 -13.71 -12.50
N LEU E 70 -6.44 -14.87 -13.10
CA LEU E 70 -6.84 -16.07 -12.37
C LEU E 70 -5.62 -16.95 -12.21
N THR E 71 -5.28 -17.28 -10.96
CA THR E 71 -4.17 -18.16 -10.64
C THR E 71 -4.73 -19.50 -10.16
N THR E 72 -4.33 -20.57 -10.85
CA THR E 72 -4.82 -21.92 -10.58
C THR E 72 -3.67 -22.91 -10.57
N SER E 73 -3.86 -23.99 -9.83
CA SER E 73 -2.98 -25.15 -9.85
C SER E 73 -3.73 -26.32 -10.47
N VAL E 74 -3.17 -26.90 -11.52
CA VAL E 74 -3.81 -27.97 -12.27
C VAL E 74 -2.77 -29.04 -12.56
N TRP E 75 -3.25 -30.18 -13.05
CA TRP E 75 -2.40 -31.12 -13.77
C TRP E 75 -3.13 -31.59 -15.02
N ILE E 76 -2.43 -31.51 -16.14
CA ILE E 76 -2.98 -31.84 -17.44
C ILE E 76 -2.68 -33.30 -17.68
N GLY E 77 -3.65 -34.04 -18.19
CA GLY E 77 -3.46 -35.43 -18.58
C GLY E 77 -3.55 -35.56 -20.09
N ILE E 78 -2.47 -35.97 -20.73
CA ILE E 78 -2.36 -36.01 -22.18
C ILE E 78 -2.01 -37.43 -22.56
N ASP E 79 -2.87 -38.06 -23.37
CA ASP E 79 -2.63 -39.42 -23.85
C ASP E 79 -2.60 -39.41 -25.37
N TRP E 80 -1.72 -40.23 -25.94
CA TRP E 80 -1.72 -40.41 -27.39
C TRP E 80 -1.03 -41.72 -27.73
N GLN E 81 -0.91 -41.99 -29.02
CA GLN E 81 -0.24 -43.18 -29.54
C GLN E 81 1.02 -42.78 -30.28
N ASP E 82 2.09 -43.53 -30.05
CA ASP E 82 3.35 -43.39 -30.80
C ASP E 82 3.74 -44.78 -31.27
N TYR E 83 3.52 -45.06 -32.55
CA TYR E 83 3.77 -46.40 -33.09
C TYR E 83 5.23 -46.80 -32.98
N ARG E 84 6.15 -45.84 -32.96
CA ARG E 84 7.57 -46.15 -32.82
C ARG E 84 7.93 -46.65 -31.42
N LEU E 85 7.11 -46.32 -30.41
CA LEU E 85 7.37 -46.71 -28.99
C LEU E 85 6.48 -47.90 -28.66
N ASN E 86 6.25 -48.79 -29.62
CA ASN E 86 5.38 -49.98 -29.45
C ASN E 86 6.22 -51.18 -29.04
N TYR E 87 5.83 -51.90 -27.99
CA TYR E 87 6.53 -53.12 -27.52
C TYR E 87 5.54 -54.07 -26.85
N SER E 88 5.88 -55.35 -26.73
CA SER E 88 5.07 -56.36 -26.07
C SER E 88 5.77 -56.80 -24.78
N LYS E 89 4.98 -57.01 -23.73
CA LYS E 89 5.55 -57.41 -22.46
C LYS E 89 6.24 -58.76 -22.54
N ASP E 90 5.72 -59.66 -23.38
CA ASP E 90 6.24 -61.03 -23.44
C ASP E 90 7.69 -61.04 -23.94
N ASP E 91 8.05 -60.10 -24.82
CA ASP E 91 9.42 -59.99 -25.31
C ASP E 91 10.34 -59.23 -24.36
N PHE E 92 9.82 -58.69 -23.26
CA PHE E 92 10.64 -57.88 -22.35
C PHE E 92 10.30 -58.21 -20.90
N GLY E 93 10.18 -59.50 -20.60
CA GLY E 93 10.10 -59.95 -19.23
C GLY E 93 8.85 -59.55 -18.47
N GLY E 94 7.78 -59.19 -19.18
CA GLY E 94 6.54 -58.84 -18.53
C GLY E 94 6.40 -57.38 -18.14
N ILE E 95 7.29 -56.51 -18.63
CA ILE E 95 7.17 -55.09 -18.33
C ILE E 95 5.97 -54.52 -19.09
N GLU E 96 5.07 -53.87 -18.35
CA GLU E 96 3.88 -53.25 -18.92
C GLU E 96 3.95 -51.72 -18.96
N THR E 97 4.95 -51.12 -18.31
CA THR E 97 5.07 -49.67 -18.26
C THR E 97 6.54 -49.31 -18.17
N LEU E 98 6.93 -48.25 -18.85
CA LEU E 98 8.30 -47.71 -18.76
C LEU E 98 8.21 -46.20 -18.55
N ARG E 99 8.76 -45.73 -17.43
CA ARG E 99 8.87 -44.30 -17.18
C ARG E 99 10.14 -43.76 -17.84
N VAL E 100 10.01 -42.71 -18.63
CA VAL E 100 11.19 -42.05 -19.23
C VAL E 100 11.01 -40.55 -19.17
N PRO E 101 12.12 -39.80 -19.18
CA PRO E 101 12.00 -38.33 -19.20
C PRO E 101 11.24 -37.83 -20.43
N SER E 102 10.43 -36.79 -20.21
CA SER E 102 9.60 -36.26 -21.30
C SER E 102 10.43 -35.70 -22.44
N GLU E 103 11.68 -35.31 -22.16
CA GLU E 103 12.54 -34.73 -23.20
C GLU E 103 12.92 -35.73 -24.28
N LEU E 104 12.83 -37.03 -24.01
CA LEU E 104 13.24 -38.05 -24.98
C LEU E 104 12.17 -38.43 -25.99
N VAL E 105 10.91 -38.03 -25.76
CA VAL E 105 9.80 -38.41 -26.63
C VAL E 105 9.27 -37.18 -27.33
N TRP E 106 8.65 -37.39 -28.48
CA TRP E 106 7.87 -36.34 -29.12
C TRP E 106 6.72 -35.97 -28.20
N LEU E 107 6.44 -34.67 -28.11
CA LEU E 107 5.33 -34.15 -27.32
C LEU E 107 4.46 -33.27 -28.20
N PRO E 108 3.14 -33.20 -27.94
CA PRO E 108 2.30 -32.29 -28.73
C PRO E 108 2.53 -30.82 -28.43
N GLU E 109 3.27 -30.47 -27.37
CA GLU E 109 3.57 -29.10 -27.00
C GLU E 109 2.29 -28.30 -26.73
N ILE E 110 1.50 -28.80 -25.78
CA ILE E 110 0.28 -28.11 -25.36
C ILE E 110 0.66 -26.95 -24.46
N VAL E 111 0.07 -25.79 -24.73
CA VAL E 111 0.31 -24.57 -23.98
C VAL E 111 -1.03 -23.91 -23.66
N LEU E 112 -1.03 -23.13 -22.58
CA LEU E 112 -2.15 -22.25 -22.28
C LEU E 112 -1.96 -20.98 -23.09
N GLU E 113 -2.86 -20.74 -24.03
CA GLU E 113 -2.70 -19.61 -24.95
C GLU E 113 -3.05 -18.27 -24.29
N ASN E 114 -4.00 -18.26 -23.37
CA ASN E 114 -4.50 -17.03 -22.75
C ASN E 114 -3.85 -16.76 -21.40
N ASN E 115 -2.58 -17.10 -21.25
CA ASN E 115 -1.84 -16.72 -20.07
C ASN E 115 -1.58 -15.20 -20.09
N ILE E 116 -1.38 -14.64 -18.91
CA ILE E 116 -1.14 -13.21 -18.75
C ILE E 116 0.30 -12.89 -18.37
N ASP E 117 1.07 -13.87 -17.90
CA ASP E 117 2.42 -13.63 -17.37
C ASP E 117 3.54 -14.09 -18.31
N GLY E 118 3.21 -14.49 -19.54
CA GLY E 118 4.20 -15.01 -20.44
C GLY E 118 4.56 -16.46 -20.24
N GLN E 119 3.96 -17.13 -19.25
CA GLN E 119 4.26 -18.53 -18.96
C GLN E 119 3.28 -19.40 -19.73
N PHE E 120 3.77 -20.03 -20.80
CA PHE E 120 2.95 -20.89 -21.64
C PHE E 120 2.95 -22.35 -21.20
N GLY E 121 4.08 -22.85 -20.69
CA GLY E 121 4.27 -24.27 -20.47
C GLY E 121 3.91 -24.74 -19.07
N VAL E 122 4.26 -26.00 -18.81
CA VAL E 122 3.92 -26.65 -17.54
C VAL E 122 4.96 -26.33 -16.48
N ALA E 123 4.60 -26.56 -15.22
CA ALA E 123 5.46 -26.19 -14.10
C ALA E 123 6.59 -27.20 -13.91
N TYR E 124 6.32 -28.49 -14.12
CA TYR E 124 7.28 -29.55 -13.82
C TYR E 124 7.22 -30.60 -14.93
N ASP E 125 8.36 -30.87 -15.55
CA ASP E 125 8.45 -31.82 -16.64
C ASP E 125 8.57 -33.23 -16.06
N ALA E 126 7.42 -33.81 -15.74
CA ALA E 126 7.37 -35.15 -15.20
C ALA E 126 7.73 -36.18 -16.28
N ASN E 127 8.03 -37.40 -15.83
CA ASN E 127 8.25 -38.49 -16.77
C ASN E 127 6.98 -38.78 -17.55
N VAL E 128 7.16 -39.21 -18.78
CA VAL E 128 6.09 -39.83 -19.55
C VAL E 128 6.10 -41.32 -19.24
N LEU E 129 4.90 -41.90 -19.20
CA LEU E 129 4.70 -43.33 -19.04
C LEU E 129 4.42 -43.92 -20.42
N VAL E 130 5.24 -44.88 -20.83
CA VAL E 130 5.10 -45.55 -22.12
C VAL E 130 4.58 -46.95 -21.81
N TYR E 131 3.34 -47.21 -22.18
CA TYR E 131 2.71 -48.51 -22.00
C TYR E 131 2.96 -49.38 -23.22
N GLU E 132 2.78 -50.69 -23.03
CA GLU E 132 2.84 -51.59 -24.16
C GLU E 132 1.70 -51.28 -25.14
N GLY E 133 1.99 -51.43 -26.43
CA GLY E 133 1.06 -51.07 -27.46
C GLY E 133 1.21 -49.66 -27.99
N GLY E 134 2.29 -48.96 -27.66
CA GLY E 134 2.55 -47.64 -28.19
C GLY E 134 1.81 -46.50 -27.52
N SER E 135 1.13 -46.76 -26.40
CA SER E 135 0.38 -45.71 -25.72
C SER E 135 1.31 -44.90 -24.83
N VAL E 136 1.26 -43.58 -24.99
CA VAL E 136 2.09 -42.64 -24.24
C VAL E 136 1.17 -41.77 -23.40
N THR E 137 1.49 -41.65 -22.12
CA THR E 137 0.74 -40.82 -21.17
C THR E 137 1.71 -39.83 -20.52
N TRP E 138 1.28 -38.57 -20.44
CA TRP E 138 2.05 -37.51 -19.80
C TRP E 138 1.11 -36.75 -18.88
N LEU E 139 1.49 -36.61 -17.61
CA LEU E 139 0.63 -36.00 -16.59
C LEU E 139 1.31 -34.84 -15.88
N PRO E 140 1.76 -33.81 -16.59
CA PRO E 140 2.54 -32.76 -15.96
C PRO E 140 1.67 -31.88 -15.08
N PRO E 141 2.16 -31.44 -13.92
CA PRO E 141 1.45 -30.39 -13.18
C PRO E 141 1.83 -29.01 -13.65
N ALA E 142 0.97 -28.04 -13.34
CA ALA E 142 1.14 -26.68 -13.84
C ALA E 142 0.52 -25.69 -12.86
N ILE E 143 1.15 -24.52 -12.78
CA ILE E 143 0.56 -23.34 -12.16
C ILE E 143 0.32 -22.35 -13.30
N TYR E 144 -0.93 -21.92 -13.45
CA TYR E 144 -1.33 -21.09 -14.58
C TYR E 144 -1.88 -19.77 -14.07
N ARG E 145 -1.42 -18.68 -14.68
CA ARG E 145 -1.94 -17.34 -14.46
C ARG E 145 -2.57 -16.88 -15.77
N SER E 146 -3.90 -16.86 -15.82
CA SER E 146 -4.65 -16.67 -17.04
C SER E 146 -5.45 -15.37 -17.00
N VAL E 147 -5.69 -14.82 -18.19
CA VAL E 147 -6.49 -13.61 -18.32
C VAL E 147 -7.93 -13.94 -17.99
N CYS E 148 -8.52 -13.17 -17.09
CA CYS E 148 -9.95 -13.23 -16.81
C CYS E 148 -10.47 -11.82 -16.67
N ALA E 149 -11.21 -11.35 -17.68
CA ALA E 149 -11.82 -10.04 -17.62
C ALA E 149 -12.93 -10.05 -16.58
N VAL E 150 -12.83 -9.14 -15.61
CA VAL E 150 -13.74 -9.11 -14.47
C VAL E 150 -14.93 -8.23 -14.82
N GLU E 151 -16.12 -8.82 -14.80
CA GLU E 151 -17.36 -8.06 -14.97
C GLU E 151 -17.71 -7.44 -13.63
N VAL E 152 -17.56 -6.11 -13.53
CA VAL E 152 -17.60 -5.44 -12.24
C VAL E 152 -19.00 -5.08 -11.77
N THR E 153 -20.00 -5.13 -12.65
CA THR E 153 -21.30 -4.50 -12.45
C THR E 153 -21.96 -4.82 -11.11
N TYR E 154 -21.87 -6.07 -10.68
CA TYR E 154 -22.51 -6.51 -9.44
C TYR E 154 -21.53 -6.86 -8.33
N PHE E 155 -20.25 -6.46 -8.47
CA PHE E 155 -19.24 -6.66 -7.43
C PHE E 155 -19.70 -6.00 -6.13
N PRO E 156 -19.62 -6.67 -4.97
CA PRO E 156 -19.06 -7.98 -4.66
C PRO E 156 -20.03 -9.14 -4.81
N PHE E 157 -21.28 -8.92 -5.24
CA PHE E 157 -22.23 -10.00 -5.47
C PHE E 157 -22.18 -10.49 -6.91
N ASP E 158 -20.99 -10.80 -7.41
CA ASP E 158 -20.75 -11.07 -8.82
C ASP E 158 -20.36 -12.52 -9.04
N TRP E 159 -20.54 -12.97 -10.27
CA TRP E 159 -20.02 -14.23 -10.76
C TRP E 159 -19.20 -13.94 -12.01
N GLN E 160 -18.15 -14.73 -12.20
CA GLN E 160 -17.22 -14.51 -13.33
C GLN E 160 -17.19 -15.72 -14.25
N ASN E 161 -16.68 -15.54 -15.47
CA ASN E 161 -16.57 -16.61 -16.49
C ASN E 161 -15.12 -16.59 -16.96
N CYS E 162 -14.23 -17.31 -16.27
CA CYS E 162 -12.78 -17.33 -16.58
C CYS E 162 -12.47 -18.50 -17.51
N SER E 163 -11.88 -18.24 -18.67
CA SER E 163 -11.57 -19.26 -19.66
C SER E 163 -10.14 -19.75 -19.48
N LEU E 164 -9.95 -21.04 -19.76
CA LEU E 164 -8.64 -21.66 -19.89
C LEU E 164 -8.57 -22.27 -21.28
N ILE E 165 -7.73 -21.69 -22.14
CA ILE E 165 -7.64 -22.07 -23.54
C ILE E 165 -6.32 -22.78 -23.76
N PHE E 166 -6.40 -24.03 -24.22
CA PHE E 166 -5.24 -24.88 -24.46
C PHE E 166 -5.12 -25.17 -25.94
N ARG E 167 -3.93 -25.08 -26.49
CA ARG E 167 -3.71 -25.37 -27.92
C ARG E 167 -2.25 -25.72 -28.15
N SER E 168 -1.95 -26.48 -29.18
CA SER E 168 -0.57 -26.74 -29.57
C SER E 168 0.07 -25.46 -30.04
N GLN E 169 1.26 -25.16 -29.51
CA GLN E 169 2.01 -23.98 -29.93
C GLN E 169 2.62 -24.14 -31.32
N THR E 170 2.79 -25.36 -31.80
CA THR E 170 3.51 -25.65 -33.04
C THR E 170 2.62 -26.14 -34.17
N TYR E 171 1.74 -27.09 -33.91
CA TYR E 171 1.07 -27.86 -34.95
C TYR E 171 -0.33 -27.35 -35.21
N ASN E 172 -0.75 -27.43 -36.46
CA ASN E 172 -2.09 -27.03 -36.87
C ASN E 172 -3.05 -28.20 -36.71
N ALA E 173 -4.34 -27.94 -36.99
CA ALA E 173 -5.37 -28.93 -36.72
C ALA E 173 -5.23 -30.17 -37.58
N GLU E 174 -4.63 -30.04 -38.76
CA GLU E 174 -4.38 -31.22 -39.59
C GLU E 174 -3.23 -32.07 -39.06
N GLU E 175 -2.33 -31.49 -38.28
CA GLU E 175 -1.19 -32.21 -37.73
C GLU E 175 -1.49 -32.81 -36.36
N VAL E 176 -2.17 -32.07 -35.49
CA VAL E 176 -2.57 -32.55 -34.17
C VAL E 176 -4.01 -32.10 -33.92
N GLU E 177 -4.84 -33.03 -33.47
CA GLU E 177 -6.22 -32.75 -33.07
C GLU E 177 -6.44 -33.23 -31.65
N PHE E 178 -7.53 -32.77 -31.05
CA PHE E 178 -7.85 -33.03 -29.65
C PHE E 178 -9.18 -33.74 -29.52
N THR E 179 -9.24 -34.65 -28.54
CA THR E 179 -10.48 -35.22 -28.05
C THR E 179 -10.43 -35.21 -26.54
N PHE E 180 -11.60 -35.30 -25.91
CA PHE E 180 -11.67 -35.38 -24.46
C PHE E 180 -11.45 -36.80 -23.99
N ALA E 181 -10.90 -36.93 -22.79
CA ALA E 181 -10.73 -38.24 -22.17
C ALA E 181 -12.08 -38.77 -21.68
N VAL E 182 -12.14 -40.09 -21.53
CA VAL E 182 -13.34 -40.78 -21.08
C VAL E 182 -13.08 -41.40 -19.72
N ASP E 183 -14.14 -41.49 -18.91
CA ASP E 183 -14.04 -42.10 -17.59
C ASP E 183 -14.09 -43.63 -17.73
N ASN E 184 -14.20 -44.32 -16.61
CA ASN E 184 -14.24 -45.78 -16.62
C ASN E 184 -15.46 -46.29 -17.39
N ASP E 185 -16.61 -45.64 -17.20
CA ASP E 185 -17.83 -46.06 -17.88
C ASP E 185 -17.82 -45.71 -19.38
N GLY E 186 -16.83 -44.96 -19.85
CA GLY E 186 -16.80 -44.51 -21.23
C GLY E 186 -17.48 -43.18 -21.49
N LYS E 187 -17.99 -42.52 -20.46
CA LYS E 187 -18.60 -41.20 -20.61
C LYS E 187 -17.49 -40.18 -20.88
N THR E 188 -17.68 -39.36 -21.90
CA THR E 188 -16.71 -38.32 -22.22
C THR E 188 -16.61 -37.31 -21.08
N ILE E 189 -15.39 -37.03 -20.65
CA ILE E 189 -15.14 -36.02 -19.60
C ILE E 189 -14.92 -34.70 -20.33
N ASN E 190 -16.03 -34.06 -20.70
CA ASN E 190 -16.00 -32.75 -21.34
C ASN E 190 -16.11 -31.64 -20.31
N LYS E 191 -15.24 -31.66 -19.31
CA LYS E 191 -15.25 -30.69 -18.24
C LYS E 191 -13.92 -30.76 -17.50
N ILE E 192 -13.71 -29.78 -16.60
CA ILE E 192 -12.59 -29.84 -15.68
C ILE E 192 -12.88 -30.91 -14.63
N ASP E 193 -11.93 -31.82 -14.42
CA ASP E 193 -12.07 -32.84 -13.41
C ASP E 193 -11.60 -32.29 -12.06
N ILE E 194 -12.34 -32.60 -11.00
CA ILE E 194 -11.97 -32.20 -9.64
C ILE E 194 -12.17 -33.41 -8.73
N ASP E 195 -11.11 -33.80 -8.03
CA ASP E 195 -11.17 -34.86 -7.03
C ASP E 195 -11.84 -34.31 -5.78
N THR E 196 -13.05 -34.79 -5.48
CA THR E 196 -13.85 -34.19 -4.42
C THR E 196 -13.19 -34.34 -3.05
N GLU E 197 -12.60 -35.51 -2.79
CA GLU E 197 -12.03 -35.75 -1.47
C GLU E 197 -10.83 -34.85 -1.21
N ALA E 198 -9.99 -34.62 -2.21
CA ALA E 198 -8.78 -33.84 -2.05
C ALA E 198 -8.97 -32.35 -2.31
N TYR E 199 -10.18 -31.90 -2.62
CA TYR E 199 -10.43 -30.52 -3.03
C TYR E 199 -10.75 -29.66 -1.82
N THR E 200 -10.08 -28.51 -1.73
CA THR E 200 -10.41 -27.47 -0.77
C THR E 200 -10.87 -26.24 -1.53
N GLU E 201 -12.07 -25.76 -1.21
CA GLU E 201 -12.62 -24.62 -1.93
C GLU E 201 -11.85 -23.35 -1.58
N ASN E 202 -11.72 -22.47 -2.58
CA ASN E 202 -11.11 -21.17 -2.34
C ASN E 202 -11.92 -20.40 -1.32
N GLY E 203 -11.22 -19.57 -0.53
CA GLY E 203 -11.89 -18.86 0.54
C GLY E 203 -12.92 -17.85 0.08
N GLU E 204 -12.81 -17.37 -1.16
CA GLU E 204 -13.68 -16.34 -1.69
C GLU E 204 -14.46 -16.76 -2.92
N TRP E 205 -14.11 -17.88 -3.57
CA TRP E 205 -14.66 -18.24 -4.87
C TRP E 205 -15.13 -19.69 -4.84
N ALA E 206 -16.39 -19.90 -5.24
CA ALA E 206 -16.96 -21.22 -5.40
C ALA E 206 -17.11 -21.53 -6.89
N ILE E 207 -16.67 -22.72 -7.29
CA ILE E 207 -16.68 -23.13 -8.69
C ILE E 207 -18.05 -23.79 -8.94
N ASP E 208 -18.92 -23.07 -9.64
CA ASP E 208 -20.26 -23.59 -9.92
C ASP E 208 -20.27 -24.48 -11.15
N PHE E 209 -19.58 -24.09 -12.22
CA PHE E 209 -19.58 -24.88 -13.45
C PHE E 209 -18.21 -24.86 -14.11
N CYS E 210 -17.94 -25.86 -14.94
CA CYS E 210 -16.66 -25.94 -15.63
C CYS E 210 -16.74 -26.78 -16.91
N PRO E 211 -17.59 -26.42 -17.88
CA PRO E 211 -17.64 -27.18 -19.13
C PRO E 211 -16.39 -26.98 -19.97
N GLY E 212 -16.19 -27.91 -20.90
CA GLY E 212 -15.11 -27.84 -21.87
C GLY E 212 -15.64 -28.07 -23.28
N VAL E 213 -15.02 -27.40 -24.25
CA VAL E 213 -15.44 -27.46 -25.64
C VAL E 213 -14.21 -27.46 -26.53
N ILE E 214 -14.21 -28.34 -27.52
CA ILE E 214 -13.16 -28.37 -28.54
C ILE E 214 -13.65 -27.56 -29.74
N ARG E 215 -12.95 -26.46 -30.03
CA ARG E 215 -13.30 -25.58 -31.13
C ARG E 215 -12.35 -25.80 -32.29
N ARG E 216 -12.91 -25.73 -33.51
CA ARG E 216 -12.15 -25.82 -34.75
C ARG E 216 -12.57 -24.64 -35.63
N HIS E 217 -11.59 -23.98 -36.24
CA HIS E 217 -11.86 -22.77 -37.00
C HIS E 217 -10.73 -22.52 -37.98
N HIS E 218 -10.86 -21.45 -38.76
CA HIS E 218 -9.87 -21.02 -39.75
C HIS E 218 -9.58 -22.12 -40.77
N GLY E 219 -10.59 -22.94 -41.07
CA GLY E 219 -10.52 -23.92 -42.12
C GLY E 219 -10.94 -23.43 -43.49
N GLY E 220 -11.18 -22.13 -43.66
CA GLY E 220 -11.62 -21.61 -44.94
C GLY E 220 -10.53 -21.65 -45.98
N ALA E 221 -10.95 -21.49 -47.24
CA ALA E 221 -10.02 -21.54 -48.36
C ALA E 221 -8.97 -20.42 -48.25
N THR E 222 -9.41 -19.21 -47.94
CA THR E 222 -8.47 -18.11 -47.78
C THR E 222 -7.60 -18.31 -46.55
N ASP E 223 -8.19 -18.79 -45.46
CA ASP E 223 -7.46 -18.96 -44.21
C ASP E 223 -6.34 -19.99 -44.36
N GLY E 224 -6.63 -21.10 -45.03
CA GLY E 224 -5.65 -22.13 -45.26
C GLY E 224 -5.74 -23.25 -44.24
N PRO E 225 -4.65 -23.56 -43.52
CA PRO E 225 -4.71 -24.71 -42.60
C PRO E 225 -5.65 -24.45 -41.43
N GLY E 226 -6.36 -25.51 -41.03
CA GLY E 226 -7.28 -25.39 -39.92
C GLY E 226 -6.56 -25.28 -38.59
N GLU E 227 -7.24 -24.67 -37.63
CA GLU E 227 -6.73 -24.49 -36.27
C GLU E 227 -7.77 -25.02 -35.30
N THR E 228 -7.30 -25.47 -34.14
CA THR E 228 -8.18 -26.03 -33.12
C THR E 228 -7.63 -25.70 -31.74
N ASP E 229 -8.54 -25.66 -30.77
CA ASP E 229 -8.13 -25.50 -29.38
C ASP E 229 -9.22 -26.09 -28.48
N VAL E 230 -8.91 -26.13 -27.18
CA VAL E 230 -9.84 -26.62 -26.16
C VAL E 230 -10.02 -25.51 -25.15
N ILE E 231 -11.26 -25.05 -24.98
CA ILE E 231 -11.59 -23.99 -24.05
C ILE E 231 -12.42 -24.58 -22.91
N TYR E 232 -11.95 -24.37 -21.68
CA TYR E 232 -12.71 -24.68 -20.48
C TYR E 232 -13.22 -23.37 -19.89
N SER E 233 -14.46 -23.37 -19.41
CA SER E 233 -15.10 -22.16 -18.90
C SER E 233 -15.45 -22.35 -17.43
N LEU E 234 -14.57 -21.89 -16.53
CA LEU E 234 -14.86 -21.90 -15.11
C LEU E 234 -15.86 -20.78 -14.81
N ILE E 235 -17.09 -21.17 -14.47
CA ILE E 235 -18.10 -20.26 -13.95
C ILE E 235 -17.97 -20.32 -12.44
N ILE E 236 -17.47 -19.23 -11.86
CA ILE E 236 -17.13 -19.15 -10.45
C ILE E 236 -17.96 -18.04 -9.81
N ARG E 237 -18.38 -18.26 -8.58
CA ARG E 237 -19.24 -17.34 -7.84
C ARG E 237 -18.47 -16.83 -6.64
N ARG E 238 -18.49 -15.51 -6.41
CA ARG E 238 -17.87 -14.95 -5.23
C ARG E 238 -18.72 -15.24 -4.01
N LYS E 239 -18.06 -15.50 -2.88
CA LYS E 239 -18.74 -15.60 -1.59
C LYS E 239 -18.59 -14.24 -0.91
N PRO E 240 -19.64 -13.42 -0.82
CA PRO E 240 -19.43 -12.01 -0.49
C PRO E 240 -19.36 -11.68 0.99
N LEU E 241 -19.21 -12.67 1.86
CA LEU E 241 -19.35 -12.46 3.30
C LEU E 241 -18.42 -11.39 3.85
N PHE E 242 -17.16 -11.38 3.39
CA PHE E 242 -16.21 -10.39 3.88
C PHE E 242 -16.70 -8.97 3.62
N TYR E 243 -17.16 -8.71 2.40
CA TYR E 243 -17.63 -7.37 2.04
C TYR E 243 -18.91 -7.03 2.79
N VAL E 244 -19.78 -8.02 3.02
CA VAL E 244 -21.01 -7.76 3.76
C VAL E 244 -20.68 -7.37 5.20
N ILE E 245 -19.84 -8.16 5.87
CA ILE E 245 -19.55 -7.92 7.28
C ILE E 245 -18.73 -6.65 7.49
N ASN E 246 -17.73 -6.40 6.64
CA ASN E 246 -16.73 -5.39 6.93
C ASN E 246 -16.97 -4.04 6.27
N ILE E 247 -17.67 -4.00 5.13
CA ILE E 247 -17.84 -2.78 4.35
C ILE E 247 -19.31 -2.41 4.20
N ILE E 248 -20.12 -3.31 3.67
CA ILE E 248 -21.49 -2.95 3.27
C ILE E 248 -22.36 -2.66 4.49
N VAL E 249 -22.32 -3.51 5.50
CA VAL E 249 -23.20 -3.32 6.66
C VAL E 249 -22.82 -2.05 7.44
N PRO E 250 -21.55 -1.83 7.81
CA PRO E 250 -21.22 -0.55 8.46
C PRO E 250 -21.53 0.66 7.60
N CYS E 251 -21.27 0.59 6.30
CA CYS E 251 -21.59 1.72 5.43
C CYS E 251 -23.08 1.98 5.38
N VAL E 252 -23.89 0.93 5.32
CA VAL E 252 -25.34 1.08 5.31
C VAL E 252 -25.82 1.73 6.60
N LEU E 253 -25.32 1.27 7.75
CA LEU E 253 -25.76 1.85 9.01
C LEU E 253 -25.34 3.31 9.14
N ILE E 254 -24.08 3.60 8.81
CA ILE E 254 -23.58 4.96 8.95
C ILE E 254 -24.30 5.89 7.98
N SER E 255 -24.65 5.39 6.79
CA SER E 255 -25.41 6.20 5.84
C SER E 255 -26.86 6.34 6.26
N GLY E 256 -27.38 5.37 7.02
CA GLY E 256 -28.71 5.53 7.57
C GLY E 256 -28.77 6.54 8.69
N LEU E 257 -27.63 6.81 9.33
CA LEU E 257 -27.61 7.77 10.43
C LEU E 257 -28.03 9.19 10.03
N VAL E 258 -27.87 9.59 8.76
CA VAL E 258 -28.22 10.97 8.40
C VAL E 258 -29.71 11.21 8.55
N LEU E 259 -30.54 10.17 8.45
CA LEU E 259 -31.97 10.35 8.64
C LEU E 259 -32.30 10.81 10.06
N LEU E 260 -31.43 10.50 11.03
CA LEU E 260 -31.64 10.94 12.40
C LEU E 260 -31.56 12.46 12.55
N ALA E 261 -30.90 13.15 11.62
CA ALA E 261 -30.75 14.59 11.75
C ALA E 261 -32.10 15.31 11.68
N TYR E 262 -33.08 14.70 11.02
CA TYR E 262 -34.42 15.28 10.96
C TYR E 262 -35.13 15.29 12.32
N PHE E 263 -34.62 14.56 13.31
CA PHE E 263 -35.22 14.48 14.64
C PHE E 263 -34.49 15.30 15.69
N LEU E 264 -33.33 15.87 15.37
CA LEU E 264 -32.62 16.72 16.30
C LEU E 264 -33.21 18.14 16.26
N PRO E 265 -33.12 18.90 17.34
CA PRO E 265 -33.72 20.24 17.36
C PRO E 265 -32.98 21.20 16.44
N ALA E 266 -33.72 22.16 15.91
CA ALA E 266 -33.17 23.18 15.00
C ALA E 266 -32.75 24.43 15.77
N GLN E 267 -31.91 24.24 16.78
CA GLN E 267 -31.41 25.30 17.64
C GLN E 267 -29.88 25.33 17.57
N ALA E 268 -29.28 26.16 18.42
CA ALA E 268 -27.82 26.30 18.41
C ALA E 268 -27.13 25.04 18.89
N GLY E 269 -27.73 24.31 19.83
CA GLY E 269 -27.14 23.12 20.40
C GLY E 269 -27.65 21.80 19.85
N GLY E 270 -28.37 21.80 18.73
CA GLY E 270 -28.94 20.57 18.22
C GLY E 270 -27.93 19.68 17.52
N GLN E 271 -26.91 20.27 16.91
CA GLN E 271 -25.84 19.51 16.24
C GLN E 271 -26.39 18.70 15.06
N LYS E 272 -27.38 19.26 14.38
CA LYS E 272 -27.99 18.65 13.17
C LYS E 272 -26.88 18.52 12.12
N CYS E 273 -26.15 19.59 11.85
CA CYS E 273 -25.07 19.62 10.83
C CYS E 273 -23.90 18.76 11.30
N THR E 274 -23.67 18.65 12.60
CA THR E 274 -22.63 17.76 13.13
C THR E 274 -22.95 16.37 12.58
N VAL E 275 -24.14 15.86 12.83
CA VAL E 275 -24.50 14.48 12.40
C VAL E 275 -24.35 14.33 10.89
N SER E 276 -24.81 15.27 10.07
CA SER E 276 -24.88 15.05 8.62
C SER E 276 -23.49 15.09 7.97
N ILE E 277 -22.74 16.17 8.23
CA ILE E 277 -21.46 16.34 7.56
C ILE E 277 -20.45 15.29 8.05
N ASN E 278 -20.54 14.87 9.31
CA ASN E 278 -19.60 13.85 9.77
C ASN E 278 -19.95 12.48 9.18
N VAL E 279 -21.23 12.22 8.88
CA VAL E 279 -21.55 11.02 8.12
C VAL E 279 -20.91 11.09 6.74
N LEU E 280 -20.92 12.28 6.13
CA LEU E 280 -20.23 12.41 4.84
C LEU E 280 -18.73 12.15 4.98
N LEU E 281 -18.11 12.64 6.06
CA LEU E 281 -16.69 12.37 6.30
C LEU E 281 -16.42 10.88 6.45
N ALA E 282 -17.27 10.18 7.20
CA ALA E 282 -17.12 8.73 7.35
C ALA E 282 -17.27 8.02 6.02
N GLN E 283 -18.20 8.47 5.19
CA GLN E 283 -18.34 7.90 3.85
C GLN E 283 -17.10 8.16 3.01
N THR E 284 -16.43 9.29 3.20
CA THR E 284 -15.16 9.53 2.50
C THR E 284 -14.11 8.52 2.94
N VAL E 285 -14.06 8.23 4.25
CA VAL E 285 -13.15 7.18 4.73
C VAL E 285 -13.47 5.85 4.06
N PHE E 286 -14.76 5.53 3.94
CA PHE E 286 -15.15 4.29 3.27
C PHE E 286 -14.78 4.32 1.79
N LEU E 287 -14.80 5.50 1.17
CA LEU E 287 -14.35 5.60 -0.22
C LEU E 287 -12.88 5.25 -0.33
N PHE E 288 -12.06 5.75 0.60
CA PHE E 288 -10.66 5.38 0.64
C PHE E 288 -10.49 3.87 0.84
N LEU E 289 -11.31 3.28 1.71
CA LEU E 289 -11.23 1.84 1.93
C LEU E 289 -11.61 1.06 0.68
N ILE E 290 -12.68 1.46 0.01
CA ILE E 290 -13.21 0.69 -1.12
C ILE E 290 -12.29 0.83 -2.32
N ALA E 291 -11.61 1.97 -2.47
CA ALA E 291 -10.69 2.14 -3.58
C ALA E 291 -9.56 1.12 -3.56
N GLN E 292 -9.23 0.58 -2.39
CA GLN E 292 -8.19 -0.44 -2.27
C GLN E 292 -8.65 -1.81 -2.77
N LYS E 293 -9.94 -2.01 -2.97
CA LYS E 293 -10.50 -3.32 -3.27
C LYS E 293 -11.14 -3.45 -4.65
N ILE E 294 -11.74 -2.39 -5.17
CA ILE E 294 -12.57 -2.50 -6.38
C ILE E 294 -11.70 -2.74 -7.61
N PRO E 295 -12.23 -3.38 -8.66
CA PRO E 295 -11.48 -3.42 -9.92
C PRO E 295 -11.40 -2.03 -10.53
N GLU E 296 -10.38 -1.83 -11.37
CA GLU E 296 -10.02 -0.51 -11.88
C GLU E 296 -10.29 -0.37 -13.38
N THR E 297 -11.33 -1.04 -13.88
CA THR E 297 -11.77 -0.90 -15.26
C THR E 297 -12.94 0.09 -15.32
N SER E 298 -13.31 0.45 -16.57
CA SER E 298 -14.32 1.49 -16.80
C SER E 298 -15.41 1.02 -17.77
N LEU E 299 -15.58 -0.28 -17.97
CA LEU E 299 -16.67 -0.75 -18.82
C LEU E 299 -18.01 -0.55 -18.13
N SER E 300 -18.04 -0.66 -16.80
CA SER E 300 -19.24 -0.39 -16.02
C SER E 300 -18.81 0.05 -14.63
N VAL E 301 -19.79 0.40 -13.80
CA VAL E 301 -19.55 0.87 -12.44
C VAL E 301 -19.91 -0.26 -11.48
N PRO E 302 -19.06 -0.66 -10.53
CA PRO E 302 -19.45 -1.73 -9.61
C PRO E 302 -20.54 -1.32 -8.64
N LEU E 303 -21.28 -2.33 -8.18
CA LEU E 303 -22.40 -2.11 -7.26
C LEU E 303 -21.95 -1.40 -5.99
N LEU E 304 -20.78 -1.77 -5.48
CA LEU E 304 -20.27 -1.16 -4.26
C LEU E 304 -20.05 0.34 -4.46
N GLY E 305 -19.36 0.70 -5.55
CA GLY E 305 -19.16 2.10 -5.85
C GLY E 305 -20.45 2.86 -6.12
N ARG E 306 -21.38 2.21 -6.84
CA ARG E 306 -22.67 2.85 -7.09
C ARG E 306 -23.41 3.15 -5.80
N PHE E 307 -23.42 2.18 -4.88
CA PHE E 307 -24.08 2.40 -3.60
C PHE E 307 -23.41 3.50 -2.80
N LEU E 308 -22.07 3.53 -2.80
CA LEU E 308 -21.38 4.55 -2.01
C LEU E 308 -21.66 5.94 -2.58
N ILE E 309 -21.62 6.10 -3.91
CA ILE E 309 -21.90 7.40 -4.50
C ILE E 309 -23.35 7.78 -4.26
N PHE E 310 -24.27 6.82 -4.30
CA PHE E 310 -25.67 7.11 -4.03
C PHE E 310 -25.87 7.63 -2.61
N VAL E 311 -25.29 6.96 -1.63
CA VAL E 311 -25.47 7.42 -0.26
C VAL E 311 -24.75 8.74 -0.02
N MET E 312 -23.64 8.98 -0.72
CA MET E 312 -22.99 10.29 -0.61
C MET E 312 -23.88 11.40 -1.16
N VAL E 313 -24.55 11.15 -2.29
CA VAL E 313 -25.47 12.14 -2.84
C VAL E 313 -26.64 12.37 -1.88
N VAL E 314 -27.17 11.29 -1.30
CA VAL E 314 -28.28 11.43 -0.36
C VAL E 314 -27.85 12.23 0.87
N ALA E 315 -26.64 11.96 1.38
CA ALA E 315 -26.14 12.70 2.53
C ALA E 315 -25.93 14.18 2.19
N THR E 316 -25.46 14.46 0.98
CA THR E 316 -25.31 15.85 0.55
C THR E 316 -26.66 16.56 0.48
N LEU E 317 -27.67 15.88 -0.06
CA LEU E 317 -29.00 16.48 -0.11
C LEU E 317 -29.54 16.70 1.30
N ILE E 318 -29.29 15.77 2.22
CA ILE E 318 -29.77 15.92 3.59
C ILE E 318 -29.03 17.05 4.29
N VAL E 319 -27.74 17.24 3.99
CA VAL E 319 -27.01 18.38 4.54
C VAL E 319 -27.63 19.69 4.05
N MET E 320 -27.93 19.77 2.76
CA MET E 320 -28.59 20.96 2.22
C MET E 320 -29.93 21.18 2.88
N ASN E 321 -30.68 20.10 3.10
CA ASN E 321 -31.97 20.21 3.76
C ASN E 321 -31.83 20.69 5.20
N CYS E 322 -30.83 20.18 5.93
CA CYS E 322 -30.63 20.62 7.30
C CYS E 322 -30.25 22.09 7.35
N VAL E 323 -29.42 22.54 6.41
CA VAL E 323 -29.09 23.96 6.34
C VAL E 323 -30.35 24.79 6.10
N ILE E 324 -31.21 24.34 5.19
CA ILE E 324 -32.45 25.07 4.91
C ILE E 324 -33.34 25.11 6.14
N VAL E 325 -33.50 23.98 6.83
CA VAL E 325 -34.37 23.92 8.01
C VAL E 325 -33.83 24.81 9.11
N LEU E 326 -32.51 24.81 9.31
CA LEU E 326 -31.91 25.72 10.28
C LEU E 326 -32.14 27.18 9.89
N ASN E 327 -31.99 27.50 8.61
CA ASN E 327 -32.21 28.87 8.16
C ASN E 327 -33.64 29.32 8.43
N VAL E 328 -34.62 28.46 8.17
CA VAL E 328 -36.01 28.81 8.41
C VAL E 328 -36.30 28.92 9.90
N SER E 329 -35.72 28.02 10.71
CA SER E 329 -36.07 27.95 12.12
C SER E 329 -35.54 29.15 12.89
N GLN E 330 -34.38 29.68 12.50
CA GLN E 330 -33.69 30.70 13.27
C GLN E 330 -34.00 32.12 12.80
N ARG E 331 -34.95 32.30 11.89
CA ARG E 331 -35.33 33.64 11.47
C ARG E 331 -35.95 34.40 12.62
N THR E 332 -35.51 35.65 12.80
CA THR E 332 -35.97 36.54 13.84
C THR E 332 -36.62 37.77 13.21
N PRO E 333 -37.65 38.36 13.85
CA PRO E 333 -38.32 39.51 13.20
C PRO E 333 -37.41 40.73 13.01
N THR E 334 -36.29 40.81 13.73
CA THR E 334 -35.35 41.90 13.57
C THR E 334 -34.47 41.76 12.32
N THR E 335 -34.55 40.62 11.64
CA THR E 335 -33.83 40.42 10.38
C THR E 335 -34.80 40.13 9.25
N HIS E 336 -35.77 39.25 9.50
CA HIS E 336 -36.70 38.79 8.47
C HIS E 336 -38.12 39.23 8.77
N ALA E 337 -38.90 39.37 7.69
CA ALA E 337 -40.32 39.70 7.75
C ALA E 337 -41.13 38.43 7.62
N MET E 338 -42.25 38.37 8.33
CA MET E 338 -43.05 37.15 8.38
C MET E 338 -43.76 36.90 7.05
N SER E 339 -43.18 36.02 6.23
CA SER E 339 -43.77 35.61 4.97
C SER E 339 -45.10 34.88 5.22
N PRO E 340 -46.25 35.47 4.91
CA PRO E 340 -47.53 34.80 5.21
C PRO E 340 -47.88 33.63 4.30
N ARG E 341 -47.41 33.64 3.04
CA ARG E 341 -47.77 32.56 2.13
C ARG E 341 -47.17 31.24 2.58
N LEU E 342 -45.87 31.22 2.86
CA LEU E 342 -45.22 29.99 3.30
C LEU E 342 -45.79 29.53 4.64
N ARG E 343 -46.12 30.49 5.51
CA ARG E 343 -46.75 30.14 6.78
C ARG E 343 -48.09 29.46 6.55
N HIS E 344 -48.90 29.98 5.62
CA HIS E 344 -50.17 29.33 5.32
C HIS E 344 -49.95 27.93 4.78
N VAL E 345 -48.94 27.76 3.92
CA VAL E 345 -48.66 26.47 3.31
C VAL E 345 -48.27 25.46 4.39
N LEU E 346 -47.42 25.88 5.33
CA LEU E 346 -46.79 24.92 6.23
C LEU E 346 -47.60 24.69 7.51
N LEU E 347 -48.21 25.75 8.05
CA LEU E 347 -48.92 25.63 9.32
C LEU E 347 -50.40 25.29 9.14
N GLU E 348 -51.04 25.79 8.08
CA GLU E 348 -52.47 25.61 7.88
C GLU E 348 -52.81 24.52 6.89
N LEU E 349 -52.19 24.53 5.71
CA LEU E 349 -52.60 23.63 4.63
C LEU E 349 -52.00 22.23 4.80
N LEU E 350 -50.70 22.14 5.06
CA LEU E 350 -50.01 20.86 5.10
C LEU E 350 -50.54 19.92 6.18
N PRO E 351 -50.79 20.37 7.41
CA PRO E 351 -51.38 19.44 8.40
C PRO E 351 -52.73 18.90 7.98
N ARG E 352 -53.56 19.72 7.33
CA ARG E 352 -54.85 19.25 6.85
C ARG E 352 -54.69 18.25 5.71
N LEU E 353 -53.81 18.56 4.77
CA LEU E 353 -53.57 17.66 3.65
C LEU E 353 -52.96 16.35 4.13
N LEU E 354 -52.09 16.42 5.12
CA LEU E 354 -51.46 15.24 5.69
C LEU E 354 -52.51 14.31 6.28
N ALA E 417 -43.60 66.99 42.27
CA ALA E 417 -44.14 65.63 42.25
C ALA E 417 -43.65 64.86 41.02
N PRO E 418 -42.34 64.62 40.94
CA PRO E 418 -41.83 63.81 39.81
C PRO E 418 -42.39 62.40 39.81
N GLU E 419 -42.75 61.90 41.00
CA GLU E 419 -43.23 60.53 41.17
C GLU E 419 -44.35 60.19 40.20
N VAL E 420 -45.46 60.94 40.24
CA VAL E 420 -46.69 60.56 39.55
C VAL E 420 -46.40 60.34 38.07
N ARG E 421 -46.04 61.42 37.37
CA ARG E 421 -45.85 61.33 35.93
C ARG E 421 -44.67 60.43 35.58
N CYS E 422 -43.51 60.66 36.20
CA CYS E 422 -42.31 60.01 35.69
C CYS E 422 -42.26 58.53 36.06
N CYS E 423 -42.64 58.14 37.27
CA CYS E 423 -42.69 56.73 37.60
C CYS E 423 -43.85 56.00 36.94
N VAL E 424 -44.95 56.69 36.59
CA VAL E 424 -45.95 56.02 35.77
C VAL E 424 -45.40 55.78 34.38
N ASP E 425 -44.65 56.75 33.84
CA ASP E 425 -44.02 56.58 32.53
C ASP E 425 -43.02 55.44 32.55
N ALA E 426 -42.24 55.32 33.62
CA ALA E 426 -41.27 54.23 33.72
C ALA E 426 -41.96 52.87 33.74
N VAL E 427 -43.02 52.73 34.55
CA VAL E 427 -43.73 51.46 34.64
C VAL E 427 -44.38 51.12 33.31
N ASN E 428 -44.94 52.12 32.64
CA ASN E 428 -45.53 51.89 31.33
C ASN E 428 -44.46 51.45 30.33
N PHE E 429 -43.26 52.04 30.41
CA PHE E 429 -42.19 51.64 29.51
C PHE E 429 -41.81 50.18 29.73
N VAL E 430 -41.73 49.76 31.00
CA VAL E 430 -41.48 48.34 31.28
C VAL E 430 -42.57 47.46 30.69
N ALA E 431 -43.83 47.87 30.85
CA ALA E 431 -44.94 47.05 30.35
C ALA E 431 -44.90 46.91 28.83
N GLU E 432 -44.69 48.02 28.11
CA GLU E 432 -44.65 47.93 26.66
C GLU E 432 -43.41 47.18 26.18
N SER E 433 -42.29 47.31 26.88
CA SER E 433 -41.12 46.52 26.53
C SER E 433 -41.42 45.03 26.67
N THR E 434 -42.09 44.64 27.76
CA THR E 434 -42.44 43.24 27.96
C THR E 434 -43.39 42.76 26.86
N ARG E 435 -44.35 43.60 26.48
CA ARG E 435 -45.27 43.25 25.40
C ARG E 435 -44.52 43.03 24.09
N ASP E 436 -43.55 43.90 23.80
CA ASP E 436 -42.76 43.75 22.59
C ASP E 436 -41.98 42.44 22.59
N GLN E 437 -41.38 42.10 23.74
CA GLN E 437 -40.68 40.82 23.86
C GLN E 437 -41.62 39.65 23.61
N GLU E 438 -42.85 39.72 24.15
CA GLU E 438 -43.83 38.62 24.02
C GLU E 438 -44.25 38.51 22.55
N ALA E 439 -44.57 39.61 21.90
CA ALA E 439 -44.97 39.66 20.48
C ALA E 439 -43.85 39.09 19.62
N THR E 440 -42.61 39.51 19.85
CA THR E 440 -41.44 39.06 19.07
C THR E 440 -41.22 37.56 19.31
N GLY E 441 -41.45 37.09 20.53
CA GLY E 441 -41.29 35.67 20.89
C GLY E 441 -42.37 34.82 20.25
N GLU E 442 -43.55 35.40 19.98
CA GLU E 442 -44.66 34.68 19.31
C GLU E 442 -44.32 34.50 17.83
N GLU E 443 -43.60 35.44 17.25
CA GLU E 443 -43.12 35.31 15.86
C GLU E 443 -41.99 34.29 15.75
N VAL E 444 -41.05 34.28 16.70
CA VAL E 444 -39.99 33.27 16.68
C VAL E 444 -40.57 31.86 16.81
N SER E 445 -41.58 31.70 17.66
CA SER E 445 -42.22 30.40 17.81
C SER E 445 -42.89 29.95 16.52
N ASP E 446 -43.53 30.88 15.81
CA ASP E 446 -44.09 30.54 14.50
C ASP E 446 -43.02 30.01 13.57
N TRP E 447 -41.88 30.72 13.48
CA TRP E 447 -40.79 30.26 12.61
C TRP E 447 -40.30 28.88 13.02
N VAL E 448 -40.22 28.62 14.32
CA VAL E 448 -39.78 27.30 14.79
C VAL E 448 -40.77 26.23 14.37
N ARG E 449 -42.07 26.49 14.48
CA ARG E 449 -43.05 25.50 14.05
C ARG E 449 -42.95 25.23 12.55
N MET E 450 -42.72 26.27 11.75
CA MET E 450 -42.54 26.06 10.31
C MET E 450 -41.34 25.15 10.04
N GLY E 451 -40.23 25.41 10.73
CA GLY E 451 -39.07 24.54 10.60
C GLY E 451 -39.37 23.11 10.99
N ASN E 452 -40.15 22.92 12.06
CA ASN E 452 -40.51 21.57 12.49
C ASN E 452 -41.35 20.86 11.43
N ALA E 453 -42.30 21.56 10.83
CA ALA E 453 -43.15 20.94 9.81
C ALA E 453 -42.34 20.54 8.59
N LEU E 454 -41.44 21.42 8.16
CA LEU E 454 -40.55 21.08 7.05
C LEU E 454 -39.69 19.87 7.39
N ASP E 455 -39.22 19.82 8.64
CA ASP E 455 -38.38 18.69 9.12
C ASP E 455 -39.19 17.40 9.07
N ASN E 456 -40.47 17.46 9.41
CA ASN E 456 -41.32 16.27 9.44
C ASN E 456 -41.57 15.72 8.05
N ILE E 457 -41.96 16.59 7.10
CA ILE E 457 -42.24 16.09 5.76
C ILE E 457 -40.97 15.63 5.06
N CYS E 458 -39.86 16.35 5.26
CA CYS E 458 -38.64 15.99 4.57
C CYS E 458 -38.03 14.71 5.14
N PHE E 459 -38.33 14.37 6.39
CA PHE E 459 -37.88 13.07 6.91
C PHE E 459 -38.48 11.94 6.09
N TRP E 460 -39.79 11.99 5.83
CA TRP E 460 -40.42 10.92 5.06
C TRP E 460 -39.91 10.91 3.62
N ALA E 461 -39.73 12.10 3.03
CA ALA E 461 -39.15 12.15 1.69
C ALA E 461 -37.77 11.48 1.64
N ALA E 462 -36.90 11.83 2.59
CA ALA E 462 -35.55 11.28 2.63
C ALA E 462 -35.55 9.79 2.92
N LEU E 463 -36.43 9.33 3.82
CA LEU E 463 -36.50 7.91 4.12
C LEU E 463 -36.92 7.12 2.90
N VAL E 464 -37.93 7.60 2.17
CA VAL E 464 -38.37 6.91 0.96
C VAL E 464 -37.24 6.86 -0.05
N LEU E 465 -36.55 7.98 -0.25
CA LEU E 465 -35.45 8.02 -1.21
C LEU E 465 -34.36 7.02 -0.84
N PHE E 466 -33.92 7.06 0.41
CA PHE E 466 -32.84 6.16 0.87
C PHE E 466 -33.24 4.71 0.72
N SER E 467 -34.41 4.33 1.23
CA SER E 467 -34.82 2.94 1.21
C SER E 467 -35.02 2.45 -0.22
N VAL E 468 -35.70 3.23 -1.06
CA VAL E 468 -35.99 2.78 -2.42
C VAL E 468 -34.70 2.64 -3.22
N GLY E 469 -33.80 3.62 -3.12
CA GLY E 469 -32.57 3.53 -3.88
C GLY E 469 -31.69 2.39 -3.44
N SER E 470 -31.53 2.21 -2.12
CA SER E 470 -30.73 1.09 -1.63
C SER E 470 -31.34 -0.25 -2.04
N SER E 471 -32.67 -0.36 -1.94
CA SER E 471 -33.34 -1.60 -2.30
C SER E 471 -33.17 -1.91 -3.78
N LEU E 472 -33.29 -0.90 -4.65
CA LEU E 472 -33.09 -1.14 -6.07
C LEU E 472 -31.67 -1.58 -6.35
N ILE E 473 -30.68 -0.89 -5.75
CA ILE E 473 -29.28 -1.20 -6.02
C ILE E 473 -28.96 -2.63 -5.60
N PHE E 474 -29.48 -3.06 -4.45
CA PHE E 474 -29.15 -4.40 -3.95
C PHE E 474 -30.02 -5.49 -4.57
N LEU E 475 -31.25 -5.17 -4.96
CA LEU E 475 -32.06 -6.12 -5.70
C LEU E 475 -31.47 -6.38 -7.08
N GLY E 476 -30.74 -5.41 -7.63
CA GLY E 476 -29.93 -5.70 -8.81
C GLY E 476 -28.97 -6.85 -8.59
N ALA E 477 -28.38 -6.95 -7.40
CA ALA E 477 -27.52 -8.07 -7.07
C ALA E 477 -28.28 -9.34 -6.77
N TYR E 478 -29.46 -9.24 -6.14
CA TYR E 478 -30.23 -10.43 -5.81
C TYR E 478 -30.68 -11.21 -7.04
N PHE E 479 -30.82 -10.56 -8.19
CA PHE E 479 -31.19 -11.21 -9.43
C PHE E 479 -30.01 -11.51 -10.35
N ASN E 480 -28.77 -11.36 -9.88
CA ASN E 480 -27.57 -11.67 -10.65
C ASN E 480 -27.01 -13.04 -10.31
N ARG E 481 -27.86 -14.02 -10.03
CA ARG E 481 -27.37 -15.35 -9.74
C ARG E 481 -26.72 -15.96 -10.99
N VAL E 482 -25.93 -17.00 -10.76
CA VAL E 482 -25.31 -17.72 -11.87
C VAL E 482 -26.42 -18.31 -12.74
N PRO E 483 -26.38 -18.18 -14.07
CA PRO E 483 -27.47 -18.73 -14.88
C PRO E 483 -27.56 -20.25 -14.75
N ASP E 484 -28.79 -20.75 -14.79
CA ASP E 484 -29.03 -22.19 -14.75
C ASP E 484 -28.62 -22.74 -16.11
N LEU E 485 -27.38 -23.17 -16.21
CA LEU E 485 -26.83 -23.61 -17.47
C LEU E 485 -27.18 -25.08 -17.71
N PRO E 486 -27.16 -25.55 -18.97
CA PRO E 486 -27.45 -26.98 -19.21
C PRO E 486 -26.23 -27.86 -18.99
N TYR E 487 -25.66 -27.81 -17.78
CA TYR E 487 -24.47 -28.56 -17.43
C TYR E 487 -24.62 -29.11 -16.03
N ALA E 488 -23.91 -30.20 -15.76
CA ALA E 488 -23.83 -30.73 -14.42
C ALA E 488 -22.92 -29.83 -13.57
N PRO E 489 -23.06 -29.85 -12.24
CA PRO E 489 -22.14 -29.07 -11.40
C PRO E 489 -20.71 -29.55 -11.57
N CYS E 490 -19.77 -28.60 -11.44
CA CYS E 490 -18.36 -28.94 -11.58
C CYS E 490 -17.93 -29.95 -10.53
N ILE E 491 -18.37 -29.76 -9.29
CA ILE E 491 -18.06 -30.63 -8.17
C ILE E 491 -19.34 -31.38 -7.81
N GLN E 492 -19.29 -32.70 -7.88
CA GLN E 492 -20.48 -33.49 -7.57
C GLN E 492 -20.85 -33.32 -6.09
N PRO E 493 -22.10 -32.96 -5.76
CA PRO E 493 -22.39 -32.74 -4.34
C PRO E 493 -22.76 -34.02 -3.60
#